data_5V7C
# 
_entry.id   5V7C 
# 
_audit_conform.dict_name       mmcif_pdbx.dic 
_audit_conform.dict_version    5.379 
_audit_conform.dict_location   http://mmcif.pdb.org/dictionaries/ascii/mmcif_pdbx.dic 
# 
loop_
_database_2.database_id 
_database_2.database_code 
_database_2.pdbx_database_accession 
_database_2.pdbx_DOI 
PDB   5V7C         pdb_00005v7c 10.2210/pdb5v7c/pdb 
WWPDB D_1000226933 ?            ?                   
# 
loop_
_pdbx_database_related.db_name 
_pdbx_database_related.details 
_pdbx_database_related.db_id 
_pdbx_database_related.content_type 
PDB '5V4R contains same protein complexed with cap analog' 5V4R unspecified 
PDB '4ZC4 contains apo structure of same protein'          4ZC4 unspecified 
PDB .                                                      5v87 unspecified 
# 
_pdbx_database_status.status_code                     REL 
_pdbx_database_status.status_code_sf                  REL 
_pdbx_database_status.status_code_mr                  ? 
_pdbx_database_status.entry_id                        5V7C 
_pdbx_database_status.recvd_initial_deposition_date   2017-03-20 
_pdbx_database_status.SG_entry                        N 
_pdbx_database_status.deposit_site                    RCSB 
_pdbx_database_status.process_site                    RCSB 
_pdbx_database_status.status_code_cs                  ? 
_pdbx_database_status.methods_development_category    ? 
_pdbx_database_status.pdb_format_compatible           Y 
_pdbx_database_status.status_code_nmr_data            ? 
# 
loop_
_audit_author.name 
_audit_author.pdbx_ordinal 
_audit_author.identifier_ORCID 
'Berman, A.J.'    1 ? 
'Lahr, R.M.'      2 ? 
'Al-Ashtal, H.A.' 3 ? 
# 
_citation.abstract                  ? 
_citation.abstract_id_CAS           ? 
_citation.book_id_ISBN              ? 
_citation.book_publisher            ? 
_citation.book_publisher_city       ? 
_citation.book_title                ? 
_citation.coordinate_linkage        ? 
_citation.country                   US 
_citation.database_id_Medline       ? 
_citation.details                   ? 
_citation.id                        primary 
_citation.journal_abbrev            Elife 
_citation.journal_id_ASTM           ? 
_citation.journal_id_CSD            ? 
_citation.journal_id_ISSN           2050-084X 
_citation.journal_full              ? 
_citation.journal_issue             ? 
_citation.journal_volume            6 
_citation.language                  ? 
_citation.page_first                ? 
_citation.page_last                 ? 
_citation.title                     'La-related protein 1 (LARP1) binds the mRNA cap, blocking eIF4F assembly on TOP mRNAs.' 
_citation.year                      2017 
_citation.database_id_CSD           ? 
_citation.pdbx_database_id_DOI      10.7554/eLife.24146 
_citation.pdbx_database_id_PubMed   28379136 
_citation.unpublished_flag          ? 
# 
loop_
_citation_author.citation_id 
_citation_author.name 
_citation_author.ordinal 
_citation_author.identifier_ORCID 
primary 'Lahr, R.M.'      1 ? 
primary 'Fonseca, B.D.'   2 ? 
primary 'Ciotti, G.E.'    3 ? 
primary 'Al-Ashtal, H.A.' 4 ? 
primary 'Jia, J.J.'       5 ? 
primary 'Niklaus, M.R.'   6 ? 
primary 'Blagden, S.P.'   7 ? 
primary 'Alain, T.'       8 ? 
primary 'Berman, A.J.'    9 ? 
# 
_cell.angle_alpha                  90.00 
_cell.angle_alpha_esd              ? 
_cell.angle_beta                   90.00 
_cell.angle_beta_esd               ? 
_cell.angle_gamma                  90.00 
_cell.angle_gamma_esd              ? 
_cell.entry_id                     5V7C 
_cell.details                      ? 
_cell.formula_units_Z              ? 
_cell.length_a                     107.095 
_cell.length_a_esd                 ? 
_cell.length_b                     107.095 
_cell.length_b_esd                 ? 
_cell.length_c                     29.113 
_cell.length_c_esd                 ? 
_cell.volume                       ? 
_cell.volume_esd                   ? 
_cell.Z_PDB                        8 
_cell.reciprocal_angle_alpha       ? 
_cell.reciprocal_angle_beta        ? 
_cell.reciprocal_angle_gamma       ? 
_cell.reciprocal_angle_alpha_esd   ? 
_cell.reciprocal_angle_beta_esd    ? 
_cell.reciprocal_angle_gamma_esd   ? 
_cell.reciprocal_length_a          ? 
_cell.reciprocal_length_b          ? 
_cell.reciprocal_length_c          ? 
_cell.reciprocal_length_a_esd      ? 
_cell.reciprocal_length_b_esd      ? 
_cell.reciprocal_length_c_esd      ? 
_cell.pdbx_unique_axis             ? 
# 
_symmetry.entry_id                         5V7C 
_symmetry.cell_setting                     ? 
_symmetry.Int_Tables_number                79 
_symmetry.space_group_name_Hall            ? 
_symmetry.space_group_name_H-M             'I 4' 
_symmetry.pdbx_full_space_group_name_H-M   ? 
# 
loop_
_entity.id 
_entity.type 
_entity.src_method 
_entity.pdbx_description 
_entity.formula_weight 
_entity.pdbx_number_of_molecules 
_entity.pdbx_ec 
_entity.pdbx_mutation 
_entity.pdbx_fragment 
_entity.details 
1 polymer man 'La-related protein 1'                   19616.281 1 ? ? ? DM15 
2 polymer syn 
;RNA (5'-R(*CP*UP*UP*UP*UP*CP*CP*G)-3')
;
2440.457  1 ? ? ? ?    
3 water   nat water                                    18.015    7 ? ? ? ?    
# 
_entity_name_com.entity_id   1 
_entity_name_com.name        'La ribonucleoprotein domain family member 1' 
# 
loop_
_entity_poly.entity_id 
_entity_poly.type 
_entity_poly.nstd_linkage 
_entity_poly.nstd_monomer 
_entity_poly.pdbx_seq_one_letter_code 
_entity_poly.pdbx_seq_one_letter_code_can 
_entity_poly.pdbx_strand_id 
_entity_poly.pdbx_target_identifier 
1 'polypeptide(L)'   no no 
;GHSGGGGGGHMQHPSHELLKENGFTQHVYHKYRRRCLNERKRLGIGQSQEMNTLFRFWSFFLRDHFNKKMYEEFKQLALE
DAKEGYRYGLECLFRYYSYGLEKKFRLDIFKDFQEETVKDYEAGQLYGLEKFWAFLKYSKAKNLDIDPKLQEYLGKFRRL
ED
;
;GHSGGGGGGHMQHPSHELLKENGFTQHVYHKYRRRCLNERKRLGIGQSQEMNTLFRFWSFFLRDHFNKKMYEEFKQLALE
DAKEGYRYGLECLFRYYSYGLEKKFRLDIFKDFQEETVKDYEAGQLYGLEKFWAFLKYSKAKNLDIDPKLQEYLGKFRRL
ED
;
B ? 
2 polyribonucleotide no no CUUUUCCG CUUUUCCG C ? 
# 
loop_
_entity_poly_seq.entity_id 
_entity_poly_seq.num 
_entity_poly_seq.mon_id 
_entity_poly_seq.hetero 
1 1   GLY n 
1 2   HIS n 
1 3   SER n 
1 4   GLY n 
1 5   GLY n 
1 6   GLY n 
1 7   GLY n 
1 8   GLY n 
1 9   GLY n 
1 10  HIS n 
1 11  MET n 
1 12  GLN n 
1 13  HIS n 
1 14  PRO n 
1 15  SER n 
1 16  HIS n 
1 17  GLU n 
1 18  LEU n 
1 19  LEU n 
1 20  LYS n 
1 21  GLU n 
1 22  ASN n 
1 23  GLY n 
1 24  PHE n 
1 25  THR n 
1 26  GLN n 
1 27  HIS n 
1 28  VAL n 
1 29  TYR n 
1 30  HIS n 
1 31  LYS n 
1 32  TYR n 
1 33  ARG n 
1 34  ARG n 
1 35  ARG n 
1 36  CYS n 
1 37  LEU n 
1 38  ASN n 
1 39  GLU n 
1 40  ARG n 
1 41  LYS n 
1 42  ARG n 
1 43  LEU n 
1 44  GLY n 
1 45  ILE n 
1 46  GLY n 
1 47  GLN n 
1 48  SER n 
1 49  GLN n 
1 50  GLU n 
1 51  MET n 
1 52  ASN n 
1 53  THR n 
1 54  LEU n 
1 55  PHE n 
1 56  ARG n 
1 57  PHE n 
1 58  TRP n 
1 59  SER n 
1 60  PHE n 
1 61  PHE n 
1 62  LEU n 
1 63  ARG n 
1 64  ASP n 
1 65  HIS n 
1 66  PHE n 
1 67  ASN n 
1 68  LYS n 
1 69  LYS n 
1 70  MET n 
1 71  TYR n 
1 72  GLU n 
1 73  GLU n 
1 74  PHE n 
1 75  LYS n 
1 76  GLN n 
1 77  LEU n 
1 78  ALA n 
1 79  LEU n 
1 80  GLU n 
1 81  ASP n 
1 82  ALA n 
1 83  LYS n 
1 84  GLU n 
1 85  GLY n 
1 86  TYR n 
1 87  ARG n 
1 88  TYR n 
1 89  GLY n 
1 90  LEU n 
1 91  GLU n 
1 92  CYS n 
1 93  LEU n 
1 94  PHE n 
1 95  ARG n 
1 96  TYR n 
1 97  TYR n 
1 98  SER n 
1 99  TYR n 
1 100 GLY n 
1 101 LEU n 
1 102 GLU n 
1 103 LYS n 
1 104 LYS n 
1 105 PHE n 
1 106 ARG n 
1 107 LEU n 
1 108 ASP n 
1 109 ILE n 
1 110 PHE n 
1 111 LYS n 
1 112 ASP n 
1 113 PHE n 
1 114 GLN n 
1 115 GLU n 
1 116 GLU n 
1 117 THR n 
1 118 VAL n 
1 119 LYS n 
1 120 ASP n 
1 121 TYR n 
1 122 GLU n 
1 123 ALA n 
1 124 GLY n 
1 125 GLN n 
1 126 LEU n 
1 127 TYR n 
1 128 GLY n 
1 129 LEU n 
1 130 GLU n 
1 131 LYS n 
1 132 PHE n 
1 133 TRP n 
1 134 ALA n 
1 135 PHE n 
1 136 LEU n 
1 137 LYS n 
1 138 TYR n 
1 139 SER n 
1 140 LYS n 
1 141 ALA n 
1 142 LYS n 
1 143 ASN n 
1 144 LEU n 
1 145 ASP n 
1 146 ILE n 
1 147 ASP n 
1 148 PRO n 
1 149 LYS n 
1 150 LEU n 
1 151 GLN n 
1 152 GLU n 
1 153 TYR n 
1 154 LEU n 
1 155 GLY n 
1 156 LYS n 
1 157 PHE n 
1 158 ARG n 
1 159 ARG n 
1 160 LEU n 
1 161 GLU n 
1 162 ASP n 
2 1   C   n 
2 2   U   n 
2 3   U   n 
2 4   U   n 
2 5   U   n 
2 6   C   n 
2 7   C   n 
2 8   G   n 
# 
_entity_src_gen.entity_id                          1 
_entity_src_gen.pdbx_src_id                        1 
_entity_src_gen.pdbx_alt_source_flag               sample 
_entity_src_gen.pdbx_seq_type                      'Biological sequence' 
_entity_src_gen.pdbx_beg_seq_num                   1 
_entity_src_gen.pdbx_end_seq_num                   162 
_entity_src_gen.gene_src_common_name               Human 
_entity_src_gen.gene_src_genus                     ? 
_entity_src_gen.pdbx_gene_src_gene                 'LARP1, KIAA0731, LARP' 
_entity_src_gen.gene_src_species                   ? 
_entity_src_gen.gene_src_strain                    ? 
_entity_src_gen.gene_src_tissue                    ? 
_entity_src_gen.gene_src_tissue_fraction           ? 
_entity_src_gen.gene_src_details                   ? 
_entity_src_gen.pdbx_gene_src_fragment             ? 
_entity_src_gen.pdbx_gene_src_scientific_name      'Homo sapiens' 
_entity_src_gen.pdbx_gene_src_ncbi_taxonomy_id     9606 
_entity_src_gen.pdbx_gene_src_variant              ? 
_entity_src_gen.pdbx_gene_src_cell_line            ? 
_entity_src_gen.pdbx_gene_src_atcc                 ? 
_entity_src_gen.pdbx_gene_src_organ                ? 
_entity_src_gen.pdbx_gene_src_organelle            ? 
_entity_src_gen.pdbx_gene_src_cell                 ? 
_entity_src_gen.pdbx_gene_src_cellular_location    ? 
_entity_src_gen.host_org_common_name               ? 
_entity_src_gen.pdbx_host_org_scientific_name      'Escherichia coli BL21(DE3)' 
_entity_src_gen.pdbx_host_org_ncbi_taxonomy_id     469008 
_entity_src_gen.host_org_genus                     ? 
_entity_src_gen.pdbx_host_org_gene                 ? 
_entity_src_gen.pdbx_host_org_organ                ? 
_entity_src_gen.host_org_species                   ? 
_entity_src_gen.pdbx_host_org_tissue               ? 
_entity_src_gen.pdbx_host_org_tissue_fraction      ? 
_entity_src_gen.pdbx_host_org_strain               ? 
_entity_src_gen.pdbx_host_org_variant              ? 
_entity_src_gen.pdbx_host_org_cell_line            ? 
_entity_src_gen.pdbx_host_org_atcc                 ? 
_entity_src_gen.pdbx_host_org_culture_collection   ? 
_entity_src_gen.pdbx_host_org_cell                 ? 
_entity_src_gen.pdbx_host_org_organelle            ? 
_entity_src_gen.pdbx_host_org_cellular_location    ? 
_entity_src_gen.pdbx_host_org_vector_type          ? 
_entity_src_gen.pdbx_host_org_vector               ? 
_entity_src_gen.host_org_details                   ? 
_entity_src_gen.expression_system_id               ? 
_entity_src_gen.plasmid_name                       ? 
_entity_src_gen.plasmid_details                    ? 
_entity_src_gen.pdbx_description                   ? 
# 
_pdbx_entity_src_syn.entity_id              2 
_pdbx_entity_src_syn.pdbx_src_id            1 
_pdbx_entity_src_syn.pdbx_alt_source_flag   sample 
_pdbx_entity_src_syn.pdbx_beg_seq_num       1 
_pdbx_entity_src_syn.pdbx_end_seq_num       8 
_pdbx_entity_src_syn.organism_scientific    'Homo sapiens' 
_pdbx_entity_src_syn.organism_common_name   ? 
_pdbx_entity_src_syn.ncbi_taxonomy_id       9606 
_pdbx_entity_src_syn.details                ? 
# 
loop_
_struct_ref.id 
_struct_ref.db_name 
_struct_ref.db_code 
_struct_ref.pdbx_db_accession 
_struct_ref.pdbx_db_isoform 
_struct_ref.entity_id 
_struct_ref.pdbx_seq_one_letter_code 
_struct_ref.pdbx_align_begin 
1 UNP LARP1_HUMAN Q6PKG0 ? 1 
;QHPSHELLKENGFTQHVYHKYRRRCLNERKRLGIGQSQEMNTLFRFWSFFLRDHFNKKMYEEFKQLALEDAKEGYRYGLE
CLFRYYSYGLEKKFRLDIFKDFQEETVKDYEAGQLYGLEKFWAFLKYSKAKNLDIDPKLQEYLGKFRRLED
;
873 
2 PDB 5V7C        5V7C   ? 2 ? 1   
# 
loop_
_struct_ref_seq.align_id 
_struct_ref_seq.ref_id 
_struct_ref_seq.pdbx_PDB_id_code 
_struct_ref_seq.pdbx_strand_id 
_struct_ref_seq.seq_align_beg 
_struct_ref_seq.pdbx_seq_align_beg_ins_code 
_struct_ref_seq.seq_align_end 
_struct_ref_seq.pdbx_seq_align_end_ins_code 
_struct_ref_seq.pdbx_db_accession 
_struct_ref_seq.db_align_beg 
_struct_ref_seq.pdbx_db_align_beg_ins_code 
_struct_ref_seq.db_align_end 
_struct_ref_seq.pdbx_db_align_end_ins_code 
_struct_ref_seq.pdbx_auth_seq_align_beg 
_struct_ref_seq.pdbx_auth_seq_align_end 
1 1 5V7C B 12 ? 162 ? Q6PKG0 873 ? 1023 ? 796 946 
2 2 5V7C C 1  ? 8   ? 5V7C   1   ? 8    ? 1   8   
# 
loop_
_struct_ref_seq_dif.align_id 
_struct_ref_seq_dif.pdbx_pdb_id_code 
_struct_ref_seq_dif.mon_id 
_struct_ref_seq_dif.pdbx_pdb_strand_id 
_struct_ref_seq_dif.seq_num 
_struct_ref_seq_dif.pdbx_pdb_ins_code 
_struct_ref_seq_dif.pdbx_seq_db_name 
_struct_ref_seq_dif.pdbx_seq_db_accession_code 
_struct_ref_seq_dif.db_mon_id 
_struct_ref_seq_dif.pdbx_seq_db_seq_num 
_struct_ref_seq_dif.details 
_struct_ref_seq_dif.pdbx_auth_seq_num 
_struct_ref_seq_dif.pdbx_ordinal 
1 5V7C GLY B 1  ? UNP Q6PKG0 ? ? 'expression tag' 785 1  
1 5V7C HIS B 2  ? UNP Q6PKG0 ? ? 'expression tag' 786 2  
1 5V7C SER B 3  ? UNP Q6PKG0 ? ? 'expression tag' 787 3  
1 5V7C GLY B 4  ? UNP Q6PKG0 ? ? 'expression tag' 788 4  
1 5V7C GLY B 5  ? UNP Q6PKG0 ? ? 'expression tag' 789 5  
1 5V7C GLY B 6  ? UNP Q6PKG0 ? ? 'expression tag' 790 6  
1 5V7C GLY B 7  ? UNP Q6PKG0 ? ? 'expression tag' 791 7  
1 5V7C GLY B 8  ? UNP Q6PKG0 ? ? 'expression tag' 792 8  
1 5V7C GLY B 9  ? UNP Q6PKG0 ? ? 'expression tag' 793 9  
1 5V7C HIS B 10 ? UNP Q6PKG0 ? ? 'expression tag' 794 10 
1 5V7C MET B 11 ? UNP Q6PKG0 ? ? 'expression tag' 795 11 
# 
loop_
_chem_comp.id 
_chem_comp.type 
_chem_comp.mon_nstd_flag 
_chem_comp.name 
_chem_comp.pdbx_synonyms 
_chem_comp.formula 
_chem_comp.formula_weight 
ALA 'L-peptide linking' y ALANINE                      ? 'C3 H7 N O2'      89.093  
ARG 'L-peptide linking' y ARGININE                     ? 'C6 H15 N4 O2 1'  175.209 
ASN 'L-peptide linking' y ASPARAGINE                   ? 'C4 H8 N2 O3'     132.118 
ASP 'L-peptide linking' y 'ASPARTIC ACID'              ? 'C4 H7 N O4'      133.103 
C   'RNA linking'       y "CYTIDINE-5'-MONOPHOSPHATE"  ? 'C9 H14 N3 O8 P'  323.197 
CYS 'L-peptide linking' y CYSTEINE                     ? 'C3 H7 N O2 S'    121.158 
G   'RNA linking'       y "GUANOSINE-5'-MONOPHOSPHATE" ? 'C10 H14 N5 O8 P' 363.221 
GLN 'L-peptide linking' y GLUTAMINE                    ? 'C5 H10 N2 O3'    146.144 
GLU 'L-peptide linking' y 'GLUTAMIC ACID'              ? 'C5 H9 N O4'      147.129 
GLY 'peptide linking'   y GLYCINE                      ? 'C2 H5 N O2'      75.067  
HIS 'L-peptide linking' y HISTIDINE                    ? 'C6 H10 N3 O2 1'  156.162 
HOH non-polymer         . WATER                        ? 'H2 O'            18.015  
ILE 'L-peptide linking' y ISOLEUCINE                   ? 'C6 H13 N O2'     131.173 
LEU 'L-peptide linking' y LEUCINE                      ? 'C6 H13 N O2'     131.173 
LYS 'L-peptide linking' y LYSINE                       ? 'C6 H15 N2 O2 1'  147.195 
MET 'L-peptide linking' y METHIONINE                   ? 'C5 H11 N O2 S'   149.211 
PHE 'L-peptide linking' y PHENYLALANINE                ? 'C9 H11 N O2'     165.189 
PRO 'L-peptide linking' y PROLINE                      ? 'C5 H9 N O2'      115.130 
SER 'L-peptide linking' y SERINE                       ? 'C3 H7 N O3'      105.093 
THR 'L-peptide linking' y THREONINE                    ? 'C4 H9 N O3'      119.119 
TRP 'L-peptide linking' y TRYPTOPHAN                   ? 'C11 H12 N2 O2'   204.225 
TYR 'L-peptide linking' y TYROSINE                     ? 'C9 H11 N O3'     181.189 
U   'RNA linking'       y "URIDINE-5'-MONOPHOSPHATE"   ? 'C9 H13 N2 O9 P'  324.181 
VAL 'L-peptide linking' y VALINE                       ? 'C5 H11 N O2'     117.146 
# 
_exptl.absorpt_coefficient_mu     ? 
_exptl.absorpt_correction_T_max   ? 
_exptl.absorpt_correction_T_min   ? 
_exptl.absorpt_correction_type    ? 
_exptl.absorpt_process_details    ? 
_exptl.entry_id                   5V7C 
_exptl.crystals_number            1 
_exptl.details                    ? 
_exptl.method                     'X-RAY DIFFRACTION' 
_exptl.method_details             ? 
# 
_exptl_crystal.colour                      ? 
_exptl_crystal.density_diffrn              ? 
_exptl_crystal.density_Matthews            1.97 
_exptl_crystal.density_method              ? 
_exptl_crystal.density_percent_sol         37.63 
_exptl_crystal.description                 ? 
_exptl_crystal.F_000                       ? 
_exptl_crystal.id                          1 
_exptl_crystal.preparation                 ? 
_exptl_crystal.size_max                    ? 
_exptl_crystal.size_mid                    ? 
_exptl_crystal.size_min                    ? 
_exptl_crystal.size_rad                    ? 
_exptl_crystal.colour_lustre               ? 
_exptl_crystal.colour_modifier             ? 
_exptl_crystal.colour_primary              ? 
_exptl_crystal.density_meas                ? 
_exptl_crystal.density_meas_esd            ? 
_exptl_crystal.density_meas_gt             ? 
_exptl_crystal.density_meas_lt             ? 
_exptl_crystal.density_meas_temp           ? 
_exptl_crystal.density_meas_temp_esd       ? 
_exptl_crystal.density_meas_temp_gt        ? 
_exptl_crystal.density_meas_temp_lt        ? 
_exptl_crystal.pdbx_crystal_image_url      ? 
_exptl_crystal.pdbx_crystal_image_format   ? 
_exptl_crystal.pdbx_mosaicity              ? 
_exptl_crystal.pdbx_mosaicity_esd          ? 
# 
_exptl_crystal_grow.apparatus       ? 
_exptl_crystal_grow.atmosphere      ? 
_exptl_crystal_grow.crystal_id      1 
_exptl_crystal_grow.details         ? 
_exptl_crystal_grow.method          'VAPOR DIFFUSION, SITTING DROP' 
_exptl_crystal_grow.method_ref      ? 
_exptl_crystal_grow.pH              ? 
_exptl_crystal_grow.pressure        ? 
_exptl_crystal_grow.pressure_esd    ? 
_exptl_crystal_grow.seeding         ? 
_exptl_crystal_grow.seeding_ref     ? 
_exptl_crystal_grow.temp            293 
_exptl_crystal_grow.temp_details    ? 
_exptl_crystal_grow.temp_esd        ? 
_exptl_crystal_grow.time            ? 
_exptl_crystal_grow.pdbx_details    '5 mM MgCl2, 50 mM HEPES, pH 7.0, 25 % PEG MME 550' 
_exptl_crystal_grow.pdbx_pH_range   ? 
# 
_diffrn.ambient_environment    ? 
_diffrn.ambient_temp           100 
_diffrn.ambient_temp_details   ? 
_diffrn.ambient_temp_esd       ? 
_diffrn.crystal_id             1 
_diffrn.crystal_support        ? 
_diffrn.crystal_treatment      ? 
_diffrn.details                ? 
_diffrn.id                     1 
_diffrn.ambient_pressure       ? 
_diffrn.ambient_pressure_esd   ? 
_diffrn.ambient_pressure_gt    ? 
_diffrn.ambient_pressure_lt    ? 
_diffrn.ambient_temp_gt        ? 
_diffrn.ambient_temp_lt        ? 
# 
_diffrn_detector.details                      ? 
_diffrn_detector.detector                     CCD 
_diffrn_detector.diffrn_id                    1 
_diffrn_detector.type                         'RIGAKU SATURN 944' 
_diffrn_detector.area_resol_mean              ? 
_diffrn_detector.dtime                        ? 
_diffrn_detector.pdbx_frames_total            ? 
_diffrn_detector.pdbx_collection_time_total   ? 
_diffrn_detector.pdbx_collection_date         2015-01-01 
# 
_diffrn_radiation.collimation                      ? 
_diffrn_radiation.diffrn_id                        1 
_diffrn_radiation.filter_edge                      ? 
_diffrn_radiation.inhomogeneity                    ? 
_diffrn_radiation.monochromator                    ? 
_diffrn_radiation.polarisn_norm                    ? 
_diffrn_radiation.polarisn_ratio                   ? 
_diffrn_radiation.probe                            ? 
_diffrn_radiation.type                             ? 
_diffrn_radiation.xray_symbol                      ? 
_diffrn_radiation.wavelength_id                    1 
_diffrn_radiation.pdbx_monochromatic_or_laue_m_l   M 
_diffrn_radiation.pdbx_wavelength_list             ? 
_diffrn_radiation.pdbx_wavelength                  ? 
_diffrn_radiation.pdbx_diffrn_protocol             'SINGLE WAVELENGTH' 
_diffrn_radiation.pdbx_analyzer                    ? 
_diffrn_radiation.pdbx_scattering_type             x-ray 
# 
_diffrn_radiation_wavelength.id           1 
_diffrn_radiation_wavelength.wavelength   1.54 
_diffrn_radiation_wavelength.wt           1.0 
# 
_diffrn_source.current                     ? 
_diffrn_source.details                     ? 
_diffrn_source.diffrn_id                   1 
_diffrn_source.power                       ? 
_diffrn_source.size                        ? 
_diffrn_source.source                      'ROTATING ANODE' 
_diffrn_source.target                      ? 
_diffrn_source.type                        'RIGAKU FR-E DW' 
_diffrn_source.voltage                     ? 
_diffrn_source.take-off_angle              ? 
_diffrn_source.pdbx_wavelength_list        1.54 
_diffrn_source.pdbx_wavelength             ? 
_diffrn_source.pdbx_synchrotron_beamline   ? 
_diffrn_source.pdbx_synchrotron_site       ? 
# 
_reflns.B_iso_Wilson_estimate            ? 
_reflns.entry_id                         5V7C 
_reflns.data_reduction_details           ? 
_reflns.data_reduction_method            ? 
_reflns.d_resolution_high                2.59 
_reflns.d_resolution_low                 37.864 
_reflns.details                          ? 
_reflns.limit_h_max                      ? 
_reflns.limit_h_min                      ? 
_reflns.limit_k_max                      ? 
_reflns.limit_k_min                      ? 
_reflns.limit_l_max                      ? 
_reflns.limit_l_min                      ? 
_reflns.number_all                       ? 
_reflns.number_obs                       5272 
_reflns.observed_criterion               ? 
_reflns.observed_criterion_F_max         ? 
_reflns.observed_criterion_F_min         ? 
_reflns.observed_criterion_I_max         ? 
_reflns.observed_criterion_I_min         ? 
_reflns.observed_criterion_sigma_F       ? 
_reflns.observed_criterion_sigma_I       ? 
_reflns.percent_possible_obs             98.5 
_reflns.R_free_details                   ? 
_reflns.Rmerge_F_all                     ? 
_reflns.Rmerge_F_obs                     ? 
_reflns.Friedel_coverage                 ? 
_reflns.number_gt                        ? 
_reflns.threshold_expression             ? 
_reflns.pdbx_redundancy                  4.3 
_reflns.pdbx_Rmerge_I_obs                ? 
_reflns.pdbx_Rmerge_I_all                ? 
_reflns.pdbx_Rsym_value                  ? 
_reflns.pdbx_netI_over_av_sigmaI         ? 
_reflns.pdbx_netI_over_sigmaI            8.8 
_reflns.pdbx_res_netI_over_av_sigmaI_2   ? 
_reflns.pdbx_res_netI_over_sigmaI_2      ? 
_reflns.pdbx_chi_squared                 ? 
_reflns.pdbx_scaling_rejects             ? 
_reflns.pdbx_d_res_high_opt              ? 
_reflns.pdbx_d_res_low_opt               ? 
_reflns.pdbx_d_res_opt_method            ? 
_reflns.phase_calculation_details        ? 
_reflns.pdbx_Rrim_I_all                  ? 
_reflns.pdbx_Rpim_I_all                  ? 
_reflns.pdbx_d_opt                       ? 
_reflns.pdbx_number_measured_all         ? 
_reflns.pdbx_diffrn_id                   1 
_reflns.pdbx_ordinal                     1 
_reflns.pdbx_CC_half                     ? 
_reflns.pdbx_R_split                     ? 
# 
_reflns_shell.d_res_high                  2.59 
_reflns_shell.d_res_low                   ? 
_reflns_shell.meanI_over_sigI_all         ? 
_reflns_shell.meanI_over_sigI_obs         1.36 
_reflns_shell.number_measured_all         ? 
_reflns_shell.number_measured_obs         ? 
_reflns_shell.number_possible             ? 
_reflns_shell.number_unique_all           ? 
_reflns_shell.number_unique_obs           ? 
_reflns_shell.percent_possible_all        87.1 
_reflns_shell.percent_possible_obs        ? 
_reflns_shell.Rmerge_F_all                ? 
_reflns_shell.Rmerge_F_obs                ? 
_reflns_shell.Rmerge_I_all                ? 
_reflns_shell.Rmerge_I_obs                ? 
_reflns_shell.meanI_over_sigI_gt          ? 
_reflns_shell.meanI_over_uI_all           ? 
_reflns_shell.meanI_over_uI_gt            ? 
_reflns_shell.number_measured_gt          ? 
_reflns_shell.number_unique_gt            ? 
_reflns_shell.percent_possible_gt         ? 
_reflns_shell.Rmerge_F_gt                 ? 
_reflns_shell.Rmerge_I_gt                 ? 
_reflns_shell.pdbx_redundancy             2.1 
_reflns_shell.pdbx_Rsym_value             ? 
_reflns_shell.pdbx_chi_squared            ? 
_reflns_shell.pdbx_netI_over_sigmaI_all   ? 
_reflns_shell.pdbx_netI_over_sigmaI_obs   ? 
_reflns_shell.pdbx_Rrim_I_all             ? 
_reflns_shell.pdbx_Rpim_I_all             ? 
_reflns_shell.pdbx_rejects                ? 
_reflns_shell.pdbx_ordinal                1 
_reflns_shell.pdbx_diffrn_id              1 
_reflns_shell.pdbx_CC_half                ? 
_reflns_shell.pdbx_R_split                ? 
# 
_refine.aniso_B[1][1]                            ? 
_refine.aniso_B[1][2]                            ? 
_refine.aniso_B[1][3]                            ? 
_refine.aniso_B[2][2]                            ? 
_refine.aniso_B[2][3]                            ? 
_refine.aniso_B[3][3]                            ? 
_refine.B_iso_max                                ? 
_refine.B_iso_mean                               ? 
_refine.B_iso_min                                ? 
_refine.correlation_coeff_Fo_to_Fc               ? 
_refine.correlation_coeff_Fo_to_Fc_free          ? 
_refine.details                                  ? 
_refine.diff_density_max                         ? 
_refine.diff_density_max_esd                     ? 
_refine.diff_density_min                         ? 
_refine.diff_density_min_esd                     ? 
_refine.diff_density_rms                         ? 
_refine.diff_density_rms_esd                     ? 
_refine.entry_id                                 5V7C 
_refine.pdbx_refine_id                           'X-RAY DIFFRACTION' 
_refine.ls_abs_structure_details                 ? 
_refine.ls_abs_structure_Flack                   ? 
_refine.ls_abs_structure_Flack_esd               ? 
_refine.ls_abs_structure_Rogers                  ? 
_refine.ls_abs_structure_Rogers_esd              ? 
_refine.ls_d_res_high                            2.590 
_refine.ls_d_res_low                             37.864 
_refine.ls_extinction_coef                       ? 
_refine.ls_extinction_coef_esd                   ? 
_refine.ls_extinction_expression                 ? 
_refine.ls_extinction_method                     ? 
_refine.ls_goodness_of_fit_all                   ? 
_refine.ls_goodness_of_fit_all_esd               ? 
_refine.ls_goodness_of_fit_obs                   ? 
_refine.ls_goodness_of_fit_obs_esd               ? 
_refine.ls_hydrogen_treatment                    ? 
_refine.ls_matrix_type                           ? 
_refine.ls_number_constraints                    ? 
_refine.ls_number_parameters                     ? 
_refine.ls_number_reflns_all                     ? 
_refine.ls_number_reflns_obs                     5269 
_refine.ls_number_reflns_R_free                  822 
_refine.ls_number_reflns_R_work                  ? 
_refine.ls_number_restraints                     ? 
_refine.ls_percent_reflns_obs                    98.06 
_refine.ls_percent_reflns_R_free                 15.60 
_refine.ls_R_factor_all                          ? 
_refine.ls_R_factor_obs                          0.2112 
_refine.ls_R_factor_R_free                       0.2351 
_refine.ls_R_factor_R_free_error                 ? 
_refine.ls_R_factor_R_free_error_details         ? 
_refine.ls_R_factor_R_work                       0.2069 
_refine.ls_R_Fsqd_factor_obs                     ? 
_refine.ls_R_I_factor_obs                        ? 
_refine.ls_redundancy_reflns_all                 ? 
_refine.ls_redundancy_reflns_obs                 ? 
_refine.ls_restrained_S_all                      ? 
_refine.ls_restrained_S_obs                      ? 
_refine.ls_shift_over_esd_max                    ? 
_refine.ls_shift_over_esd_mean                   ? 
_refine.ls_structure_factor_coef                 ? 
_refine.ls_weighting_details                     ? 
_refine.ls_weighting_scheme                      ? 
_refine.ls_wR_factor_all                         ? 
_refine.ls_wR_factor_obs                         ? 
_refine.ls_wR_factor_R_free                      ? 
_refine.ls_wR_factor_R_work                      ? 
_refine.occupancy_max                            ? 
_refine.occupancy_min                            ? 
_refine.solvent_model_details                    'FLAT BULK SOLVENT MODEL' 
_refine.solvent_model_param_bsol                 ? 
_refine.solvent_model_param_ksol                 ? 
_refine.ls_R_factor_gt                           ? 
_refine.ls_goodness_of_fit_gt                    ? 
_refine.ls_goodness_of_fit_ref                   ? 
_refine.ls_shift_over_su_max                     ? 
_refine.ls_shift_over_su_max_lt                  ? 
_refine.ls_shift_over_su_mean                    ? 
_refine.ls_shift_over_su_mean_lt                 ? 
_refine.pdbx_ls_sigma_I                          ? 
_refine.pdbx_ls_sigma_F                          1.36 
_refine.pdbx_ls_sigma_Fsqd                       ? 
_refine.pdbx_data_cutoff_high_absF               ? 
_refine.pdbx_data_cutoff_high_rms_absF           ? 
_refine.pdbx_data_cutoff_low_absF                ? 
_refine.pdbx_isotropic_thermal_model             ? 
_refine.pdbx_ls_cross_valid_method               'FREE R-VALUE' 
_refine.pdbx_method_to_determine_struct          'MOLECULAR REPLACEMENT' 
_refine.pdbx_starting_model                      5C0V 
_refine.pdbx_stereochemistry_target_values       ML 
_refine.pdbx_R_Free_selection_details            ? 
_refine.pdbx_stereochem_target_val_spec_case     ? 
_refine.pdbx_overall_ESU_R                       ? 
_refine.pdbx_overall_ESU_R_Free                  ? 
_refine.pdbx_solvent_vdw_probe_radii             1.11 
_refine.pdbx_solvent_ion_probe_radii             ? 
_refine.pdbx_solvent_shrinkage_radii             0.90 
_refine.pdbx_real_space_R                        ? 
_refine.pdbx_density_correlation                 ? 
_refine.pdbx_pd_number_of_powder_patterns        ? 
_refine.pdbx_pd_number_of_points                 ? 
_refine.pdbx_pd_meas_number_of_points            ? 
_refine.pdbx_pd_proc_ls_prof_R_factor            ? 
_refine.pdbx_pd_proc_ls_prof_wR_factor           ? 
_refine.pdbx_pd_Marquardt_correlation_coeff      ? 
_refine.pdbx_pd_Fsqrd_R_factor                   ? 
_refine.pdbx_pd_ls_matrix_band_width             ? 
_refine.pdbx_overall_phase_error                 22.24 
_refine.pdbx_overall_SU_R_free_Cruickshank_DPI   ? 
_refine.pdbx_overall_SU_R_free_Blow_DPI          ? 
_refine.pdbx_overall_SU_R_Blow_DPI               ? 
_refine.pdbx_TLS_residual_ADP_flag               ? 
_refine.pdbx_diffrn_id                           1 
_refine.overall_SU_B                             ? 
_refine.overall_SU_ML                            0.27 
_refine.overall_SU_R_Cruickshank_DPI             ? 
_refine.overall_SU_R_free                        ? 
_refine.overall_FOM_free_R_set                   ? 
_refine.overall_FOM_work_R_set                   ? 
_refine.pdbx_average_fsc_overall                 ? 
_refine.pdbx_average_fsc_work                    ? 
_refine.pdbx_average_fsc_free                    ? 
# 
_refine_hist.pdbx_refine_id                   'X-RAY DIFFRACTION' 
_refine_hist.cycle_id                         LAST 
_refine_hist.pdbx_number_atoms_protein        1224 
_refine_hist.pdbx_number_atoms_nucleic_acid   160 
_refine_hist.pdbx_number_atoms_ligand         0 
_refine_hist.number_atoms_solvent             7 
_refine_hist.number_atoms_total               1391 
_refine_hist.d_res_high                       2.590 
_refine_hist.d_res_low                        37.864 
# 
loop_
_refine_ls_restr.pdbx_refine_id 
_refine_ls_restr.criterion 
_refine_ls_restr.dev_ideal 
_refine_ls_restr.dev_ideal_target 
_refine_ls_restr.number 
_refine_ls_restr.rejects 
_refine_ls_restr.type 
_refine_ls_restr.weight 
_refine_ls_restr.pdbx_restraint_function 
'X-RAY DIFFRACTION' ? 0.015  ? 1435 ? f_bond_d           ? ? 
'X-RAY DIFFRACTION' ? 1.186  ? 1956 ? f_angle_d          ? ? 
'X-RAY DIFFRACTION' ? 21.424 ? 553  ? f_dihedral_angle_d ? ? 
'X-RAY DIFFRACTION' ? 0.107  ? 200  ? f_chiral_restr     ? ? 
'X-RAY DIFFRACTION' ? 0.004  ? 222  ? f_plane_restr      ? ? 
# 
loop_
_refine_ls_shell.pdbx_refine_id 
_refine_ls_shell.d_res_high 
_refine_ls_shell.d_res_low 
_refine_ls_shell.number_reflns_all 
_refine_ls_shell.number_reflns_obs 
_refine_ls_shell.number_reflns_R_free 
_refine_ls_shell.number_reflns_R_work 
_refine_ls_shell.percent_reflns_obs 
_refine_ls_shell.percent_reflns_R_free 
_refine_ls_shell.R_factor_all 
_refine_ls_shell.R_factor_obs 
_refine_ls_shell.R_factor_R_free 
_refine_ls_shell.R_factor_R_free_error 
_refine_ls_shell.R_factor_R_work 
_refine_ls_shell.redundancy_reflns_all 
_refine_ls_shell.redundancy_reflns_obs 
_refine_ls_shell.wR_factor_all 
_refine_ls_shell.wR_factor_obs 
_refine_ls_shell.wR_factor_R_free 
_refine_ls_shell.wR_factor_R_work 
_refine_ls_shell.pdbx_total_number_of_bins_used 
_refine_ls_shell.pdbx_phase_error 
_refine_ls_shell.pdbx_fsc_work 
_refine_ls_shell.pdbx_fsc_free 
'X-RAY DIFFRACTION' 2.5904 2.7527  . . 118 676 89.00  . . . 0.2523 . 0.2422 . . . . . . . . . . 
'X-RAY DIFFRACTION' 2.7527 2.9651  . . 128 741 99.00  . . . 0.3158 . 0.2554 . . . . . . . . . . 
'X-RAY DIFFRACTION' 2.9651 3.2634  . . 171 711 100.00 . . . 0.2976 . 0.2409 . . . . . . . . . . 
'X-RAY DIFFRACTION' 3.2634 3.7352  . . 121 765 100.00 . . . 0.2379 . 0.1905 . . . . . . . . . . 
'X-RAY DIFFRACTION' 3.7352 4.7046  . . 125 780 100.00 . . . 0.1996 . 0.1758 . . . . . . . . . . 
'X-RAY DIFFRACTION' 4.7046 37.8678 . . 159 774 100.00 . . . 0.1953 . 0.2044 . . . . . . . . . . 
# 
_struct.entry_id                     5V7C 
_struct.title                        
;Crystal structure of LARP1-unique domain DM15 bound 5'TOP RNA sequence
;
_struct.pdbx_model_details           ? 
_struct.pdbx_formula_weight          ? 
_struct.pdbx_formula_weight_method   ? 
_struct.pdbx_model_type_details      ? 
_struct.pdbx_CASP_flag               N 
# 
_struct_keywords.entry_id        5V7C 
_struct_keywords.text            
;Cap-binding, RNA-binding, DM15, 5'TOP, RNA BINDING PROTEIN
;
_struct_keywords.pdbx_keywords   'RNA BINDING PROTEIN' 
# 
loop_
_struct_asym.id 
_struct_asym.pdbx_blank_PDB_chainid_flag 
_struct_asym.pdbx_modified 
_struct_asym.entity_id 
_struct_asym.details 
A N N 1 ? 
B N N 2 ? 
C N N 3 ? 
D N N 3 ? 
# 
loop_
_struct_conf.conf_type_id 
_struct_conf.id 
_struct_conf.pdbx_PDB_helix_id 
_struct_conf.beg_label_comp_id 
_struct_conf.beg_label_asym_id 
_struct_conf.beg_label_seq_id 
_struct_conf.pdbx_beg_PDB_ins_code 
_struct_conf.end_label_comp_id 
_struct_conf.end_label_asym_id 
_struct_conf.end_label_seq_id 
_struct_conf.pdbx_end_PDB_ins_code 
_struct_conf.beg_auth_comp_id 
_struct_conf.beg_auth_asym_id 
_struct_conf.beg_auth_seq_id 
_struct_conf.end_auth_comp_id 
_struct_conf.end_auth_asym_id 
_struct_conf.end_auth_seq_id 
_struct_conf.pdbx_PDB_helix_class 
_struct_conf.details 
_struct_conf.pdbx_PDB_helix_length 
HELX_P HELX_P1 AA1 HIS A 13  ? LEU A 18  ? HIS B 797 LEU B 802 1 ? 6  
HELX_P HELX_P2 AA2 THR A 25  ? GLY A 44  ? THR B 809 GLY B 828 1 ? 20 
HELX_P HELX_P3 AA3 SER A 48  ? HIS A 65  ? SER B 832 HIS B 849 1 ? 18 
HELX_P HELX_P4 AA4 ASN A 67  ? LYS A 83  ? ASN B 851 LYS B 867 1 ? 17 
HELX_P HELX_P5 AA5 ARG A 87  ? LYS A 104 ? ARG B 871 LYS B 888 1 ? 18 
HELX_P HELX_P6 AA6 ARG A 106 ? ALA A 123 ? ARG B 890 ALA B 907 1 ? 18 
HELX_P HELX_P7 AA7 LEU A 126 ? SER A 139 ? LEU B 910 SER B 923 1 ? 14 
HELX_P HELX_P8 AA8 ASP A 147 ? LYS A 156 ? ASP B 931 LYS B 940 1 ? 10 
# 
_struct_conf_type.id          HELX_P 
_struct_conf_type.criteria    ? 
_struct_conf_type.reference   ? 
# 
_atom_sites.entry_id                    5V7C 
_atom_sites.fract_transf_matrix[1][1]   0.00693280 
_atom_sites.fract_transf_matrix[1][2]   0.00620642 
_atom_sites.fract_transf_matrix[1][3]   -0.00078420 
_atom_sites.fract_transf_matrix[2][1]   -0.00289145 
_atom_sites.fract_transf_matrix[2][2]   0.00421714 
_atom_sites.fract_transf_matrix[2][3]   0.00781367 
_atom_sites.fract_transf_matrix[3][1]   0.02040575 
_atom_sites.fract_transf_matrix[3][2]   -0.02044560 
_atom_sites.fract_transf_matrix[3][3]   0.01858592 
_atom_sites.fract_transf_vector[1]      -0.106773 
_atom_sites.fract_transf_vector[2]      -0.249641 
_atom_sites.fract_transf_vector[3]      -0.397858 
# 
loop_
_atom_type.symbol 
C 
N 
O 
P 
S 
# 
loop_
_atom_site.group_PDB 
_atom_site.id 
_atom_site.type_symbol 
_atom_site.label_atom_id 
_atom_site.label_alt_id 
_atom_site.label_comp_id 
_atom_site.label_asym_id 
_atom_site.label_entity_id 
_atom_site.label_seq_id 
_atom_site.pdbx_PDB_ins_code 
_atom_site.Cartn_x 
_atom_site.Cartn_y 
_atom_site.Cartn_z 
_atom_site.occupancy 
_atom_site.B_iso_or_equiv 
_atom_site.pdbx_formal_charge 
_atom_site.auth_seq_id 
_atom_site.auth_comp_id 
_atom_site.auth_asym_id 
_atom_site.auth_atom_id 
_atom_site.pdbx_PDB_model_num 
ATOM   1    N N     . GLN A 1 12  ? -8.818  11.837  16.822  1.00 44.79  ? 796  GLN B N     1 
ATOM   2    C CA    . GLN A 1 12  ? -9.792  10.985  17.454  1.00 44.97  ? 796  GLN B CA    1 
ATOM   3    C C     . GLN A 1 12  ? -10.235 9.783   16.602  1.00 44.61  ? 796  GLN B C     1 
ATOM   4    O O     . GLN A 1 12  ? -10.602 8.755   17.147  1.00 43.46  ? 796  GLN B O     1 
ATOM   5    C CB    . GLN A 1 12  ? -11.025 11.781  17.896  1.00 42.65  ? 796  GLN B CB    1 
ATOM   6    C CG    . GLN A 1 12  ? -10.745 12.934  18.820  1.00 53.40  ? 796  GLN B CG    1 
ATOM   7    C CD    . GLN A 1 12  ? -10.343 12.537  20.226  1.00 55.88  ? 796  GLN B CD    1 
ATOM   8    O OE1   . GLN A 1 12  ? -9.868  13.358  20.984  1.00 53.38  ? 796  GLN B OE1   1 
ATOM   9    N NE2   . GLN A 1 12  ? -10.546 11.293  20.576  1.00 47.32  ? 796  GLN B NE2   1 
ATOM   10   N N     . HIS A 1 13  ? -10.218 9.920   15.284  1.00 42.58  ? 797  HIS B N     1 
ATOM   11   C CA    . HIS A 1 13  ? -10.629 8.832   14.402  1.00 42.02  ? 797  HIS B CA    1 
ATOM   12   C C     . HIS A 1 13  ? -9.673  7.689   14.530  1.00 42.45  ? 797  HIS B C     1 
ATOM   13   O O     . HIS A 1 13  ? -8.492  7.876   14.515  1.00 42.80  ? 797  HIS B O     1 
ATOM   14   C CB    . HIS A 1 13  ? -10.671 9.248   12.963  1.00 39.91  ? 797  HIS B CB    1 
ATOM   15   C CG    . HIS A 1 13  ? -11.436 8.303   12.106  1.00 44.18  ? 797  HIS B CG    1 
ATOM   16   N ND1   . HIS A 1 13  ? -10.853 7.272   11.417  1.00 40.10  ? 797  HIS B ND1   1 
ATOM   17   C CD2   . HIS A 1 13  ? -12.757 8.213   11.861  1.00 43.08  ? 797  HIS B CD2   1 
ATOM   18   C CE1   . HIS A 1 13  ? -11.782 6.589   10.793  1.00 37.00  ? 797  HIS B CE1   1 
ATOM   19   N NE2   . HIS A 1 13  ? -12.941 7.154   11.022  1.00 36.61  ? 797  HIS B NE2   1 
ATOM   20   N N     . PRO A 1 14  ? -10.176 6.488   14.660  1.00 36.40  ? 798  PRO B N     1 
ATOM   21   C CA    . PRO A 1 14  ? -9.238  5.385   14.852  1.00 35.63  ? 798  PRO B CA    1 
ATOM   22   C C     . PRO A 1 14  ? -8.124  5.337   13.832  1.00 38.23  ? 798  PRO B C     1 
ATOM   23   O O     . PRO A 1 14  ? -7.084  4.806   14.094  1.00 39.21  ? 798  PRO B O     1 
ATOM   24   C CB    . PRO A 1 14  ? -10.106 4.175   14.702  1.00 32.91  ? 798  PRO B CB    1 
ATOM   25   C CG    . PRO A 1 14  ? -11.386 4.588   15.192  1.00 33.69  ? 798  PRO B CG    1 
ATOM   26   C CD    . PRO A 1 14  ? -11.564 5.873   14.561  1.00 34.17  ? 798  PRO B CD    1 
ATOM   27   N N     . SER A 1 15  ? -8.360  5.916   12.678  1.00 37.40  ? 799  SER B N     1 
ATOM   28   C CA    . SER A 1 15  ? -7.402  5.916   11.616  1.00 37.11  ? 799  SER B CA    1 
ATOM   29   C C     . SER A 1 15  ? -6.237  6.823   11.876  1.00 37.49  ? 799  SER B C     1 
ATOM   30   O O     . SER A 1 15  ? -5.241  6.743   11.222  1.00 40.83  ? 799  SER B O     1 
ATOM   31   C CB    . SER A 1 15  ? -8.081  6.203   10.295  1.00 33.73  ? 799  SER B CB    1 
ATOM   32   O OG    . SER A 1 15  ? -8.247  7.543   10.019  1.00 33.45  ? 799  SER B OG    1 
ATOM   33   N N     . HIS A 1 16  ? -6.369  7.677   12.863  1.00 36.27  ? 800  HIS B N     1 
ATOM   34   C CA    . HIS A 1 16  ? -5.327  8.585   13.219  1.00 36.17  ? 800  HIS B CA    1 
ATOM   35   C C     . HIS A 1 16  ? -4.835  8.296   14.606  1.00 36.87  ? 800  HIS B C     1 
ATOM   36   O O     . HIS A 1 16  ? -3.693  8.379   14.868  1.00 36.69  ? 800  HIS B O     1 
ATOM   37   C CB    . HIS A 1 16  ? -5.828  10.000  13.087  1.00 34.88  ? 800  HIS B CB    1 
ATOM   38   C CG    . HIS A 1 16  ? -5.802  10.498  11.690  1.00 40.17  ? 800  HIS B CG    1 
ATOM   39   N ND1   . HIS A 1 16  ? -4.729  11.167  11.167  1.00 38.93  ? 800  HIS B ND1   1 
ATOM   40   C CD2   . HIS A 1 16  ? -6.696  10.390  10.692  1.00 40.25  ? 800  HIS B CD2   1 
ATOM   41   C CE1   . HIS A 1 16  ? -4.968  11.462  9.911   1.00 35.00  ? 800  HIS B CE1   1 
ATOM   42   N NE2   . HIS A 1 16  ? -6.156  11.004  9.600   1.00 38.07  ? 800  HIS B NE2   1 
ATOM   43   N N     . GLU A 1 17  ? -5.737  7.928   15.488  1.00 41.81  ? 801  GLU B N     1 
ATOM   44   C CA    . GLU A 1 17  ? -5.423  7.596   16.850  1.00 40.87  ? 801  GLU B CA    1 
ATOM   45   C C     . GLU A 1 17  ? -4.512  6.388   16.941  1.00 40.31  ? 801  GLU B C     1 
ATOM   46   O O     . GLU A 1 17  ? -3.693  6.293   17.810  1.00 39.63  ? 801  GLU B O     1 
ATOM   47   C CB    . GLU A 1 17  ? -6.725  7.338   17.580  1.00 37.64  ? 801  GLU B CB    1 
ATOM   48   C CG    . GLU A 1 17  ? -6.622  7.367   19.065  1.00 40.13  ? 801  GLU B CG    1 
ATOM   49   C CD    . GLU A 1 17  ? -6.390  8.745   19.567  1.00 49.00  ? 801  GLU B CD    1 
ATOM   50   O OE1   . GLU A 1 17  ? -6.875  9.685   18.936  1.00 46.85  ? 801  GLU B OE1   1 
ATOM   51   O OE2   . GLU A 1 17  ? -5.726  8.879   20.601  1.00 47.60  ? 801  GLU B OE2   1 
ATOM   52   N N     . LEU A 1 18  ? -4.675  5.464   16.026  1.00 35.67  ? 802  LEU B N     1 
ATOM   53   C CA    . LEU A 1 18  ? -3.872  4.291   16.024  1.00 34.59  ? 802  LEU B CA    1 
ATOM   54   C C     . LEU A 1 18  ? -2.527  4.568   15.441  1.00 36.11  ? 802  LEU B C     1 
ATOM   55   O O     . LEU A 1 18  ? -1.716  3.704   15.390  1.00 34.93  ? 802  LEU B O     1 
ATOM   56   C CB    . LEU A 1 18  ? -4.589  3.181   15.318  1.00 33.42  ? 802  LEU B CB    1 
ATOM   57   C CG    . LEU A 1 18  ? -5.747  2.607   16.095  1.00 31.84  ? 802  LEU B CG    1 
ATOM   58   C CD1   . LEU A 1 18  ? -6.706  1.947   15.163  1.00 33.15  ? 802  LEU B CD1   1 
ATOM   59   C CD2   . LEU A 1 18  ? -5.307  1.611   17.122  1.00 32.51  ? 802  LEU B CD2   1 
ATOM   60   N N     . LEU A 1 19  ? -2.291  5.801   15.013  1.00 40.06  ? 803  LEU B N     1 
ATOM   61   C CA    . LEU A 1 19  ? -1.000  6.181   14.461  1.00 37.85  ? 803  LEU B CA    1 
ATOM   62   C C     . LEU A 1 19  ? -0.156  6.936   15.484  1.00 39.07  ? 803  LEU B C     1 
ATOM   63   O O     . LEU A 1 19  ? 1.028   7.195   15.254  1.00 34.75  ? 803  LEU B O     1 
ATOM   64   C CB    . LEU A 1 19  ? -1.183  7.030   13.203  1.00 34.75  ? 803  LEU B CB    1 
ATOM   65   C CG    . LEU A 1 19  ? -1.766  6.342   11.968  1.00 33.89  ? 803  LEU B CG    1 
ATOM   66   C CD1   . LEU A 1 19  ? -1.837  7.317   10.801  1.00 28.59  ? 803  LEU B CD1   1 
ATOM   67   C CD2   . LEU A 1 19  ? -0.942  5.117   11.599  1.00 29.19  ? 803  LEU B CD2   1 
ATOM   68   N N     . LYS A 1 20  ? -0.771  7.297   16.608  1.00 41.31  ? 804  LYS B N     1 
ATOM   69   C CA    . LYS A 1 20  ? -0.074  8.003   17.683  1.00 41.31  ? 804  LYS B CA    1 
ATOM   70   C C     . LYS A 1 20  ? 0.949   7.096   18.359  1.00 46.94  ? 804  LYS B C     1 
ATOM   71   O O     . LYS A 1 20  ? 0.827   5.870   18.304  1.00 46.72  ? 804  LYS B O     1 
ATOM   72   C CB    . LYS A 1 20  ? -1.074  8.534   18.709  1.00 41.08  ? 804  LYS B CB    1 
ATOM   73   C CG    . LYS A 1 20  ? -1.953  9.662   18.189  1.00 40.12  ? 804  LYS B CG    1 
ATOM   74   C CD    . LYS A 1 20  ? -3.171  9.872   19.074  1.00 47.22  ? 804  LYS B CD    1 
ATOM   75   C CE    . LYS A 1 20  ? -2.776  10.036  20.532  1.00 49.91  ? 804  LYS B CE    1 
ATOM   76   N NZ    . LYS A 1 20  ? -3.968  10.065  21.426  1.00 48.60  ? 804  LYS B NZ    1 
ATOM   77   N N     . GLU A 1 21  ? 1.937   7.715   19.005  1.00 47.94  ? 805  GLU B N     1 
ATOM   78   C CA    . GLU A 1 21  ? 3.092   7.030   19.593  1.00 51.01  ? 805  GLU B CA    1 
ATOM   79   C C     . GLU A 1 21  ? 2.773   5.697   20.271  1.00 54.68  ? 805  GLU B C     1 
ATOM   80   O O     . GLU A 1 21  ? 3.418   4.684   19.998  1.00 52.24  ? 805  GLU B O     1 
ATOM   81   C CB    . GLU A 1 21  ? 3.780   7.952   20.602  1.00 49.18  ? 805  GLU B CB    1 
ATOM   82   N N     . ASN A 1 22  ? 1.781   5.703   21.153  1.00 52.17  ? 806  ASN B N     1 
ATOM   83   C CA    . ASN A 1 22  ? 1.382   4.493   21.864  1.00 48.56  ? 806  ASN B CA    1 
ATOM   84   C C     . ASN A 1 22  ? -0.117  4.270   21.752  1.00 51.69  ? 806  ASN B C     1 
ATOM   85   O O     . ASN A 1 22  ? -0.746  3.740   22.669  1.00 54.92  ? 806  ASN B O     1 
ATOM   86   C CB    . ASN A 1 22  ? 1.793   4.575   23.335  1.00 55.82  ? 806  ASN B CB    1 
ATOM   87   C CG    . ASN A 1 22  ? 3.219   4.115   23.569  1.00 56.10  ? 806  ASN B CG    1 
ATOM   88   O OD1   . ASN A 1 22  ? 3.452   3.089   24.205  1.00 59.98  ? 806  ASN B OD1   1 
ATOM   89   N ND2   . ASN A 1 22  ? 4.183   4.873   23.051  1.00 52.13  ? 806  ASN B ND2   1 
ATOM   90   N N     . GLY A 1 23  ? -0.687  4.673   20.619  1.00 50.01  ? 807  GLY B N     1 
ATOM   91   C CA    . GLY A 1 23  ? -2.125  4.613   20.423  1.00 44.74  ? 807  GLY B CA    1 
ATOM   92   C C     . GLY A 1 23  ? -2.679  3.286   19.940  1.00 38.03  ? 807  GLY B C     1 
ATOM   93   O O     . GLY A 1 23  ? -3.893  3.087   19.946  1.00 37.64  ? 807  GLY B O     1 
ATOM   94   N N     . PHE A 1 24  ? -1.807  2.373   19.527  1.00 38.58  ? 808  PHE B N     1 
ATOM   95   C CA    . PHE A 1 24  ? -2.266  1.104   18.967  1.00 36.64  ? 808  PHE B CA    1 
ATOM   96   C C     . PHE A 1 24  ? -2.572  0.061   20.036  1.00 37.19  ? 808  PHE B C     1 
ATOM   97   O O     . PHE A 1 24  ? -1.707  -0.306  20.829  1.00 41.17  ? 808  PHE B O     1 
ATOM   98   C CB    . PHE A 1 24  ? -1.233  0.535   17.984  1.00 31.77  ? 808  PHE B CB    1 
ATOM   99   C CG    . PHE A 1 24  ? -1.721  -0.674  17.231  1.00 33.18  ? 808  PHE B CG    1 
ATOM   100  C CD1   . PHE A 1 24  ? -1.554  -1.949  17.747  1.00 38.00  ? 808  PHE B CD1   1 
ATOM   101  C CD2   . PHE A 1 24  ? -2.355  -0.531  16.008  1.00 33.89  ? 808  PHE B CD2   1 
ATOM   102  C CE1   . PHE A 1 24  ? -2.006  -3.058  17.063  1.00 36.26  ? 808  PHE B CE1   1 
ATOM   103  C CE2   . PHE A 1 24  ? -2.808  -1.638  15.312  1.00 35.49  ? 808  PHE B CE2   1 
ATOM   104  C CZ    . PHE A 1 24  ? -2.634  -2.903  15.841  1.00 36.19  ? 808  PHE B CZ    1 
ATOM   105  N N     . THR A 1 25  ? -3.813  -0.417  20.046  1.00 37.25  ? 809  THR B N     1 
ATOM   106  C CA    . THR A 1 25  ? -4.174  -1.612  20.801  1.00 36.51  ? 809  THR B CA    1 
ATOM   107  C C     . THR A 1 25  ? -4.878  -2.594  19.872  1.00 31.80  ? 809  THR B C     1 
ATOM   108  O O     . THR A 1 25  ? -5.548  -2.189  18.924  1.00 33.84  ? 809  THR B O     1 
ATOM   109  C CB    . THR A 1 25  ? -5.075  -1.294  22.004  1.00 35.15  ? 809  THR B CB    1 
ATOM   110  O OG1   . THR A 1 25  ? -6.237  -0.581  21.564  1.00 34.42  ? 809  THR B OG1   1 
ATOM   111  C CG2   . THR A 1 25  ? -4.324  -0.460  23.023  1.00 35.39  ? 809  THR B CG2   1 
ATOM   112  N N     . GLN A 1 26  ? -4.720  -3.884  20.147  1.00 31.47  ? 810  GLN B N     1 
ATOM   113  C CA    . GLN A 1 26  ? -5.326  -4.924  19.327  1.00 32.70  ? 810  GLN B CA    1 
ATOM   114  C C     . GLN A 1 26  ? -6.849  -4.789  19.279  1.00 32.18  ? 810  GLN B C     1 
ATOM   115  O O     . GLN A 1 26  ? -7.461  -4.954  18.225  1.00 35.91  ? 810  GLN B O     1 
ATOM   116  C CB    . GLN A 1 26  ? -4.941  -6.311  19.849  1.00 29.39  ? 810  GLN B CB    1 
ATOM   117  N N     . HIS A 1 27  ? -7.452  -4.474  20.421  1.00 31.31  ? 811  HIS B N     1 
ATOM   118  C CA    . HIS A 1 27  ? -8.905  -4.387  20.515  1.00 32.50  ? 811  HIS B CA    1 
ATOM   119  C C     . HIS A 1 27  ? -9.486  -3.283  19.634  1.00 34.80  ? 811  HIS B C     1 
ATOM   120  O O     . HIS A 1 27  ? -10.464 -3.503  18.921  1.00 33.07  ? 811  HIS B O     1 
ATOM   121  C CB    . HIS A 1 27  ? -9.348  -4.153  21.958  1.00 29.07  ? 811  HIS B CB    1 
ATOM   122  C CG    . HIS A 1 27  ? -10.824 -3.929  22.094  1.00 32.74  ? 811  HIS B CG    1 
ATOM   123  N ND1   . HIS A 1 27  ? -11.734 -4.964  22.127  1.00 31.84  ? 811  HIS B ND1   1 
ATOM   124  C CD2   . HIS A 1 27  ? -11.546 -2.788  22.177  1.00 32.49  ? 811  HIS B CD2   1 
ATOM   125  C CE1   . HIS A 1 27  ? -12.953 -4.472  22.239  1.00 33.43  ? 811  HIS B CE1   1 
ATOM   126  N NE2   . HIS A 1 27  ? -12.868 -3.152  22.267  1.00 33.86  ? 811  HIS B NE2   1 
ATOM   127  N N     . VAL A 1 28  ? -8.887  -2.098  19.705  1.00 32.70  ? 812  VAL B N     1 
ATOM   128  C CA    . VAL A 1 28  ? -9.382  -0.944  18.966  1.00 31.69  ? 812  VAL B CA    1 
ATOM   129  C C     . VAL A 1 28  ? -9.241  -1.143  17.461  1.00 31.67  ? 812  VAL B C     1 
ATOM   130  O O     . VAL A 1 28  ? -10.164 -0.850  16.704  1.00 30.87  ? 812  VAL B O     1 
ATOM   131  C CB    . VAL A 1 28  ? -8.667  0.342   19.424  1.00 38.20  ? 812  VAL B CB    1 
ATOM   132  C CG1   . VAL A 1 28  ? -8.892  1.468   18.423  1.00 30.15  ? 812  VAL B CG1   1 
ATOM   133  C CG2   . VAL A 1 28  ? -9.161  0.748   20.801  1.00 30.63  ? 812  VAL B CG2   1 
ATOM   134  N N     . TYR A 1 29  ? -8.089  -1.653  17.037  1.00 32.99  ? 813  TYR B N     1 
ATOM   135  C CA    . TYR A 1 29  ? -7.831  -1.891  15.620  1.00 32.98  ? 813  TYR B CA    1 
ATOM   136  C C     . TYR A 1 29  ? -8.805  -2.899  15.011  1.00 30.82  ? 813  TYR B C     1 
ATOM   137  O O     . TYR A 1 29  ? -9.371  -2.657  13.944  1.00 29.58  ? 813  TYR B O     1 
ATOM   138  C CB    . TYR A 1 29  ? -6.394  -2.375  15.410  1.00 30.81  ? 813  TYR B CB    1 
ATOM   139  C CG    . TYR A 1 29  ? -6.142  -2.928  14.021  1.00 29.96  ? 813  TYR B CG    1 
ATOM   140  C CD1   . TYR A 1 29  ? -6.080  -2.089  12.915  1.00 29.21  ? 813  TYR B CD1   1 
ATOM   141  C CD2   . TYR A 1 29  ? -5.964  -4.292  13.820  1.00 28.22  ? 813  TYR B CD2   1 
ATOM   142  C CE1   . TYR A 1 29  ? -5.851  -2.597  11.645  1.00 32.73  ? 813  TYR B CE1   1 
ATOM   143  C CE2   . TYR A 1 29  ? -5.731  -4.807  12.558  1.00 30.89  ? 813  TYR B CE2   1 
ATOM   144  C CZ    . TYR A 1 29  ? -5.677  -3.957  11.473  1.00 29.19  ? 813  TYR B CZ    1 
ATOM   145  O OH    . TYR A 1 29  ? -5.446  -4.471  10.216  1.00 25.07  ? 813  TYR B OH    1 
ATOM   146  N N     . HIS A 1 30  ? -8.996  -4.024  15.694  1.00 31.94  ? 814  HIS B N     1 
ATOM   147  C CA    . HIS A 1 30  ? -9.895  -5.072  15.218  1.00 30.54  ? 814  HIS B CA    1 
ATOM   148  C C     . HIS A 1 30  ? -11.330 -4.567  15.075  1.00 29.38  ? 814  HIS B C     1 
ATOM   149  O O     . HIS A 1 30  ? -11.995 -4.835  14.072  1.00 27.56  ? 814  HIS B O     1 
ATOM   150  C CB    . HIS A 1 30  ? -9.843  -6.283  16.155  1.00 29.35  ? 814  HIS B CB    1 
ATOM   151  C CG    . HIS A 1 30  ? -8.618  -7.125  15.980  1.00 32.82  ? 814  HIS B CG    1 
ATOM   152  N ND1   . HIS A 1 30  ? -8.060  -7.383  14.745  1.00 30.51  ? 814  HIS B ND1   1 
ATOM   153  C CD2   . HIS A 1 30  ? -7.837  -7.765  16.884  1.00 34.13  ? 814  HIS B CD2   1 
ATOM   154  C CE1   . HIS A 1 30  ? -6.993  -8.145  14.894  1.00 27.23  ? 814  HIS B CE1   1 
ATOM   155  N NE2   . HIS A 1 30  ? -6.834  -8.390  16.186  1.00 27.48  ? 814  HIS B NE2   1 
ATOM   156  N N     . LYS A 1 31  ? -11.802 -3.829  16.075  1.00 31.69  ? 815  LYS B N     1 
ATOM   157  C CA    . LYS A 1 31  ? -13.130 -3.230  16.016  1.00 29.03  ? 815  LYS B CA    1 
ATOM   158  C C     . LYS A 1 31  ? -13.242 -2.288  14.825  1.00 29.08  ? 815  LYS B C     1 
ATOM   159  O O     . LYS A 1 31  ? -14.238 -2.288  14.096  1.00 26.84  ? 815  LYS B O     1 
ATOM   160  C CB    . LYS A 1 31  ? -13.433 -2.479  17.310  1.00 27.12  ? 815  LYS B CB    1 
ATOM   161  C CG    . LYS A 1 31  ? -14.697 -1.643  17.255  1.00 25.41  ? 815  LYS B CG    1 
ATOM   162  C CD    . LYS A 1 31  ? -14.949 -0.946  18.577  1.00 35.76  ? 815  LYS B CD    1 
ATOM   163  C CE    . LYS A 1 31  ? -13.759 -0.098  18.998  1.00 29.77  ? 815  LYS B CE    1 
ATOM   164  N NZ    . LYS A 1 31  ? -14.025 0.605   20.286  1.00 32.99  ? 815  LYS B NZ    1 
ATOM   165  N N     . TYR A 1 32  ? -12.198 -1.493  14.635  1.00 28.17  ? 816  TYR B N     1 
ATOM   166  C CA    . TYR A 1 32  ? -12.143 -0.503  13.571  1.00 26.53  ? 816  TYR B CA    1 
ATOM   167  C C     . TYR A 1 32  ? -11.954 -1.146  12.196  1.00 29.64  ? 816  TYR B C     1 
ATOM   168  O O     . TYR A 1 32  ? -12.540 -0.697  11.211  1.00 28.99  ? 816  TYR B O     1 
ATOM   169  C CB    . TYR A 1 32  ? -11.022 0.490   13.882  1.00 29.76  ? 816  TYR B CB    1 
ATOM   170  C CG    . TYR A 1 32  ? -10.392 1.183   12.703  1.00 27.49  ? 816  TYR B CG    1 
ATOM   171  C CD1   . TYR A 1 32  ? -11.082 2.148   11.983  1.00 27.18  ? 816  TYR B CD1   1 
ATOM   172  C CD2   . TYR A 1 32  ? -9.080  0.904   12.340  1.00 28.96  ? 816  TYR B CD2   1 
ATOM   173  C CE1   . TYR A 1 32  ? -10.488 2.801   10.920  1.00 29.34  ? 816  TYR B CE1   1 
ATOM   174  C CE2   . TYR A 1 32  ? -8.481  1.546   11.281  1.00 32.35  ? 816  TYR B CE2   1 
ATOM   175  C CZ    . TYR A 1 32  ? -9.187  2.493   10.574  1.00 33.09  ? 816  TYR B CZ    1 
ATOM   176  O OH    . TYR A 1 32  ? -8.580  3.129   9.519   1.00 28.63  ? 816  TYR B OH    1 
ATOM   177  N N     . ARG A 1 33  ? -11.148 -2.202  12.140  1.00 29.79  ? 817  ARG B N     1 
ATOM   178  C CA    . ARG A 1 33  ? -10.954 -2.962  10.905  1.00 28.36  ? 817  ARG B CA    1 
ATOM   179  C C     . ARG A 1 33  ? -12.251 -3.638  10.467  1.00 28.87  ? 817  ARG B C     1 
ATOM   180  O O     . ARG A 1 33  ? -12.553 -3.708  9.276   1.00 33.16  ? 817  ARG B O     1 
ATOM   181  C CB    . ARG A 1 33  ? -9.850  -4.007  11.091  1.00 28.88  ? 817  ARG B CB    1 
ATOM   182  C CG    . ARG A 1 33  ? -9.690  -4.974  9.927   1.00 25.41  ? 817  ARG B CG    1 
ATOM   183  C CD    . ARG A 1 33  ? -8.797  -6.145  10.307  1.00 26.47  ? 817  ARG B CD    1 
ATOM   184  N NE    . ARG A 1 33  ? -8.780  -7.179  9.274   1.00 29.32  ? 817  ARG B NE    1 
ATOM   185  C CZ    . ARG A 1 33  ? -9.641  -8.192  9.215   1.00 29.86  ? 817  ARG B CZ    1 
ATOM   186  N NH1   . ARG A 1 33  ? -10.596 -8.312  10.126  1.00 25.77  ? 817  ARG B NH1   1 
ATOM   187  N NH2   . ARG A 1 33  ? -9.551  -9.085  8.237   1.00 29.64  ? 817  ARG B NH2   1 
ATOM   188  N N     . ARG A 1 34  ? -13.004 -4.133  11.431  1.00 27.37  ? 818  ARG B N     1 
ATOM   189  C CA    . ARG A 1 34  ? -14.269 -4.778  11.165  1.00 27.59  ? 818  ARG B CA    1 
ATOM   190  C C     . ARG A 1 34  ? -15.318 -3.846  10.565  1.00 29.42  ? 818  ARG B C     1 
ATOM   191  O O     . ARG A 1 34  ? -15.980 -4.196  9.617   1.00 28.40  ? 818  ARG B O     1 
ATOM   192  C CB    . ARG A 1 34  ? -14.769 -5.458  12.444  1.00 27.30  ? 818  ARG B CB    1 
ATOM   193  C CG    . ARG A 1 34  ? -16.168 -6.031  12.378  1.00 32.02  ? 818  ARG B CG    1 
ATOM   194  C CD    . ARG A 1 34  ? -16.303 -7.078  11.303  1.00 29.89  ? 818  ARG B CD    1 
ATOM   195  N NE    . ARG A 1 34  ? -15.336 -8.130  11.486  1.00 27.44  ? 818  ARG B NE    1 
ATOM   196  C CZ    . ARG A 1 34  ? -14.772 -8.803  10.502  1.00 29.14  ? 818  ARG B CZ    1 
ATOM   197  N NH1   . ARG A 1 34  ? -15.072 -8.537  9.252   1.00 30.37  ? 818  ARG B NH1   1 
ATOM   198  N NH2   . ARG A 1 34  ? -13.904 -9.742  10.779  1.00 32.28  ? 818  ARG B NH2   1 
ATOM   199  N N     . ARG A 1 35  ? -15.430 -2.640  11.096  1.00 30.51  ? 819  ARG B N     1 
ATOM   200  C CA    . ARG A 1 35  ? -16.377 -1.665  10.593  1.00 26.92  ? 819  ARG B CA    1 
ATOM   201  C C     . ARG A 1 35  ? -16.090 -1.253  9.161   1.00 28.28  ? 819  ARG B C     1 
ATOM   202  O O     . ARG A 1 35  ? -16.991 -1.054  8.378   1.00 26.61  ? 819  ARG B O     1 
ATOM   203  C CB    . ARG A 1 35  ? -16.410 -0.437  11.498  1.00 28.23  ? 819  ARG B CB    1 
ATOM   204  N N     . CYS A 1 36  ? -14.814 -1.075  8.848   1.00 30.36  ? 820  CYS B N     1 
ATOM   205  C CA    . CYS A 1 36  ? -14.415 -0.685  7.506   1.00 28.46  ? 820  CYS B CA    1 
ATOM   206  C C     . CYS A 1 36  ? -14.735 -1.771  6.497   1.00 25.12  ? 820  CYS B C     1 
ATOM   207  O O     . CYS A 1 36  ? -15.237 -1.500  5.416   1.00 28.63  ? 820  CYS B O     1 
ATOM   208  C CB    . CYS A 1 36  ? -12.926 -0.353  7.461   1.00 25.19  ? 820  CYS B CB    1 
ATOM   209  S SG    . CYS A 1 36  ? -12.431 1.065   8.456   1.00 26.20  ? 820  CYS B SG    1 
ATOM   210  N N     . LEU A 1 37  ? -14.438 -3.011  6.863   1.00 26.93  ? 821  LEU B N     1 
ATOM   211  C CA    . LEU A 1 37  ? -14.704 -4.141  5.991   1.00 28.19  ? 821  LEU B CA    1 
ATOM   212  C C     . LEU A 1 37  ? -16.194 -4.323  5.772   1.00 28.98  ? 821  LEU B C     1 
ATOM   213  O O     . LEU A 1 37  ? -16.637 -4.602  4.669   1.00 27.34  ? 821  LEU B O     1 
ATOM   214  C CB    . LEU A 1 37  ? -14.083 -5.418  6.550   1.00 29.00  ? 821  LEU B CB    1 
ATOM   215  C CG    . LEU A 1 37  ? -12.558 -5.476  6.618   1.00 31.45  ? 821  LEU B CG    1 
ATOM   216  C CD1   . LEU A 1 37  ? -12.120 -6.856  7.069   1.00 25.28  ? 821  LEU B CD1   1 
ATOM   217  C CD2   . LEU A 1 37  ? -11.932 -5.127  5.280   1.00 27.31  ? 821  LEU B CD2   1 
ATOM   218  N N     . ASN A 1 38  ? -16.959 -4.167  6.844   1.00 29.25  ? 822  ASN B N     1 
ATOM   219  C CA    . ASN A 1 38  ? -18.404 -4.300  6.776   1.00 29.72  ? 822  ASN B CA    1 
ATOM   220  C C     . ASN A 1 38  ? -19.023 -3.236  5.890   1.00 31.07  ? 822  ASN B C     1 
ATOM   221  O O     . ASN A 1 38  ? -19.925 -3.517  5.112   1.00 32.58  ? 822  ASN B O     1 
ATOM   222  C CB    . ASN A 1 38  ? -19.015 -4.225  8.173   1.00 29.99  ? 822  ASN B CB    1 
ATOM   223  C CG    . ASN A 1 38  ? -18.882 -5.519  8.940   1.00 31.40  ? 822  ASN B CG    1 
ATOM   224  O OD1   . ASN A 1 38  ? -18.556 -6.556  8.376   1.00 34.37  ? 822  ASN B OD1   1 
ATOM   225  N ND2   . ASN A 1 38  ? -19.138 -5.463  10.235  1.00 32.24  ? 822  ASN B ND2   1 
ATOM   226  N N     . GLU A 1 39  ? -18.537 -2.007  6.018   1.00 27.96  ? 823  GLU B N     1 
ATOM   227  C CA    . GLU A 1 39  ? -19.042 -0.909  5.213   1.00 32.05  ? 823  GLU B CA    1 
ATOM   228  C C     . GLU A 1 39  ? -18.744 -1.145  3.742   1.00 32.78  ? 823  GLU B C     1 
ATOM   229  O O     . GLU A 1 39  ? -19.573 -0.876  2.883   1.00 33.31  ? 823  GLU B O     1 
ATOM   230  C CB    . GLU A 1 39  ? -18.466 0.430   5.662   1.00 29.30  ? 823  GLU B CB    1 
ATOM   231  C CG    . GLU A 1 39  ? -19.275 1.612   5.166   1.00 30.91  ? 823  GLU B CG    1 
ATOM   232  C CD    . GLU A 1 39  ? -18.486 2.897   5.138   1.00 33.08  ? 823  GLU B CD    1 
ATOM   233  O OE1   . GLU A 1 39  ? -17.248 2.828   5.043   1.00 33.52  ? 823  GLU B OE1   1 
ATOM   234  O OE2   . GLU A 1 39  ? -19.107 3.974   5.199   1.00 32.57  ? 823  GLU B OE2   1 
ATOM   235  N N     . ARG A 1 40  ? -17.554 -1.652  3.461   1.00 30.36  ? 824  ARG B N     1 
ATOM   236  C CA    . ARG A 1 40  ? -17.155 -1.935  2.097   1.00 28.93  ? 824  ARG B CA    1 
ATOM   237  C C     . ARG A 1 40  ? -18.077 -2.996  1.516   1.00 32.35  ? 824  ARG B C     1 
ATOM   238  O O     . ARG A 1 40  ? -18.508 -2.890  0.377   1.00 31.12  ? 824  ARG B O     1 
ATOM   239  C CB    . ARG A 1 40  ? -15.701 -2.404  2.069   1.00 28.61  ? 824  ARG B CB    1 
ATOM   240  C CG    . ARG A 1 40  ? -15.120 -2.655  0.689   1.00 28.24  ? 824  ARG B CG    1 
ATOM   241  C CD    . ARG A 1 40  ? -13.630 -2.926  0.793   1.00 30.89  ? 824  ARG B CD    1 
ATOM   242  N NE    . ARG A 1 40  ? -13.044 -3.402  -0.451  1.00 31.18  ? 824  ARG B NE    1 
ATOM   243  C CZ    . ARG A 1 40  ? -12.914 -4.685  -0.774  1.00 30.81  ? 824  ARG B CZ    1 
ATOM   244  N NH1   . ARG A 1 40  ? -13.332 -5.626  0.058   1.00 28.48  ? 824  ARG B NH1   1 
ATOM   245  N NH2   . ARG A 1 40  ? -12.365 -5.024  -1.926  1.00 26.61  ? 824  ARG B NH2   1 
ATOM   246  N N     . LYS A 1 41  ? -18.380 -4.018  2.309   1.00 32.95  ? 825  LYS B N     1 
ATOM   247  C CA    . LYS A 1 41  ? -19.264 -5.080  1.862   1.00 29.87  ? 825  LYS B CA    1 
ATOM   248  C C     . LYS A 1 41  ? -20.659 -4.546  1.596   1.00 32.47  ? 825  LYS B C     1 
ATOM   249  O O     . LYS A 1 41  ? -21.281 -4.888  0.598   1.00 32.74  ? 825  LYS B O     1 
ATOM   250  C CB    . LYS A 1 41  ? -19.368 -6.173  2.925   1.00 29.46  ? 825  LYS B CB    1 
ATOM   251  C CG    . LYS A 1 41  ? -18.173 -7.097  3.023   1.00 36.97  ? 825  LYS B CG    1 
ATOM   252  C CD    . LYS A 1 41  ? -18.337 -8.067  4.180   1.00 35.97  ? 825  LYS B CD    1 
ATOM   253  C CE    . LYS A 1 41  ? -17.152 -9.014  4.282   1.00 37.56  ? 825  LYS B CE    1 
ATOM   254  N NZ    . LYS A 1 41  ? -17.160 -9.780  5.554   1.00 43.25  ? 825  LYS B NZ    1 
ATOM   255  N N     . ARG A 1 42  ? -21.146 -3.714  2.510   1.00 30.85  ? 826  ARG B N     1 
ATOM   256  C CA    . ARG A 1 42  ? -22.474 -3.136  2.386   1.00 30.82  ? 826  ARG B CA    1 
ATOM   257  C C     . ARG A 1 42  ? -22.673 -2.160  1.227   1.00 31.77  ? 826  ARG B C     1 
ATOM   258  O O     . ARG A 1 42  ? -23.669 -2.231  0.516   1.00 34.17  ? 826  ARG B O     1 
ATOM   259  C CB    . ARG A 1 42  ? -22.859 -2.456  3.702   1.00 33.22  ? 826  ARG B CB    1 
ATOM   260  C CG    . ARG A 1 42  ? -24.331 -2.112  3.812   1.00 31.57  ? 826  ARG B CG    1 
ATOM   261  C CD    . ARG A 1 42  ? -24.662 -1.438  5.130   1.00 35.60  ? 826  ARG B CD    1 
ATOM   262  N NE    . ARG A 1 42  ? -24.230 -0.049  5.156   1.00 42.55  ? 826  ARG B NE    1 
ATOM   263  C CZ    . ARG A 1 42  ? -23.259 0.422   5.930   1.00 41.13  ? 826  ARG B CZ    1 
ATOM   264  N NH1   . ARG A 1 42  ? -22.617 -0.390  6.758   1.00 34.54  ? 826  ARG B NH1   1 
ATOM   265  N NH2   . ARG A 1 42  ? -22.936 1.705   5.878   1.00 36.06  ? 826  ARG B NH2   1 
ATOM   266  N N     . LEU A 1 43  ? -21.725 -1.249  1.043   1.00 28.61  ? 827  LEU B N     1 
ATOM   267  C CA    . LEU A 1 43  ? -21.830 -0.248  -0.015  1.00 29.26  ? 827  LEU B CA    1 
ATOM   268  C C     . LEU A 1 43  ? -21.059 -0.558  -1.295  1.00 35.11  ? 827  LEU B C     1 
ATOM   269  O O     . LEU A 1 43  ? -21.149 0.181   -2.264  1.00 36.88  ? 827  LEU B O     1 
ATOM   270  C CB    . LEU A 1 43  ? -21.417 1.121   0.518   1.00 29.51  ? 827  LEU B CB    1 
ATOM   271  C CG    . LEU A 1 43  ? -22.056 1.597   1.819   1.00 30.29  ? 827  LEU B CG    1 
ATOM   272  C CD1   . LEU A 1 43  ? -21.450 2.917   2.256   1.00 29.16  ? 827  LEU B CD1   1 
ATOM   273  C CD2   . LEU A 1 43  ? -23.560 1.728   1.671   1.00 31.57  ? 827  LEU B CD2   1 
ATOM   274  N N     . GLY A 1 44  ? -20.306 -1.648  -1.297  1.00 29.77  ? 828  GLY B N     1 
ATOM   275  C CA    . GLY A 1 44  ? -19.530 -2.021  -2.462  1.00 29.22  ? 828  GLY B CA    1 
ATOM   276  C C     . GLY A 1 44  ? -18.150 -1.390  -2.532  1.00 28.56  ? 828  GLY B C     1 
ATOM   277  O O     . GLY A 1 44  ? -17.814 -0.500  -1.763  1.00 32.55  ? 828  GLY B O     1 
ATOM   278  N N     . ILE A 1 45  ? -17.350 -1.866  -3.473  1.00 28.10  ? 829  ILE B N     1 
ATOM   279  C CA    . ILE A 1 45  ? -15.997 -1.376  -3.663  1.00 28.56  ? 829  ILE B CA    1 
ATOM   280  C C     . ILE A 1 45  ? -15.935 0.056   -4.188  1.00 29.91  ? 829  ILE B C     1 
ATOM   281  O O     . ILE A 1 45  ? -16.675 0.433   -5.091  1.00 36.15  ? 829  ILE B O     1 
ATOM   282  C CB    . ILE A 1 45  ? -15.214 -2.321  -4.594  1.00 26.48  ? 829  ILE B CB    1 
ATOM   283  C CG1   . ILE A 1 45  ? -15.088 -3.697  -3.939  1.00 22.51  ? 829  ILE B CG1   1 
ATOM   284  C CG2   . ILE A 1 45  ? -13.853 -1.743  -4.939  1.00 28.17  ? 829  ILE B CG2   1 
ATOM   285  C CD1   . ILE A 1 45  ? -14.462 -4.753  -4.820  1.00 24.35  ? 829  ILE B CD1   1 
ATOM   286  N N     . GLY A 1 46  ? -15.040 0.841   -3.604  1.00 25.23  ? 830  GLY B N     1 
ATOM   287  C CA    . GLY A 1 46  ? -14.837 2.220   -3.995  1.00 26.68  ? 830  GLY B CA    1 
ATOM   288  C C     . GLY A 1 46  ? -15.880 3.172   -3.451  1.00 27.26  ? 830  GLY B C     1 
ATOM   289  O O     . GLY A 1 46  ? -15.869 4.356   -3.762  1.00 37.16  ? 830  GLY B O     1 
ATOM   290  N N     . GLN A 1 47  ? -16.794 2.647   -2.644  1.00 30.61  ? 831  GLN B N     1 
ATOM   291  C CA    . GLN A 1 47  ? -17.854 3.464   -2.072  1.00 32.95  ? 831  GLN B CA    1 
ATOM   292  C C     . GLN A 1 47  ? -17.821 3.632   -0.560  1.00 33.23  ? 831  GLN B C     1 
ATOM   293  O O     . GLN A 1 47  ? -18.768 4.146   0.018   1.00 35.27  ? 831  GLN B O     1 
ATOM   294  C CB    . GLN A 1 47  ? -19.218 2.945   -2.513  1.00 31.40  ? 831  GLN B CB    1 
ATOM   295  C CG    . GLN A 1 47  ? -19.361 2.884   -4.022  1.00 37.01  ? 831  GLN B CG    1 
ATOM   296  C CD    . GLN A 1 47  ? -20.796 2.942   -4.481  1.00 38.58  ? 831  GLN B CD    1 
ATOM   297  O OE1   . GLN A 1 47  ? -21.247 2.089   -5.226  1.00 41.34  ? 831  GLN B OE1   1 
ATOM   298  N NE2   . GLN A 1 47  ? -21.516 3.959   -4.039  1.00 36.39  ? 831  GLN B NE2   1 
ATOM   299  N N     . SER A 1 48  ? -16.750 3.196   0.086   1.00 26.79  ? 832  SER B N     1 
ATOM   300  C CA    . SER A 1 48  ? -16.684 3.321   1.532   1.00 26.95  ? 832  SER B CA    1 
ATOM   301  C C     . SER A 1 48  ? -15.649 4.326   2.005   1.00 27.23  ? 832  SER B C     1 
ATOM   302  O O     . SER A 1 48  ? -14.469 4.203   1.702   1.00 29.49  ? 832  SER B O     1 
ATOM   303  C CB    . SER A 1 48  ? -16.415 1.956   2.162   1.00 28.47  ? 832  SER B CB    1 
ATOM   304  O OG    . SER A 1 48  ? -16.460 2.036   3.568   1.00 32.72  ? 832  SER B OG    1 
ATOM   305  N N     . GLN A 1 49  ? -16.113 5.320   2.753   1.00 28.60  ? 833  GLN B N     1 
ATOM   306  C CA    . GLN A 1 49  ? -15.252 6.352   3.305   1.00 27.56  ? 833  GLN B CA    1 
ATOM   307  C C     . GLN A 1 49  ? -14.277 5.749   4.302   1.00 29.52  ? 833  GLN B C     1 
ATOM   308  O O     . GLN A 1 49  ? -13.113 6.121   4.352   1.00 28.33  ? 833  GLN B O     1 
ATOM   309  C CB    . GLN A 1 49  ? -16.084 7.441   3.975   1.00 25.27  ? 833  GLN B CB    1 
ATOM   310  N N     . GLU A 1 50  ? -14.709 4.797   5.123   1.00 34.24  ? 834  GLU B N     1 
ATOM   311  C CA    . GLU A 1 50  ? -13.818 4.154   6.119   1.00 32.95  ? 834  GLU B CA    1 
ATOM   312  C C     . GLU A 1 50  ? -12.636 3.302   5.591   1.00 31.26  ? 834  GLU B C     1 
ATOM   313  O O     . GLU A 1 50  ? -11.479 3.340   6.111   1.00 31.30  ? 834  GLU B O     1 
ATOM   314  C CB    . GLU A 1 50  ? -14.653 3.319   7.085   1.00 32.26  ? 834  GLU B CB    1 
ATOM   315  C CG    . GLU A 1 50  ? -15.776 4.099   7.741   1.00 31.24  ? 834  GLU B CG    1 
ATOM   316  C CD    . GLU A 1 50  ? -15.274 5.263   8.562   1.00 32.39  ? 834  GLU B CD    1 
ATOM   317  O OE1   . GLU A 1 50  ? -14.726 5.036   9.655   1.00 30.31  ? 834  GLU B OE1   1 
ATOM   318  O OE2   . GLU A 1 50  ? -15.438 6.415   8.120   1.00 39.04  ? 834  GLU B OE2   1 
ATOM   319  N N     . MET A 1 51  ? -13.023 2.558   4.588   1.00 37.97  ? 835  MET B N     1 
ATOM   320  C CA    . MET A 1 51  ? -12.170 1.681   3.886   1.00 37.97  ? 835  MET B CA    1 
ATOM   321  C C     . MET A 1 51  ? -11.019 2.468   3.367   1.00 37.97  ? 835  MET B C     1 
ATOM   322  O O     . MET A 1 51  ? -9.940  1.972   3.261   1.00 37.97  ? 835  MET B O     1 
ATOM   323  C CB    . MET A 1 51  ? -12.948 0.987   2.774   1.00 27.97  ? 835  MET B CB    1 
ATOM   324  C CG    . MET A 1 51  ? -12.240 -0.205  2.216   1.00 27.97  ? 835  MET B CG    1 
ATOM   325  S SD    . MET A 1 51  ? -11.644 -1.308  3.461   1.00 27.97  ? 835  MET B SD    1 
ATOM   326  C CE    . MET A 1 51  ? -9.952  -1.500  3.061   1.00 27.97  ? 835  MET B CE    1 
ATOM   327  N N     . ASN A 1 52  ? -11.274 3.709   3.048   1.00 29.42  ? 836  ASN B N     1 
ATOM   328  C CA    . ASN A 1 52  ? -10.279 4.616   2.571   1.00 30.56  ? 836  ASN B CA    1 
ATOM   329  C C     . ASN A 1 52  ? -9.416  4.970   3.743   1.00 30.32  ? 836  ASN B C     1 
ATOM   330  O O     . ASN A 1 52  ? -8.240  5.135   3.608   1.00 27.94  ? 836  ASN B O     1 
ATOM   331  C CB    . ASN A 1 52  ? -10.913 5.889   2.013   1.00 31.56  ? 836  ASN B CB    1 
ATOM   332  C CG    . ASN A 1 52  ? -11.476 5.730   0.638   1.00 28.49  ? 836  ASN B CG    1 
ATOM   333  O OD1   . ASN A 1 52  ? -11.339 4.717   0.022   1.00 31.98  ? 836  ASN B OD1   1 
ATOM   334  N ND2   . ASN A 1 52  ? -12.134 6.734   0.175   1.00 24.80  ? 836  ASN B ND2   1 
ATOM   335  N N     . THR A 1 53  ? -10.014 5.062   4.913   1.00 28.30  ? 837  THR B N     1 
ATOM   336  C CA    . THR A 1 53  ? -9.260  5.409   6.086   1.00 28.48  ? 837  THR B CA    1 
ATOM   337  C C     . THR A 1 53  ? -8.350  4.292   6.461   1.00 28.30  ? 837  THR B C     1 
ATOM   338  O O     . THR A 1 53  ? -7.278  4.490   6.926   1.00 30.08  ? 837  THR B O     1 
ATOM   339  C CB    . THR A 1 53  ? -10.118 5.901   7.284   1.00 30.47  ? 837  THR B CB    1 
ATOM   340  O OG1   . THR A 1 53  ? -10.919 4.875   7.818   1.00 32.02  ? 837  THR B OG1   1 
ATOM   341  C CG2   . THR A 1 53  ? -10.993 6.970   6.886   1.00 32.97  ? 837  THR B CG2   1 
ATOM   342  N N     . LEU A 1 54  ? -8.809  3.100   6.217   1.00 27.07  ? 838  LEU B N     1 
ATOM   343  C CA    . LEU A 1 54  ? -8.097  1.926   6.542   1.00 27.42  ? 838  LEU B CA    1 
ATOM   344  C C     . LEU A 1 54  ? -6.962  1.729   5.610   1.00 27.11  ? 838  LEU B C     1 
ATOM   345  O O     . LEU A 1 54  ? -5.959  1.255   6.019   1.00 30.58  ? 838  LEU B O     1 
ATOM   346  C CB    . LEU A 1 54  ? -9.027  0.747   6.524   1.00 27.45  ? 838  LEU B CB    1 
ATOM   347  C CG    . LEU A 1 54  ? -8.433  -0.569  6.851   1.00 26.55  ? 838  LEU B CG    1 
ATOM   348  C CD1   . LEU A 1 54  ? -7.817  -0.557  8.221   1.00 27.26  ? 838  LEU B CD1   1 
ATOM   349  C CD2   . LEU A 1 54  ? -9.550  -1.552  6.772   1.00 26.35  ? 838  LEU B CD2   1 
ATOM   350  N N     . PHE A 1 55  ? -7.136  2.099   4.356   1.00 26.64  ? 839  PHE B N     1 
ATOM   351  C CA    . PHE A 1 55  ? -6.079  2.006   3.378   1.00 27.68  ? 839  PHE B CA    1 
ATOM   352  C C     . PHE A 1 55  ? -5.022  2.983   3.766   1.00 26.35  ? 839  PHE B C     1 
ATOM   353  O O     . PHE A 1 55  ? -3.889  2.674   3.786   1.00 26.27  ? 839  PHE B O     1 
ATOM   354  C CB    . PHE A 1 55  ? -6.558  2.354   1.977   1.00 26.01  ? 839  PHE B CB    1 
ATOM   355  C CG    . PHE A 1 55  ? -7.219  1.255   1.283   1.00 26.83  ? 839  PHE B CG    1 
ATOM   356  C CD1   . PHE A 1 55  ? -6.538  0.130   0.966   1.00 25.05  ? 839  PHE B CD1   1 
ATOM   357  C CD2   . PHE A 1 55  ? -8.535  1.340   0.948   1.00 29.46  ? 839  PHE B CD2   1 
ATOM   358  C CE1   . PHE A 1 55  ? -7.159  -0.905  0.331   1.00 24.69  ? 839  PHE B CE1   1 
ATOM   359  C CE2   . PHE A 1 55  ? -9.164  0.313   0.314   1.00 28.34  ? 839  PHE B CE2   1 
ATOM   360  C CZ    . PHE A 1 55  ? -8.473  -0.815  0.006   1.00 24.91  ? 839  PHE B CZ    1 
ATOM   361  N N     . ARG A 1 56  ? -5.423  4.187   4.078   1.00 26.53  ? 840  ARG B N     1 
ATOM   362  C CA    . ARG A 1 56  ? -4.500  5.199   4.498   1.00 27.76  ? 840  ARG B CA    1 
ATOM   363  C C     . ARG A 1 56  ? -3.838  4.830   5.794   1.00 29.67  ? 840  ARG B C     1 
ATOM   364  O O     . ARG A 1 56  ? -2.671  5.039   5.936   1.00 31.23  ? 840  ARG B O     1 
ATOM   365  C CB    . ARG A 1 56  ? -5.191  6.540   4.626   1.00 27.59  ? 840  ARG B CB    1 
ATOM   366  C CG    . ARG A 1 56  ? -4.249  7.703   4.786   1.00 29.52  ? 840  ARG B CG    1 
ATOM   367  C CD    . ARG A 1 56  ? -4.906  8.960   5.302   1.00 30.82  ? 840  ARG B CD    1 
ATOM   368  N NE    . ARG A 1 56  ? -3.924  9.995   5.469   1.00 36.30  ? 840  ARG B NE    1 
ATOM   369  C CZ    . ARG A 1 56  ? -3.238  10.188  6.570   1.00 34.29  ? 840  ARG B CZ    1 
ATOM   370  N NH1   . ARG A 1 56  ? -3.460  9.441   7.599   1.00 38.85  ? 840  ARG B NH1   1 
ATOM   371  N NH2   . ARG A 1 56  ? -2.347  11.116  6.634   1.00 30.87  ? 840  ARG B NH2   1 
ATOM   372  N N     . PHE A 1 57  ? -4.578  4.282   6.741   1.00 30.41  ? 841  PHE B N     1 
ATOM   373  C CA    . PHE A 1 57  ? -3.979  3.896   7.998   1.00 33.25  ? 841  PHE B CA    1 
ATOM   374  C C     . PHE A 1 57  ? -2.904  2.892   7.732   1.00 34.68  ? 841  PHE B C     1 
ATOM   375  O O     . PHE A 1 57  ? -1.885  2.933   8.338   1.00 33.94  ? 841  PHE B O     1 
ATOM   376  C CB    . PHE A 1 57  ? -5.004  3.339   8.993   1.00 32.88  ? 841  PHE B CB    1 
ATOM   377  C CG    . PHE A 1 57  ? -4.393  2.571   10.123  1.00 33.52  ? 841  PHE B CG    1 
ATOM   378  C CD1   . PHE A 1 57  ? -3.999  3.202   11.254  1.00 33.94  ? 841  PHE B CD1   1 
ATOM   379  C CD2   . PHE A 1 57  ? -4.181  1.242   10.018  1.00 30.89  ? 841  PHE B CD2   1 
ATOM   380  C CE1   . PHE A 1 57  ? -3.421  2.523   12.268  1.00 31.61  ? 841  PHE B CE1   1 
ATOM   381  C CE2   . PHE A 1 57  ? -3.592  0.552   11.025  1.00 32.74  ? 841  PHE B CE2   1 
ATOM   382  C CZ    . PHE A 1 57  ? -3.222  1.191   12.155  1.00 32.69  ? 841  PHE B CZ    1 
ATOM   383  N N     . TRP A 1 58  ? -3.173  1.979   6.827   1.00 32.86  ? 842  TRP B N     1 
ATOM   384  C CA    . TRP A 1 58  ? -2.252  0.920   6.494   1.00 32.86  ? 842  TRP B CA    1 
ATOM   385  C C     . TRP A 1 58  ? -0.936  1.354   5.921   1.00 32.86  ? 842  TRP B C     1 
ATOM   386  O O     . TRP A 1 58  ? 0.057   0.897   6.392   1.00 32.86  ? 842  TRP B O     1 
ATOM   387  C CB    . TRP A 1 58  ? -2.908  -0.132  5.599   1.00 28.22  ? 842  TRP B CB    1 
ATOM   388  C CG    . TRP A 1 58  ? -3.674  -1.137  6.324   1.00 26.87  ? 842  TRP B CG    1 
ATOM   389  C CD1   . TRP A 1 58  ? -3.543  -1.449  7.601   1.00 31.14  ? 842  TRP B CD1   1 
ATOM   390  C CD2   . TRP A 1 58  ? -4.740  -1.940  5.825   1.00 23.50  ? 842  TRP B CD2   1 
ATOM   391  N NE1   . TRP A 1 58  ? -4.430  -2.405  7.945   1.00 29.05  ? 842  TRP B NE1   1 
ATOM   392  C CE2   . TRP A 1 58  ? -5.172  -2.733  6.859   1.00 22.86  ? 842  TRP B CE2   1 
ATOM   393  C CE3   . TRP A 1 58  ? -5.346  -2.079  4.593   1.00 25.18  ? 842  TRP B CE3   1 
ATOM   394  C CZ2   . TRP A 1 58  ? -6.173  -3.640  6.724   1.00 22.86  ? 842  TRP B CZ2   1 
ATOM   395  C CZ3   . TRP A 1 58  ? -6.330  -2.983  4.460   1.00 22.86  ? 842  TRP B CZ3   1 
ATOM   396  C CH2   . TRP A 1 58  ? -6.740  -3.750  5.517   1.00 22.86  ? 842  TRP B CH2   1 
ATOM   397  N N     . SER A 1 59  ? -0.911  2.225   4.925   1.00 29.66  ? 843  SER B N     1 
ATOM   398  C CA    . SER A 1 59  ? 0.363   2.633   4.361   1.00 30.74  ? 843  SER B CA    1 
ATOM   399  C C     . SER A 1 59  ? 1.326   3.358   5.270   1.00 29.78  ? 843  SER B C     1 
ATOM   400  O O     . SER A 1 59  ? 2.495   3.267   5.098   1.00 31.01  ? 843  SER B O     1 
ATOM   401  C CB    . SER A 1 59  ? 0.271   3.238   2.970   1.00 28.13  ? 843  SER B CB    1 
ATOM   402  O OG    . SER A 1 59  ? -0.495  4.348   2.897   1.00 26.18  ? 843  SER B OG    1 
ATOM   403  N N     . PHE A 1 60  ? 0.811   4.060   6.247   1.00 29.60  ? 844  PHE B N     1 
ATOM   404  C CA    . PHE A 1 60  ? 1.624   4.752   7.177   1.00 30.81  ? 844  PHE B CA    1 
ATOM   405  C C     . PHE A 1 60  ? 2.029   3.875   8.333   1.00 32.08  ? 844  PHE B C     1 
ATOM   406  O O     . PHE A 1 60  ? 3.142   3.877   8.740   1.00 32.16  ? 844  PHE B O     1 
ATOM   407  C CB    . PHE A 1 60  ? 0.874   5.954   7.708   1.00 29.74  ? 844  PHE B CB    1 
ATOM   408  C CG    . PHE A 1 60  ? 0.849   7.107   6.776   1.00 30.44  ? 844  PHE B CG    1 
ATOM   409  C CD1   . PHE A 1 60  ? 1.924   7.909   6.642   1.00 26.41  ? 844  PHE B CD1   1 
ATOM   410  C CD2   . PHE A 1 60  ? -0.270  7.392   6.062   1.00 27.10  ? 844  PHE B CD2   1 
ATOM   411  C CE1   . PHE A 1 60  ? 1.890   8.973   5.797   1.00 30.44  ? 844  PHE B CE1   1 
ATOM   412  C CE2   . PHE A 1 60  ? -0.310  8.443   5.226   1.00 30.75  ? 844  PHE B CE2   1 
ATOM   413  C CZ    . PHE A 1 60  ? 0.769   9.238   5.082   1.00 29.98  ? 844  PHE B CZ    1 
ATOM   414  N N     . PHE A 1 61  ? 1.102   3.126   8.853   1.00 31.52  ? 845  PHE B N     1 
ATOM   415  C CA    . PHE A 1 61  ? 1.380   2.321   9.996   1.00 29.92  ? 845  PHE B CA    1 
ATOM   416  C C     . PHE A 1 61  ? 2.405   1.273   9.748   1.00 34.31  ? 845  PHE B C     1 
ATOM   417  O O     . PHE A 1 61  ? 3.268   1.063   10.564  1.00 31.10  ? 845  PHE B O     1 
ATOM   418  C CB    . PHE A 1 61  ? 0.121   1.674   10.461  1.00 32.08  ? 845  PHE B CB    1 
ATOM   419  C CG    . PHE A 1 61  ? 0.291   0.871   11.687  1.00 32.03  ? 845  PHE B CG    1 
ATOM   420  C CD1   . PHE A 1 61  ? 0.378   1.476   12.894  1.00 30.69  ? 845  PHE B CD1   1 
ATOM   421  C CD2   . PHE A 1 61  ? 0.335   -0.478  11.625  1.00 31.61  ? 845  PHE B CD2   1 
ATOM   422  C CE1   . PHE A 1 61  ? 0.525   0.748   14.017  1.00 28.14  ? 845  PHE B CE1   1 
ATOM   423  C CE2   . PHE A 1 61  ? 0.481   -1.219  12.748  1.00 32.85  ? 845  PHE B CE2   1 
ATOM   424  C CZ    . PHE A 1 61  ? 0.578   -0.606  13.943  1.00 31.57  ? 845  PHE B CZ    1 
ATOM   425  N N     . LEU A 1 62  ? 2.301   0.626   8.600   1.00 26.84  ? 846  LEU B N     1 
ATOM   426  C CA    . LEU A 1 62  ? 3.204   -0.431  8.228   1.00 26.37  ? 846  LEU B CA    1 
ATOM   427  C C     . LEU A 1 62  ? 4.619   0.042   8.007   1.00 29.16  ? 846  LEU B C     1 
ATOM   428  O O     . LEU A 1 62  ? 5.550   -0.713  8.120   1.00 30.17  ? 846  LEU B O     1 
ATOM   429  C CB    . LEU A 1 62  ? 2.669   -1.203  7.036   1.00 28.81  ? 846  LEU B CB    1 
ATOM   430  C CG    . LEU A 1 62  ? 1.513   -2.107  7.431   1.00 26.54  ? 846  LEU B CG    1 
ATOM   431  C CD1   . LEU A 1 62  ? 0.801   -2.636  6.210   1.00 24.47  ? 846  LEU B CD1   1 
ATOM   432  C CD2   . LEU A 1 62  ? 1.980   -3.228  8.324   1.00 23.42  ? 846  LEU B CD2   1 
ATOM   433  N N     . ARG A 1 63  ? 4.772   1.301   7.661   1.00 32.74  ? 847  ARG B N     1 
ATOM   434  C CA    . ARG A 1 63  ? 6.086   1.847   7.436   1.00 30.32  ? 847  ARG B CA    1 
ATOM   435  C C     . ARG A 1 63  ? 6.901   1.791   8.709   1.00 31.16  ? 847  ARG B C     1 
ATOM   436  O O     . ARG A 1 63  ? 8.083   1.495   8.686   1.00 31.29  ? 847  ARG B O     1 
ATOM   437  C CB    . ARG A 1 63  ? 5.979   3.278   6.956   1.00 30.28  ? 847  ARG B CB    1 
ATOM   438  C CG    . ARG A 1 63  ? 5.183   3.432   5.690   1.00 29.05  ? 847  ARG B CG    1 
ATOM   439  C CD    . ARG A 1 63  ? 5.103   4.877   5.299   1.00 27.63  ? 847  ARG B CD    1 
ATOM   440  N NE    . ARG A 1 63  ? 4.085   5.117   4.302   1.00 29.10  ? 847  ARG B NE    1 
ATOM   441  C CZ    . ARG A 1 63  ? 3.711   6.317   3.910   1.00 30.49  ? 847  ARG B CZ    1 
ATOM   442  N NH1   . ARG A 1 63  ? 4.268   7.371   4.432   1.00 34.36  ? 847  ARG B NH1   1 
ATOM   443  N NH2   . ARG A 1 63  ? 2.776   6.462   3.012   1.00 27.88  ? 847  ARG B NH2   1 
ATOM   444  N N     . ASP A 1 64  ? 6.260   2.102   9.821   1.00 32.16  ? 848  ASP B N     1 
ATOM   445  C CA    . ASP A 1 64  ? 6.926   2.085   11.112  1.00 36.32  ? 848  ASP B CA    1 
ATOM   446  C C     . ASP A 1 64  ? 6.774   0.798   11.890  1.00 31.64  ? 848  ASP B C     1 
ATOM   447  O O     . ASP A 1 64  ? 7.578   0.491   12.730  1.00 32.97  ? 848  ASP B O     1 
ATOM   448  C CB    . ASP A 1 64  ? 6.470   3.267   11.955  1.00 36.73  ? 848  ASP B CB    1 
ATOM   449  C CG    . ASP A 1 64  ? 7.002   4.569   11.444  1.00 36.36  ? 848  ASP B CG    1 
ATOM   450  O OD1   . ASP A 1 64  ? 8.190   4.634   11.110  1.00 34.95  ? 848  ASP B OD1   1 
ATOM   451  O OD2   . ASP A 1 64  ? 6.237   5.528   11.380  1.00 39.93  ? 848  ASP B OD2   1 
ATOM   452  N N     . HIS A 1 65  ? 5.730   0.053   11.599  1.00 29.89  ? 849  HIS B N     1 
ATOM   453  C CA    . HIS A 1 65  ? 5.457   -1.205  12.273  1.00 31.37  ? 849  HIS B CA    1 
ATOM   454  C C     . HIS A 1 65  ? 5.110   -2.289  11.284  1.00 31.19  ? 849  HIS B C     1 
ATOM   455  O O     . HIS A 1 65  ? 3.961   -2.553  11.054  1.00 32.40  ? 849  HIS B O     1 
ATOM   456  C CB    . HIS A 1 65  ? 4.309   -1.010  13.248  1.00 26.75  ? 849  HIS B CB    1 
ATOM   457  C CG    . HIS A 1 65  ? 4.512   0.139   14.173  1.00 32.57  ? 849  HIS B CG    1 
ATOM   458  N ND1   . HIS A 1 65  ? 5.312   0.059   15.289  1.00 31.79  ? 849  HIS B ND1   1 
ATOM   459  C CD2   . HIS A 1 65  ? 4.049   1.407   14.134  1.00 31.51  ? 849  HIS B CD2   1 
ATOM   460  C CE1   . HIS A 1 65  ? 5.317   1.222   15.906  1.00 30.96  ? 849  HIS B CE1   1 
ATOM   461  N NE2   . HIS A 1 65  ? 4.556   2.054   15.225  1.00 32.44  ? 849  HIS B NE2   1 
ATOM   462  N N     . PHE A 1 66  ? 6.096   -2.919  10.686  1.00 29.22  ? 850  PHE B N     1 
ATOM   463  C CA    . PHE A 1 66  ? 5.801   -3.924  9.682   1.00 28.36  ? 850  PHE B CA    1 
ATOM   464  C C     . PHE A 1 66  ? 5.195   -5.177  10.294  1.00 32.37  ? 850  PHE B C     1 
ATOM   465  O O     . PHE A 1 66  ? 5.783   -5.808  11.174  1.00 31.72  ? 850  PHE B O     1 
ATOM   466  C CB    . PHE A 1 66  ? 7.052   -4.302  8.891   1.00 29.37  ? 850  PHE B CB    1 
ATOM   467  C CG    . PHE A 1 66  ? 6.812   -5.388  7.883   1.00 29.91  ? 850  PHE B CG    1 
ATOM   468  C CD1   . PHE A 1 66  ? 6.122   -5.120  6.714   1.00 29.01  ? 850  PHE B CD1   1 
ATOM   469  C CD2   . PHE A 1 66  ? 7.256   -6.678  8.113   1.00 30.70  ? 850  PHE B CD2   1 
ATOM   470  C CE1   . PHE A 1 66  ? 5.892   -6.118  5.787   1.00 32.73  ? 850  PHE B CE1   1 
ATOM   471  C CE2   . PHE A 1 66  ? 7.028   -7.682  7.190   1.00 28.55  ? 850  PHE B CE2   1 
ATOM   472  C CZ    . PHE A 1 66  ? 6.345   -7.400  6.026   1.00 31.15  ? 850  PHE B CZ    1 
ATOM   473  N N     . ASN A 1 67  ? 4.008   -5.530  9.813   1.00 32.00  ? 851  ASN B N     1 
ATOM   474  C CA    . ASN A 1 67  ? 3.392   -6.797  10.153  1.00 31.04  ? 851  ASN B CA    1 
ATOM   475  C C     . ASN A 1 67  ? 3.028   -7.504  8.852   1.00 32.45  ? 851  ASN B C     1 
ATOM   476  O O     . ASN A 1 67  ? 2.242   -6.990  8.053   1.00 32.11  ? 851  ASN B O     1 
ATOM   477  C CB    . ASN A 1 67  ? 2.163   -6.594  11.036  1.00 27.49  ? 851  ASN B CB    1 
ATOM   478  C CG    . ASN A 1 67  ? 1.628   -7.898  11.587  1.00 36.43  ? 851  ASN B CG    1 
ATOM   479  O OD1   . ASN A 1 67  ? 0.596   -8.397  11.138  1.00 33.08  ? 851  ASN B OD1   1 
ATOM   480  N ND2   . ASN A 1 67  ? 2.336   -8.465  12.563  1.00 35.73  ? 851  ASN B ND2   1 
ATOM   481  N N     . LYS A 1 68  ? 3.624   -8.672  8.637   1.00 30.97  ? 852  LYS B N     1 
ATOM   482  C CA    . LYS A 1 68  ? 3.477   -9.398  7.382   1.00 27.57  ? 852  LYS B CA    1 
ATOM   483  C C     . LYS A 1 68  ? 2.018   -9.703  7.061   1.00 27.26  ? 852  LYS B C     1 
ATOM   484  O O     . LYS A 1 68  ? 1.546   -9.398  5.970   1.00 28.81  ? 852  LYS B O     1 
ATOM   485  C CB    . LYS A 1 68  ? 4.294   -10.693 7.428   1.00 25.30  ? 852  LYS B CB    1 
ATOM   486  C CG    . LYS A 1 68  ? 4.301   -11.475 6.127   1.00 26.77  ? 852  LYS B CG    1 
ATOM   487  C CD    . LYS A 1 68  ? 4.720   -10.612 4.953   1.00 25.60  ? 852  LYS B CD    1 
ATOM   488  C CE    . LYS A 1 68  ? 4.726   -11.421 3.665   1.00 29.42  ? 852  LYS B CE    1 
ATOM   489  N NZ    . LYS A 1 68  ? 5.675   -12.572 3.722   1.00 25.95  ? 852  LYS B NZ    1 
ATOM   490  N N     . LYS A 1 69  ? 1.305   -10.287 8.018   1.00 29.51  ? 853  LYS B N     1 
ATOM   491  C CA    . LYS A 1 69  ? -0.097  -10.641 7.819   1.00 30.86  ? 853  LYS B CA    1 
ATOM   492  C C     . LYS A 1 69  ? -0.970  -9.420  7.540   1.00 27.81  ? 853  LYS B C     1 
ATOM   493  O O     . LYS A 1 69  ? -1.900  -9.485  6.743   1.00 29.10  ? 853  LYS B O     1 
ATOM   494  C CB    . LYS A 1 69  ? -0.633  -11.402 9.033   1.00 28.69  ? 853  LYS B CB    1 
ATOM   495  C CG    . LYS A 1 69  ? -2.105  -11.751 8.943   1.00 30.19  ? 853  LYS B CG    1 
ATOM   496  C CD    . LYS A 1 69  ? -2.404  -12.692 7.785   1.00 35.71  ? 853  LYS B CD    1 
ATOM   497  C CE    . LYS A 1 69  ? -3.903  -12.916 7.642   1.00 37.36  ? 853  LYS B CE    1 
ATOM   498  N NZ    . LYS A 1 69  ? -4.235  -13.986 6.656   1.00 36.87  ? 853  LYS B NZ    1 
ATOM   499  N N     . MET A 1 70  ? -0.661  -8.305  8.192   1.00 27.33  ? 854  MET B N     1 
ATOM   500  C CA    . MET A 1 70  ? -1.416  -7.076  7.970   1.00 27.88  ? 854  MET B CA    1 
ATOM   501  C C     . MET A 1 70  ? -1.143  -6.543  6.568   1.00 29.11  ? 854  MET B C     1 
ATOM   502  O O     . MET A 1 70  ? -2.064  -6.141  5.855   1.00 26.83  ? 854  MET B O     1 
ATOM   503  C CB    . MET A 1 70  ? -1.070  -6.015  9.021   1.00 28.80  ? 854  MET B CB    1 
ATOM   504  C CG    . MET A 1 70  ? -2.245  -5.126  9.400   1.00 31.83  ? 854  MET B CG    1 
ATOM   505  S SD    . MET A 1 70  ? -1.842  -3.841  10.608  1.00 37.85  ? 854  MET B SD    1 
ATOM   506  C CE    . MET A 1 70  ? -1.081  -2.626  9.551   1.00 34.66  ? 854  MET B CE    1 
ATOM   507  N N     . TYR A 1 71  ? 0.128   -6.545  6.178   1.00 28.48  ? 855  TYR B N     1 
ATOM   508  C CA    . TYR A 1 71  ? 0.517   -6.113  4.842   1.00 27.45  ? 855  TYR B CA    1 
ATOM   509  C C     . TYR A 1 71  ? -0.185  -6.938  3.768   1.00 26.82  ? 855  TYR B C     1 
ATOM   510  O O     . TYR A 1 71  ? -0.586  -6.412  2.728   1.00 27.23  ? 855  TYR B O     1 
ATOM   511  C CB    . TYR A 1 71  ? 2.036   -6.209  4.661   1.00 30.96  ? 855  TYR B CB    1 
ATOM   512  C CG    . TYR A 1 71  ? 2.457   -6.321  3.210   1.00 30.70  ? 855  TYR B CG    1 
ATOM   513  C CD1   . TYR A 1 71  ? 2.469   -5.203  2.384   1.00 28.18  ? 855  TYR B CD1   1 
ATOM   514  C CD2   . TYR A 1 71  ? 2.833   -7.545  2.665   1.00 26.52  ? 855  TYR B CD2   1 
ATOM   515  C CE1   . TYR A 1 71  ? 2.849   -5.298  1.058   1.00 26.81  ? 855  TYR B CE1   1 
ATOM   516  C CE2   . TYR A 1 71  ? 3.209   -7.649  1.337   1.00 29.13  ? 855  TYR B CE2   1 
ATOM   517  C CZ    . TYR A 1 71  ? 3.218   -6.521  0.541   1.00 31.40  ? 855  TYR B CZ    1 
ATOM   518  O OH    . TYR A 1 71  ? 3.593   -6.620  -0.774  1.00 30.44  ? 855  TYR B OH    1 
ATOM   519  N N     . GLU A 1 72  ? -0.319  -8.234  4.024   1.00 25.42  ? 856  GLU B N     1 
ATOM   520  C CA    . GLU A 1 72  ? -0.963  -9.143  3.082   1.00 24.68  ? 856  GLU B CA    1 
ATOM   521  C C     . GLU A 1 72  ? -2.403  -8.736  2.802   1.00 24.72  ? 856  GLU B C     1 
ATOM   522  O O     . GLU A 1 72  ? -2.816  -8.656  1.647   1.00 24.04  ? 856  GLU B O     1 
ATOM   523  C CB    . GLU A 1 72  ? -0.916  -10.577 3.610   1.00 25.34  ? 856  GLU B CB    1 
ATOM   524  C CG    . GLU A 1 72  ? 0.472   -11.184 3.621   1.00 25.71  ? 856  GLU B CG    1 
ATOM   525  C CD    . GLU A 1 72  ? 0.484   -12.620 4.109   1.00 31.61  ? 856  GLU B CD    1 
ATOM   526  O OE1   . GLU A 1 72  ? -0.597  -13.157 4.434   1.00 30.00  ? 856  GLU B OE1   1 
ATOM   527  O OE2   . GLU A 1 72  ? 1.582   -13.211 4.172   1.00 37.76  ? 856  GLU B OE2   1 
ATOM   528  N N     . GLU A 1 73  ? -3.157  -8.475  3.863   1.00 26.84  ? 857  GLU B N     1 
ATOM   529  C CA    . GLU A 1 73  ? -4.547  -8.053  3.736   1.00 24.85  ? 857  GLU B CA    1 
ATOM   530  C C     . GLU A 1 73  ? -4.645  -6.723  3.000   1.00 26.50  ? 857  GLU B C     1 
ATOM   531  O O     . GLU A 1 73  ? -5.491  -6.544  2.123   1.00 26.49  ? 857  GLU B O     1 
ATOM   532  C CB    . GLU A 1 73  ? -5.201  -7.939  5.112   1.00 26.80  ? 857  GLU B CB    1 
ATOM   533  C CG    . GLU A 1 73  ? -6.665  -7.552  5.060   1.00 29.90  ? 857  GLU B CG    1 
ATOM   534  C CD    . GLU A 1 73  ? -7.332  -7.621  6.415   1.00 33.95  ? 857  GLU B CD    1 
ATOM   535  O OE1   . GLU A 1 73  ? -6.634  -7.459  7.439   1.00 32.56  ? 857  GLU B OE1   1 
ATOM   536  O OE2   . GLU A 1 73  ? -8.560  -7.844  6.452   1.00 34.00  ? 857  GLU B OE2   1 
ATOM   537  N N     . PHE A 1 74  ? -3.770  -5.799  3.381   1.00 26.90  ? 858  PHE B N     1 
ATOM   538  C CA    . PHE A 1 74  ? -3.602  -4.515  2.717   1.00 23.77  ? 858  PHE B CA    1 
ATOM   539  C C     . PHE A 1 74  ? -3.426  -4.717  1.217   1.00 26.80  ? 858  PHE B C     1 
ATOM   540  O O     . PHE A 1 74  ? -4.141  -4.121  0.412   1.00 28.47  ? 858  PHE B O     1 
ATOM   541  C CB    . PHE A 1 74  ? -2.393  -3.790  3.316   1.00 26.57  ? 858  PHE B CB    1 
ATOM   542  C CG    . PHE A 1 74  ? -2.132  -2.419  2.744   1.00 26.54  ? 858  PHE B CG    1 
ATOM   543  C CD1   . PHE A 1 74  ? -3.115  -1.714  2.068   1.00 27.36  ? 858  PHE B CD1   1 
ATOM   544  C CD2   . PHE A 1 74  ? -0.886  -1.832  2.898   1.00 25.55  ? 858  PHE B CD2   1 
ATOM   545  C CE1   . PHE A 1 74  ? -2.856  -0.458  1.550   1.00 27.00  ? 858  PHE B CE1   1 
ATOM   546  C CE2   . PHE A 1 74  ? -0.623  -0.581  2.388   1.00 24.95  ? 858  PHE B CE2   1 
ATOM   547  C CZ    . PHE A 1 74  ? -1.607  0.110   1.717   1.00 25.96  ? 858  PHE B CZ    1 
ATOM   548  N N     . LYS A 1 75  ? -2.478  -5.573  0.853   1.00 29.88  ? 859  LYS B N     1 
ATOM   549  C CA    . LYS A 1 75  ? -2.128  -5.814  -0.542  1.00 26.70  ? 859  LYS B CA    1 
ATOM   550  C C     . LYS A 1 75  ? -3.281  -6.420  -1.333  1.00 26.72  ? 859  LYS B C     1 
ATOM   551  O O     . LYS A 1 75  ? -3.566  -5.996  -2.450  1.00 26.84  ? 859  LYS B O     1 
ATOM   552  C CB    . LYS A 1 75  ? -0.906  -6.729  -0.618  1.00 26.51  ? 859  LYS B CB    1 
ATOM   553  C CG    . LYS A 1 75  ? -0.450  -7.050  -2.020  1.00 22.30  ? 859  LYS B CG    1 
ATOM   554  C CD    . LYS A 1 75  ? 0.598   -8.139  -1.997  1.00 23.14  ? 859  LYS B CD    1 
ATOM   555  C CE    . LYS A 1 75  ? 1.135   -8.422  -3.387  1.00 26.09  ? 859  LYS B CE    1 
ATOM   556  N NZ    . LYS A 1 75  ? 2.067   -9.584  -3.363  1.00 29.82  ? 859  LYS B NZ    1 
ATOM   557  N N     . GLN A 1 76  ? -3.938  -7.414  -0.744  1.00 27.12  ? 860  GLN B N     1 
ATOM   558  C CA    . GLN A 1 76  ? -5.037  -8.110  -1.405  1.00 28.91  ? 860  GLN B CA    1 
ATOM   559  C C     . GLN A 1 76  ? -6.231  -7.191  -1.645  1.00 31.20  ? 860  GLN B C     1 
ATOM   560  O O     . GLN A 1 76  ? -6.787  -7.150  -2.742  1.00 29.54  ? 860  GLN B O     1 
ATOM   561  C CB    . GLN A 1 76  ? -5.469  -9.331  -0.584  1.00 27.27  ? 860  GLN B CB    1 
ATOM   562  C CG    . GLN A 1 76  ? -6.652  -10.097 -1.163  1.00 27.77  ? 860  GLN B CG    1 
ATOM   563  C CD    . GLN A 1 76  ? -7.980  -9.695  -0.542  1.00 31.33  ? 860  GLN B CD    1 
ATOM   564  O OE1   . GLN A 1 76  ? -8.920  -9.320  -1.245  1.00 27.84  ? 860  GLN B OE1   1 
ATOM   565  N NE2   . GLN A 1 76  ? -8.063  -9.778  0.783   1.00 27.62  ? 860  GLN B NE2   1 
ATOM   566  N N     . LEU A 1 77  ? -6.615  -6.450  -0.610  1.00 28.34  ? 861  LEU B N     1 
ATOM   567  C CA    . LEU A 1 77  ? -7.766  -5.559  -0.695  1.00 27.08  ? 861  LEU B CA    1 
ATOM   568  C C     . LEU A 1 77  ? -7.522  -4.414  -1.671  1.00 27.80  ? 861  LEU B C     1 
ATOM   569  O O     . LEU A 1 77  ? -8.440  -3.975  -2.367  1.00 28.52  ? 861  LEU B O     1 
ATOM   570  C CB    . LEU A 1 77  ? -8.117  -5.010  0.689   1.00 25.54  ? 861  LEU B CB    1 
ATOM   571  C CG    . LEU A 1 77  ? -8.723  -6.031  1.649   1.00 20.45  ? 861  LEU B CG    1 
ATOM   572  C CD1   . LEU A 1 77  ? -8.906  -5.423  3.019   1.00 21.10  ? 861  LEU B CD1   1 
ATOM   573  C CD2   . LEU A 1 77  ? -10.048 -6.529  1.099   1.00 23.01  ? 861  LEU B CD2   1 
ATOM   574  N N     . ALA A 1 78  ? -6.279  -3.940  -1.724  1.00 26.59  ? 862  ALA B N     1 
ATOM   575  C CA    . ALA A 1 78  ? -5.909  -2.851  -2.621  1.00 25.48  ? 862  ALA B CA    1 
ATOM   576  C C     . ALA A 1 78  ? -6.005  -3.289  -4.079  1.00 26.09  ? 862  ALA B C     1 
ATOM   577  O O     . ALA A 1 78  ? -6.417  -2.521  -4.948  1.00 25.00  ? 862  ALA B O     1 
ATOM   578  C CB    . ALA A 1 78  ? -4.509  -2.361  -2.304  1.00 23.25  ? 862  ALA B CB    1 
ATOM   579  N N     . LEU A 1 79  ? -5.625  -4.534  -4.340  1.00 27.41  ? 863  LEU B N     1 
ATOM   580  C CA    . LEU A 1 79  ? -5.622  -5.056  -5.698  1.00 25.16  ? 863  LEU B CA    1 
ATOM   581  C C     . LEU A 1 79  ? -7.021  -5.471  -6.137  1.00 25.16  ? 863  LEU B C     1 
ATOM   582  O O     . LEU A 1 79  ? -7.341  -5.431  -7.323  1.00 27.52  ? 863  LEU B O     1 
ATOM   583  C CB    . LEU A 1 79  ? -4.652  -6.229  -5.810  1.00 21.19  ? 863  LEU B CB    1 
ATOM   584  C CG    . LEU A 1 79  ? -3.182  -5.846  -5.655  1.00 19.83  ? 863  LEU B CG    1 
ATOM   585  C CD1   . LEU A 1 79  ? -2.317  -7.081  -5.484  1.00 22.87  ? 863  LEU B CD1   1 
ATOM   586  C CD2   . LEU A 1 79  ? -2.730  -5.042  -6.856  1.00 19.93  ? 863  LEU B CD2   1 
ATOM   587  N N     . GLU A 1 80  ? -7.858  -5.868  -5.184  1.00 23.60  ? 864  GLU B N     1 
ATOM   588  C CA    . GLU A 1 80  ? -9.239  -6.193  -5.512  1.00 26.05  ? 864  GLU B CA    1 
ATOM   589  C C     . GLU A 1 80  ? -9.995  -4.912  -5.869  1.00 25.68  ? 864  GLU B C     1 
ATOM   590  O O     . GLU A 1 80  ? -10.867 -4.913  -6.732  1.00 24.85  ? 864  GLU B O     1 
ATOM   591  C CB    . GLU A 1 80  ? -9.924  -6.923  -4.352  1.00 25.53  ? 864  GLU B CB    1 
ATOM   592  C CG    . GLU A 1 80  ? -11.334 -7.380  -4.677  1.00 26.56  ? 864  GLU B CG    1 
ATOM   593  C CD    . GLU A 1 80  ? -11.990 -8.168  -3.561  1.00 29.53  ? 864  GLU B CD    1 
ATOM   594  O OE1   . GLU A 1 80  ? -11.316 -8.484  -2.559  1.00 30.46  ? 864  GLU B OE1   1 
ATOM   595  O OE2   . GLU A 1 80  ? -13.194 -8.476  -3.696  1.00 31.53  ? 864  GLU B OE2   1 
ATOM   596  N N     . ASP A 1 81  ? -9.647  -3.817  -5.201  1.00 25.91  ? 865  ASP B N     1 
ATOM   597  C CA    . ASP A 1 81  ? -10.226 -2.519  -5.510  1.00 24.77  ? 865  ASP B CA    1 
ATOM   598  C C     . ASP A 1 81  ? -9.790  -2.017  -6.879  1.00 25.16  ? 865  ASP B C     1 
ATOM   599  O O     . ASP A 1 81  ? -10.611 -1.597  -7.688  1.00 25.95  ? 865  ASP B O     1 
ATOM   600  C CB    . ASP A 1 81  ? -9.841  -1.496  -4.443  1.00 23.37  ? 865  ASP B CB    1 
ATOM   601  C CG    . ASP A 1 81  ? -10.752 -1.530  -3.240  1.00 26.01  ? 865  ASP B CG    1 
ATOM   602  O OD1   . ASP A 1 81  ? -11.335 -2.597  -2.943  1.00 25.52  ? 865  ASP B OD1   1 
ATOM   603  O OD2   . ASP A 1 81  ? -10.878 -0.473  -2.588  1.00 25.67  ? 865  ASP B OD2   1 
ATOM   604  N N     . ALA A 1 82  ? -8.486  -2.066  -7.132  1.00 24.80  ? 866  ALA B N     1 
ATOM   605  C CA    . ALA A 1 82  ? -7.921  -1.503  -8.349  1.00 26.11  ? 866  ALA B CA    1 
ATOM   606  C C     . ALA A 1 82  ? -8.445  -2.198  -9.598  1.00 29.61  ? 866  ALA B C     1 
ATOM   607  O O     . ALA A 1 82  ? -8.670  -1.557  -10.629 1.00 33.42  ? 866  ALA B O     1 
ATOM   608  C CB    . ALA A 1 82  ? -6.403  -1.576  -8.310  1.00 25.62  ? 866  ALA B CB    1 
ATOM   609  N N     . LYS A 1 83  ? -8.655  -3.507  -9.511  1.00 28.80  ? 867  LYS B N     1 
ATOM   610  C CA    . LYS A 1 83  ? -9.152  -4.249  -10.663 1.00 27.22  ? 867  LYS B CA    1 
ATOM   611  C C     . LYS A 1 83  ? -10.625 -3.940  -10.903 1.00 30.70  ? 867  LYS B C     1 
ATOM   612  O O     . LYS A 1 83  ? -11.200 -4.374  -11.897 1.00 32.59  ? 867  LYS B O     1 
ATOM   613  C CB    . LYS A 1 83  ? -8.939  -5.754  -10.477 1.00 29.36  ? 867  LYS B CB    1 
ATOM   614  C CG    . LYS A 1 83  ? -9.987  -6.441  -9.625  1.00 38.49  ? 867  LYS B CG    1 
ATOM   615  C CD    . LYS A 1 83  ? -9.890  -7.959  -9.758  1.00 40.71  ? 867  LYS B CD    1 
ATOM   616  C CE    . LYS A 1 83  ? -10.933 -8.661  -8.894  1.00 36.80  ? 867  LYS B CE    1 
ATOM   617  N NZ    . LYS A 1 83  ? -10.870 -10.149 -9.029  1.00 44.64  ? 867  LYS B NZ    1 
ATOM   618  N N     . GLU A 1 84  ? -11.231 -3.187  -9.986  1.00 28.82  ? 868  GLU B N     1 
ATOM   619  C CA    . GLU A 1 84  ? -12.610 -2.736  -10.145 1.00 28.88  ? 868  GLU B CA    1 
ATOM   620  C C     . GLU A 1 84  ? -12.669 -1.293  -10.645 1.00 28.83  ? 868  GLU B C     1 
ATOM   621  O O     . GLU A 1 84  ? -13.732 -0.808  -11.036 1.00 29.73  ? 868  GLU B O     1 
ATOM   622  C CB    . GLU A 1 84  ? -13.379 -2.863  -8.827  1.00 28.39  ? 868  GLU B CB    1 
ATOM   623  C CG    . GLU A 1 84  ? -13.519 -4.287  -8.319  1.00 26.56  ? 868  GLU B CG    1 
ATOM   624  C CD    . GLU A 1 84  ? -14.105 -5.222  -9.358  1.00 26.44  ? 868  GLU B CD    1 
ATOM   625  O OE1   . GLU A 1 84  ? -14.992 -4.796  -10.129 1.00 23.28  ? 868  GLU B OE1   1 
ATOM   626  O OE2   . GLU A 1 84  ? -13.662 -6.390  -9.408  1.00 30.06  ? 868  GLU B OE2   1 
ATOM   627  N N     . GLY A 1 85  ? -11.527 -0.612  -10.630 1.00 28.07  ? 869  GLY B N     1 
ATOM   628  C CA    . GLY A 1 85  ? -11.439 0.747   -11.133 1.00 28.40  ? 869  GLY B CA    1 
ATOM   629  C C     . GLY A 1 85  ? -11.215 1.800   -10.066 1.00 27.12  ? 869  GLY B C     1 
ATOM   630  O O     . GLY A 1 85  ? -10.980 2.971   -10.369 1.00 27.63  ? 869  GLY B O     1 
ATOM   631  N N     . TYR A 1 86  ? -11.285 1.384   -8.810  1.00 24.61  ? 870  TYR B N     1 
ATOM   632  C CA    . TYR A 1 86  ? -11.104 2.302   -7.694  1.00 25.26  ? 870  TYR B CA    1 
ATOM   633  C C     . TYR A 1 86  ? -9.718  2.081   -7.107  1.00 25.92  ? 870  TYR B C     1 
ATOM   634  O O     . TYR A 1 86  ? -9.468  1.114   -6.384  1.00 24.85  ? 870  TYR B O     1 
ATOM   635  C CB    . TYR A 1 86  ? -12.218 2.106   -6.670  1.00 24.80  ? 870  TYR B CB    1 
ATOM   636  C CG    . TYR A 1 86  ? -13.570 2.085   -7.348  1.00 26.64  ? 870  TYR B CG    1 
ATOM   637  C CD1   . TYR A 1 86  ? -14.213 3.265   -7.679  1.00 26.13  ? 870  TYR B CD1   1 
ATOM   638  C CD2   . TYR A 1 86  ? -14.176 0.884   -7.700  1.00 29.91  ? 870  TYR B CD2   1 
ATOM   639  C CE1   . TYR A 1 86  ? -15.436 3.259   -8.323  1.00 29.77  ? 870  TYR B CE1   1 
ATOM   640  C CE2   . TYR A 1 86  ? -15.399 0.865   -8.344  1.00 27.86  ? 870  TYR B CE2   1 
ATOM   641  C CZ    . TYR A 1 86  ? -16.026 2.057   -8.653  1.00 32.50  ? 870  TYR B CZ    1 
ATOM   642  O OH    . TYR A 1 86  ? -17.244 2.058   -9.291  1.00 32.57  ? 870  TYR B OH    1 
ATOM   643  N N     . ARG A 1 87  ? -8.813  2.994   -7.447  1.00 26.00  ? 871  ARG B N     1 
ATOM   644  C CA    . ARG A 1 87  ? -7.381  2.775   -7.275  1.00 24.79  ? 871  ARG B CA    1 
ATOM   645  C C     . ARG A 1 87  ? -6.766  3.408   -6.032  1.00 24.24  ? 871  ARG B C     1 
ATOM   646  O O     . ARG A 1 87  ? -5.546  3.435   -5.904  1.00 28.60  ? 871  ARG B O     1 
ATOM   647  C CB    . ARG A 1 87  ? -6.640  3.301   -8.503  1.00 22.43  ? 871  ARG B CB    1 
ATOM   648  C CG    . ARG A 1 87  ? -7.152  2.778   -9.824  1.00 27.97  ? 871  ARG B CG    1 
ATOM   649  C CD    . ARG A 1 87  ? -6.367  3.389   -10.965 1.00 23.10  ? 871  ARG B CD    1 
ATOM   650  N NE    . ARG A 1 87  ? -4.940  3.413   -10.660 1.00 27.25  ? 871  ARG B NE    1 
ATOM   651  C CZ    . ARG A 1 87  ? -4.129  2.372   -10.811 1.00 29.62  ? 871  ARG B CZ    1 
ATOM   652  N NH1   . ARG A 1 87  ? -4.608  1.220   -11.265 1.00 33.23  ? 871  ARG B NH1   1 
ATOM   653  N NH2   . ARG A 1 87  ? -2.842  2.483   -10.504 1.00 25.81  ? 871  ARG B NH2   1 
ATOM   654  N N     . TYR A 1 88  ? -7.590  3.930   -5.128  1.00 23.39  ? 872  TYR B N     1 
ATOM   655  C CA    . TYR A 1 88  ? -7.056  4.639   -3.966  1.00 26.28  ? 872  TYR B CA    1 
ATOM   656  C C     . TYR A 1 88  ? -6.244  3.713   -3.072  1.00 27.56  ? 872  TYR B C     1 
ATOM   657  O O     . TYR A 1 88  ? -5.160  4.073   -2.609  1.00 27.22  ? 872  TYR B O     1 
ATOM   658  C CB    . TYR A 1 88  ? -8.172  5.293   -3.150  1.00 26.88  ? 872  TYR B CB    1 
ATOM   659  C CG    . TYR A 1 88  ? -7.649  5.949   -1.896  1.00 28.13  ? 872  TYR B CG    1 
ATOM   660  C CD1   . TYR A 1 88  ? -6.855  7.085   -1.968  1.00 27.73  ? 872  TYR B CD1   1 
ATOM   661  C CD2   . TYR A 1 88  ? -7.931  5.427   -0.642  1.00 28.35  ? 872  TYR B CD2   1 
ATOM   662  C CE1   . TYR A 1 88  ? -6.363  7.690   -0.826  1.00 27.67  ? 872  TYR B CE1   1 
ATOM   663  C CE2   . TYR A 1 88  ? -7.445  6.025   0.510   1.00 28.11  ? 872  TYR B CE2   1 
ATOM   664  C CZ    . TYR A 1 88  ? -6.661  7.154   0.407   1.00 29.56  ? 872  TYR B CZ    1 
ATOM   665  O OH    . TYR A 1 88  ? -6.168  7.756   1.543   1.00 31.28  ? 872  TYR B OH    1 
ATOM   666  N N     . GLY A 1 89  ? -6.776  2.520   -2.834  1.00 27.14  ? 873  GLY B N     1 
ATOM   667  C CA    . GLY A 1 89  ? -6.100  1.531   -2.022  1.00 24.82  ? 873  GLY B CA    1 
ATOM   668  C C     . GLY A 1 89  ? -4.765  1.116   -2.595  1.00 24.68  ? 873  GLY B C     1 
ATOM   669  O O     . GLY A 1 89  ? -3.811  0.876   -1.857  1.00 25.32  ? 873  GLY B O     1 
ATOM   670  N N     . LEU A 1 90  ? -4.691  1.033   -3.920  1.00 27.80  ? 874  LEU B N     1 
ATOM   671  C CA    . LEU A 1 90  ? -3.453  0.657   -4.594  1.00 27.26  ? 874  LEU B CA    1 
ATOM   672  C C     . LEU A 1 90  ? -2.428  1.789   -4.516  1.00 28.49  ? 874  LEU B C     1 
ATOM   673  O O     . LEU A 1 90  ? -1.231  1.537   -4.363  1.00 29.06  ? 874  LEU B O     1 
ATOM   674  C CB    . LEU A 1 90  ? -3.723  0.281   -6.051  1.00 26.92  ? 874  LEU B CB    1 
ATOM   675  C CG    . LEU A 1 90  ? -2.514  -0.202  -6.853  1.00 24.78  ? 874  LEU B CG    1 
ATOM   676  C CD1   . LEU A 1 90  ? -1.887  -1.429  -6.204  1.00 24.23  ? 874  LEU B CD1   1 
ATOM   677  C CD2   . LEU A 1 90  ? -2.908  -0.490  -8.295  1.00 27.21  ? 874  LEU B CD2   1 
ATOM   678  N N     . GLU A 1 91  ? -2.902  3.030   -4.621  1.00 27.03  ? 875  GLU B N     1 
ATOM   679  C CA    . GLU A 1 91  ? -2.038  4.198   -4.468  1.00 25.89  ? 875  GLU B CA    1 
ATOM   680  C C     . GLU A 1 91  ? -1.426  4.215   -3.072  1.00 25.56  ? 875  GLU B C     1 
ATOM   681  O O     . GLU A 1 91  ? -0.244  4.507   -2.910  1.00 27.42  ? 875  GLU B O     1 
ATOM   682  C CB    . GLU A 1 91  ? -2.816  5.494   -4.726  1.00 27.91  ? 875  GLU B CB    1 
ATOM   683  C CG    . GLU A 1 91  ? -3.283  5.677   -6.163  1.00 26.79  ? 875  GLU B CG    1 
ATOM   684  C CD    . GLU A 1 91  ? -4.244  6.837   -6.325  1.00 27.40  ? 875  GLU B CD    1 
ATOM   685  O OE1   . GLU A 1 91  ? -4.419  7.606   -5.357  1.00 34.40  ? 875  GLU B OE1   1 
ATOM   686  O OE2   . GLU A 1 91  ? -4.826  6.981   -7.422  1.00 30.41  ? 875  GLU B OE2   1 
ATOM   687  N N     . CYS A 1 92  ? -2.235  3.895   -2.069  1.00 25.64  ? 876  CYS B N     1 
ATOM   688  C CA    . CYS A 1 92  ? -1.742  3.787   -0.699  1.00 27.95  ? 876  CYS B CA    1 
ATOM   689  C C     . CYS A 1 92  ? -0.671  2.712   -0.572  1.00 27.91  ? 876  CYS B C     1 
ATOM   690  O O     . CYS A 1 92  ? 0.289   2.867   0.184   1.00 29.48  ? 876  CYS B O     1 
ATOM   691  C CB    . CYS A 1 92  ? -2.886  3.482   0.265   1.00 25.20  ? 876  CYS B CB    1 
ATOM   692  S SG    . CYS A 1 92  ? -4.016  4.853   0.528   1.00 26.40  ? 876  CYS B SG    1 
ATOM   693  N N     . LEU A 1 93  ? -0.844  1.620   -1.311  1.00 24.75  ? 877  LEU B N     1 
ATOM   694  C CA    . LEU A 1 93  ? 0.104   0.515   -1.274  1.00 26.08  ? 877  LEU B CA    1 
ATOM   695  C C     . LEU A 1 93  ? 1.426   0.909   -1.918  1.00 27.09  ? 877  LEU B C     1 
ATOM   696  O O     . LEU A 1 93  ? 2.493   0.498   -1.463  1.00 23.62  ? 877  LEU B O     1 
ATOM   697  C CB    . LEU A 1 93  ? -0.481  -0.719  -1.967  1.00 23.94  ? 877  LEU B CB    1 
ATOM   698  C CG    . LEU A 1 93  ? 0.399   -1.972  -1.986  1.00 23.66  ? 877  LEU B CG    1 
ATOM   699  C CD1   . LEU A 1 93  ? 0.544   -2.557  -0.587  1.00 24.54  ? 877  LEU B CD1   1 
ATOM   700  C CD2   . LEU A 1 93  ? -0.163  -3.001  -2.954  1.00 20.60  ? 877  LEU B CD2   1 
ATOM   701  N N     . PHE A 1 94  ? 1.322   1.654   -3.009  1.00 26.37  ? 878  PHE B N     1 
ATOM   702  C CA    . PHE A 1 94  ? 2.471   2.180   -3.712  1.00 27.65  ? 878  PHE B CA    1 
ATOM   703  C C     . PHE A 1 94  ? 3.171   3.234   -2.880  1.00 27.82  ? 878  PHE B C     1 
ATOM   704  O O     . PHE A 1 94  ? 4.372   3.321   -2.884  1.00 27.22  ? 878  PHE B O     1 
ATOM   705  C CB    . PHE A 1 94  ? 2.120   2.676   -5.104  1.00 27.00  ? 878  PHE B CB    1 
ATOM   706  C CG    . PHE A 1 94  ? 2.080   1.589   -6.117  1.00 26.44  ? 878  PHE B CG    1 
ATOM   707  C CD1   . PHE A 1 94  ? 3.148   0.754   -6.267  1.00 25.18  ? 878  PHE B CD1   1 
ATOM   708  C CD2   . PHE A 1 94  ? 0.972   1.400   -6.906  1.00 23.22  ? 878  PHE B CD2   1 
ATOM   709  C CE1   . PHE A 1 94  ? 3.129   -0.248  -7.189  1.00 26.20  ? 878  PHE B CE1   1 
ATOM   710  C CE2   . PHE A 1 94  ? 0.941   0.391   -7.828  1.00 26.23  ? 878  PHE B CE2   1 
ATOM   711  C CZ    . PHE A 1 94  ? 2.025   -0.428  -7.972  1.00 25.12  ? 878  PHE B CZ    1 
ATOM   712  N N     . ARG A 1 95  ? 2.394   4.052   -2.189  1.00 30.17  ? 879  ARG B N     1 
ATOM   713  C CA    . ARG A 1 95  ? 2.940   5.068   -1.325  1.00 28.00  ? 879  ARG B CA    1 
ATOM   714  C C     . ARG A 1 95  ? 3.659   4.367   -0.220  1.00 29.79  ? 879  ARG B C     1 
ATOM   715  O O     . ARG A 1 95  ? 4.719   4.780   0.183   1.00 31.69  ? 879  ARG B O     1 
ATOM   716  C CB    . ARG A 1 95  ? 1.851   5.960   -0.761  1.00 29.24  ? 879  ARG B CB    1 
ATOM   717  C CG    . ARG A 1 95  ? 1.512   7.133   -1.645  1.00 31.40  ? 879  ARG B CG    1 
ATOM   718  C CD    . ARG A 1 95  ? 0.106   7.598   -1.411  1.00 28.43  ? 879  ARG B CD    1 
ATOM   719  N NE    . ARG A 1 95  ? -0.050  8.122   -0.085  1.00 29.04  ? 879  ARG B NE    1 
ATOM   720  C CZ    . ARG A 1 95  ? -1.209  8.470   0.426   1.00 33.75  ? 879  ARG B CZ    1 
ATOM   721  N NH1   . ARG A 1 95  ? -2.295  8.331   -0.292  1.00 33.52  ? 879  ARG B NH1   1 
ATOM   722  N NH2   . ARG A 1 95  ? -1.279  8.932   1.649   1.00 34.13  ? 879  ARG B NH2   1 
ATOM   723  N N     . TYR A 1 96  ? 3.069   3.294   0.279   1.00 28.46  ? 880  TYR B N     1 
ATOM   724  C CA    . TYR A 1 96  ? 3.719   2.544   1.331   1.00 27.83  ? 880  TYR B CA    1 
ATOM   725  C C     . TYR A 1 96  ? 5.026   1.911   0.837   1.00 27.75  ? 880  TYR B C     1 
ATOM   726  O O     . TYR A 1 96  ? 6.008   1.904   1.540   1.00 26.95  ? 880  TYR B O     1 
ATOM   727  C CB    . TYR A 1 96  ? 2.766   1.495   1.973   1.00 29.14  ? 880  TYR B CB    1 
ATOM   728  C CG    . TYR A 1 96  ? 3.505   0.342   2.600   1.00 30.60  ? 880  TYR B CG    1 
ATOM   729  C CD1   . TYR A 1 96  ? 4.129   0.482   3.822   1.00 28.44  ? 880  TYR B CD1   1 
ATOM   730  C CD2   . TYR A 1 96  ? 3.716   -0.815  1.890   1.00 25.11  ? 880  TYR B CD2   1 
ATOM   731  C CE1   . TYR A 1 96  ? 4.867   -0.535  4.353   1.00 29.98  ? 880  TYR B CE1   1 
ATOM   732  C CE2   . TYR A 1 96  ? 4.452   -1.829  2.411   1.00 27.75  ? 880  TYR B CE2   1 
ATOM   733  C CZ    . TYR A 1 96  ? 5.024   -1.685  3.645   1.00 33.30  ? 880  TYR B CZ    1 
ATOM   734  O OH    . TYR A 1 96  ? 5.759   -2.699  4.167   1.00 34.91  ? 880  TYR B OH    1 
ATOM   735  N N     . TYR A 1 97  ? 5.007   1.351   -0.357  1.00 28.57  ? 881  TYR B N     1 
ATOM   736  C CA    . TYR A 1 97  ? 6.176   0.685   -0.869  1.00 28.90  ? 881  TYR B CA    1 
ATOM   737  C C     . TYR A 1 97  ? 7.334   1.630   -1.016  1.00 29.90  ? 881  TYR B C     1 
ATOM   738  O O     . TYR A 1 97  ? 8.435   1.336   -0.596  1.00 30.25  ? 881  TYR B O     1 
ATOM   739  C CB    . TYR A 1 97  ? 5.870   0.162   -2.268  1.00 30.36  ? 881  TYR B CB    1 
ATOM   740  C CG    . TYR A 1 97  ? 5.141   -1.152  -2.393  1.00 30.34  ? 881  TYR B CG    1 
ATOM   741  C CD1   . TYR A 1 97  ? 5.429   -2.218  -1.576  1.00 29.42  ? 881  TYR B CD1   1 
ATOM   742  C CD2   . TYR A 1 97  ? 4.211   -1.343  -3.390  1.00 30.64  ? 881  TYR B CD2   1 
ATOM   743  C CE1   . TYR A 1 97  ? 4.776   -3.409  -1.715  1.00 27.28  ? 881  TYR B CE1   1 
ATOM   744  C CE2   . TYR A 1 97  ? 3.562   -2.539  -3.532  1.00 26.56  ? 881  TYR B CE2   1 
ATOM   745  C CZ    . TYR A 1 97  ? 3.853   -3.568  -2.692  1.00 26.66  ? 881  TYR B CZ    1 
ATOM   746  O OH    . TYR A 1 97  ? 3.213   -4.766  -2.832  1.00 28.55  ? 881  TYR B OH    1 
ATOM   747  N N     . SER A 1 98  ? 7.078   2.778   -1.618  1.00 26.81  ? 882  SER B N     1 
ATOM   748  C CA    . SER A 1 98  ? 8.118   3.759   -1.829  1.00 29.69  ? 882  SER B CA    1 
ATOM   749  C C     . SER A 1 98  ? 8.662   4.412   -0.558  1.00 32.09  ? 882  SER B C     1 
ATOM   750  O O     . SER A 1 98  ? 9.856   4.530   -0.383  1.00 28.97  ? 882  SER B O     1 
ATOM   751  C CB    . SER A 1 98  ? 7.611   4.810   -2.796  1.00 29.18  ? 882  SER B CB    1 
ATOM   752  O OG    . SER A 1 98  ? 8.613   5.708   -3.172  1.00 31.27  ? 882  SER B OG    1 
ATOM   753  N N     . TYR A 1 99  ? 7.757   4.843   0.302   1.00 30.80  ? 883  TYR B N     1 
ATOM   754  C CA    . TYR A 1 99  ? 8.081   5.461   1.572   1.00 31.12  ? 883  TYR B CA    1 
ATOM   755  C C     . TYR A 1 99  ? 8.625   4.546   2.663   1.00 32.10  ? 883  TYR B C     1 
ATOM   756  O O     . TYR A 1 99  ? 9.539   4.902   3.371   1.00 33.68  ? 883  TYR B O     1 
ATOM   757  C CB    . TYR A 1 99  ? 6.906   6.297   2.065   1.00 33.44  ? 883  TYR B CB    1 
ATOM   758  C CG    . TYR A 1 99  ? 6.740   7.569   1.274   1.00 35.23  ? 883  TYR B CG    1 
ATOM   759  C CD1   . TYR A 1 99  ? 7.386   8.715   1.647   1.00 34.41  ? 883  TYR B CD1   1 
ATOM   760  C CD2   . TYR A 1 99  ? 5.958   7.612   0.146   1.00 35.11  ? 883  TYR B CD2   1 
ATOM   761  C CE1   . TYR A 1 99  ? 7.255   9.868   0.931   1.00 36.27  ? 883  TYR B CE1   1 
ATOM   762  C CE2   . TYR A 1 99  ? 5.823   8.764   -0.576  1.00 38.03  ? 883  TYR B CE2   1 
ATOM   763  C CZ    . TYR A 1 99  ? 6.479   9.889   -0.170  1.00 37.46  ? 883  TYR B CZ    1 
ATOM   764  O OH    . TYR A 1 99  ? 6.365   11.047  -0.865  1.00 35.05  ? 883  TYR B OH    1 
ATOM   765  N N     . GLY A 1 100 ? 8.037   3.365   2.774   1.00 31.58  ? 884  GLY B N     1 
ATOM   766  C CA    . GLY A 1 100 ? 8.389   2.367   3.769   1.00 29.90  ? 884  GLY B CA    1 
ATOM   767  C C     . GLY A 1 100 ? 9.708   1.667   3.511   1.00 31.34  ? 884  GLY B C     1 
ATOM   768  O O     . GLY A 1 100 ? 10.534  1.538   4.412   1.00 36.56  ? 884  GLY B O     1 
ATOM   769  N N     . LEU A 1 101 ? 9.914   1.213   2.280   1.00 28.37  ? 885  LEU B N     1 
ATOM   770  C CA    . LEU A 1 101 ? 11.143  0.514   1.928   1.00 32.58  ? 885  LEU B CA    1 
ATOM   771  C C     . LEU A 1 101 ? 12.327  1.465   1.962   1.00 33.89  ? 885  LEU B C     1 
ATOM   772  O O     . LEU A 1 101 ? 13.473  1.038   2.116   1.00 36.92  ? 885  LEU B O     1 
ATOM   773  C CB    . LEU A 1 101 ? 11.020  -0.141  0.552   1.00 29.05  ? 885  LEU B CB    1 
ATOM   774  C CG    . LEU A 1 101 ? 10.058  -1.328  0.523   1.00 27.04  ? 885  LEU B CG    1 
ATOM   775  C CD1   . LEU A 1 101 ? 9.794   -1.784  -0.897  1.00 33.06  ? 885  LEU B CD1   1 
ATOM   776  C CD2   . LEU A 1 101 ? 10.615  -2.463  1.362   1.00 31.69  ? 885  LEU B CD2   1 
ATOM   777  N N     . GLU A 1 102 ? 12.012  2.741   1.865   1.00 35.10  ? 886  GLU B N     1 
ATOM   778  C CA    . GLU A 1 102 ? 12.984  3.782   2.001   1.00 34.78  ? 886  GLU B CA    1 
ATOM   779  C C     . GLU A 1 102 ? 13.431  3.813   3.444   1.00 35.25  ? 886  GLU B C     1 
ATOM   780  O O     . GLU A 1 102 ? 14.584  3.961   3.739   1.00 31.25  ? 886  GLU B O     1 
ATOM   781  C CB    . GLU A 1 102 ? 12.372  5.115   1.659   1.00 33.50  ? 886  GLU B CB    1 
ATOM   782  C CG    . GLU A 1 102 ? 13.378  6.190   1.399   1.00 30.23  ? 886  GLU B CG    1 
ATOM   783  C CD    . GLU A 1 102 ? 12.826  7.558   1.501   1.00 37.96  ? 886  GLU B CD    1 
ATOM   784  O OE1   . GLU A 1 102 ? 11.623  7.725   1.492   1.00 40.29  ? 886  GLU B OE1   1 
ATOM   785  O OE2   . GLU A 1 102 ? 13.616  8.476   1.576   1.00 40.19  ? 886  GLU B OE2   1 
ATOM   786  N N     . LYS A 1 103 ? 12.457  3.705   4.327   1.00 45.41  ? 887  LYS B N     1 
ATOM   787  C CA    . LYS A 1 103 ? 12.656  3.705   5.744   1.00 46.89  ? 887  LYS B CA    1 
ATOM   788  C C     . LYS A 1 103 ? 13.367  2.471   6.256   1.00 48.48  ? 887  LYS B C     1 
ATOM   789  O O     . LYS A 1 103 ? 14.293  2.564   7.005   1.00 49.98  ? 887  LYS B O     1 
ATOM   790  C CB    . LYS A 1 103 ? 11.306  3.837   6.367   1.00 34.58  ? 887  LYS B CB    1 
ATOM   791  C CG    . LYS A 1 103 ? 11.305  3.903   7.858   1.00 34.58  ? 887  LYS B CG    1 
ATOM   792  C CD    . LYS A 1 103 ? 10.863  5.252   8.340   1.00 34.58  ? 887  LYS B CD    1 
ATOM   793  C CE    . LYS A 1 103 ? 11.383  5.503   9.745   1.00 34.58  ? 887  LYS B CE    1 
ATOM   794  N NZ    . LYS A 1 103 ? 10.842  6.760   10.334  1.00 34.58  ? 887  LYS B NZ    1 
ATOM   795  N N     . LYS A 1 104 ? 12.926  1.307   5.818   1.00 41.44  ? 888  LYS B N     1 
ATOM   796  C CA    . LYS A 1 104 ? 13.565  0.045   6.160   1.00 44.00  ? 888  LYS B CA    1 
ATOM   797  C C     . LYS A 1 104 ? 13.338  -0.920  5.047   1.00 42.92  ? 888  LYS B C     1 
ATOM   798  O O     . LYS A 1 104 ? 12.227  -1.238  4.742   1.00 40.80  ? 888  LYS B O     1 
ATOM   799  C CB    . LYS A 1 104 ? 13.098  -0.553  7.467   1.00 39.47  ? 888  LYS B CB    1 
ATOM   800  C CG    . LYS A 1 104 ? 14.157  -1.434  8.072   1.00 43.49  ? 888  LYS B CG    1 
ATOM   801  C CD    . LYS A 1 104 ? 13.663  -2.166  9.298   1.00 48.53  ? 888  LYS B CD    1 
ATOM   802  C CE    . LYS A 1 104 ? 14.750  -2.955  9.992   1.00 48.12  ? 888  LYS B CE    1 
ATOM   803  N NZ    . LYS A 1 104 ? 15.333  -2.207  11.139  1.00 47.49  ? 888  LYS B NZ    1 
ATOM   804  N N     . PHE A 1 105 ? 14.414  -1.431  4.488   1.00 42.66  ? 889  PHE B N     1 
ATOM   805  C CA    . PHE A 1 105 ? 14.320  -2.306  3.327   1.00 38.71  ? 889  PHE B CA    1 
ATOM   806  C C     . PHE A 1 105 ? 13.998  -3.745  3.713   1.00 36.93  ? 889  PHE B C     1 
ATOM   807  O O     . PHE A 1 105 ? 14.559  -4.279  4.670   1.00 36.92  ? 889  PHE B O     1 
ATOM   808  C CB    . PHE A 1 105 ? 15.626  -2.267  2.531   1.00 35.52  ? 889  PHE B CB    1 
ATOM   809  C CG    . PHE A 1 105 ? 15.567  -3.003  1.224   1.00 40.04  ? 889  PHE B CG    1 
ATOM   810  C CD1   . PHE A 1 105 ? 15.130  -2.363  0.076   1.00 40.62  ? 889  PHE B CD1   1 
ATOM   811  C CD2   . PHE A 1 105 ? 15.960  -4.330  1.137   1.00 39.21  ? 889  PHE B CD2   1 
ATOM   812  C CE1   . PHE A 1 105 ? 15.079  -3.030  -1.131  1.00 42.73  ? 889  PHE B CE1   1 
ATOM   813  C CE2   . PHE A 1 105 ? 15.909  -5.004  -0.070  1.00 44.29  ? 889  PHE B CE2   1 
ATOM   814  C CZ    . PHE A 1 105 ? 15.471  -4.352  -1.206  1.00 43.99  ? 889  PHE B CZ    1 
ATOM   815  N N     . ARG A 1 106 ? 13.055  -4.340  2.997   1.00 37.17  ? 890  ARG B N     1 
ATOM   816  C CA    . ARG A 1 106 ? 12.670  -5.732  3.157   1.00 34.57  ? 890  ARG B CA    1 
ATOM   817  C C     . ARG A 1 106 ? 12.588  -6.305  1.758   1.00 39.46  ? 890  ARG B C     1 
ATOM   818  O O     . ARG A 1 106 ? 11.884  -5.789  0.918   1.00 37.99  ? 890  ARG B O     1 
ATOM   819  C CB    . ARG A 1 106 ? 11.349  -5.893  3.887   1.00 38.20  ? 890  ARG B CB    1 
ATOM   820  C CG    . ARG A 1 106 ? 11.481  -5.857  5.390   1.00 40.24  ? 890  ARG B CG    1 
ATOM   821  C CD    . ARG A 1 106 ? 10.160  -5.603  6.070   1.00 42.40  ? 890  ARG B CD    1 
ATOM   822  N NE    . ARG A 1 106 ? 10.289  -4.739  7.240   1.00 41.74  ? 890  ARG B NE    1 
ATOM   823  C CZ    . ARG A 1 106 ? 10.873  -5.076  8.386   1.00 37.35  ? 890  ARG B CZ    1 
ATOM   824  N NH1   . ARG A 1 106 ? 11.435  -6.254  8.546   1.00 38.49  ? 890  ARG B NH1   1 
ATOM   825  N NH2   . ARG A 1 106 ? 10.909  -4.209  9.371   1.00 39.35  ? 890  ARG B NH2   1 
ATOM   826  N N     . LEU A 1 107 ? 13.309  -7.383  1.519   1.00 39.22  ? 891  LEU B N     1 
ATOM   827  C CA    . LEU A 1 107 ? 13.362  -8.006  0.211   1.00 40.39  ? 891  LEU B CA    1 
ATOM   828  C C     . LEU A 1 107 ? 12.066  -8.587  -0.338  1.00 42.93  ? 891  LEU B C     1 
ATOM   829  O O     . LEU A 1 107 ? 11.785  -8.428  -1.504  1.00 42.81  ? 891  LEU B O     1 
ATOM   830  C CB    . LEU A 1 107 ? 14.470  -9.051  0.179   1.00 37.65  ? 891  LEU B CB    1 
ATOM   831  C CG    . LEU A 1 107 ? 14.954  -9.410  -1.211  1.00 38.06  ? 891  LEU B CG    1 
ATOM   832  C CD1   . LEU A 1 107 ? 15.820  -8.294  -1.743  1.00 35.22  ? 891  LEU B CD1   1 
ATOM   833  C CD2   . LEU A 1 107 ? 15.717  -10.711 -1.161  1.00 38.30  ? 891  LEU B CD2   1 
ATOM   834  N N     . ASP A 1 108 ? 11.274  -9.249  0.485   1.00 41.59  ? 892  ASP B N     1 
ATOM   835  C CA    . ASP A 1 108 ? 10.020  -9.825  0.021   1.00 39.84  ? 892  ASP B CA    1 
ATOM   836  C C     . ASP A 1 108 ? 9.044   -8.764  -0.486  1.00 40.78  ? 892  ASP B C     1 
ATOM   837  O O     . ASP A 1 108 ? 8.331   -8.951  -1.446  1.00 42.01  ? 892  ASP B O     1 
ATOM   838  C CB    . ASP A 1 108 ? 9.360   -10.581 1.170   1.00 39.57  ? 892  ASP B CB    1 
ATOM   839  C CG    . ASP A 1 108 ? 9.681   -12.049 1.166   1.00 43.49  ? 892  ASP B CG    1 
ATOM   840  O OD1   . ASP A 1 108 ? 10.210  -12.546 0.168   1.00 39.79  ? 892  ASP B OD1   1 
ATOM   841  O OD2   . ASP A 1 108 ? 9.382   -12.717 2.164   1.00 41.21  ? 892  ASP B OD2   1 
ATOM   842  N N     . ILE A 1 109 ? 9.040   -7.656  0.224   1.00 40.41  ? 893  ILE B N     1 
ATOM   843  C CA    . ILE A 1 109 ? 8.226   -6.467  0.051   1.00 38.12  ? 893  ILE B CA    1 
ATOM   844  C C     . ILE A 1 109 ? 8.696   -5.714  -1.175  1.00 38.84  ? 893  ILE B C     1 
ATOM   845  O O     . ILE A 1 109 ? 7.901   -5.257  -1.965  1.00 38.82  ? 893  ILE B O     1 
ATOM   846  C CB    . ILE A 1 109 ? 8.251   -5.560  1.290   1.00 35.17  ? 893  ILE B CB    1 
ATOM   847  C CG1   . ILE A 1 109 ? 7.651   -6.286  2.479   1.00 34.42  ? 893  ILE B CG1   1 
ATOM   848  C CG2   . ILE A 1 109 ? 7.487   -4.285  1.030   1.00 30.66  ? 893  ILE B CG2   1 
ATOM   849  C CD1   . ILE A 1 109 ? 6.352   -6.984  2.177   1.00 33.81  ? 893  ILE B CD1   1 
ATOM   850  N N     . PHE A 1 110 ? 10.009  -5.612  -1.328  1.00 36.23  ? 894  PHE B N     1 
ATOM   851  C CA    . PHE A 1 110 ? 10.585  -4.943  -2.488  1.00 37.27  ? 894  PHE B CA    1 
ATOM   852  C C     . PHE A 1 110 ? 10.338  -5.744  -3.759  1.00 37.80  ? 894  PHE B C     1 
ATOM   853  O O     . PHE A 1 110 ? 10.133  -5.176  -4.834  1.00 38.46  ? 894  PHE B O     1 
ATOM   854  C CB    . PHE A 1 110 ? 12.082  -4.718  -2.286  1.00 37.82  ? 894  PHE B CB    1 
ATOM   855  C CG    . PHE A 1 110 ? 12.770  -4.146  -3.489  1.00 42.43  ? 894  PHE B CG    1 
ATOM   856  C CD1   . PHE A 1 110 ? 12.511  -2.849  -3.897  1.00 44.13  ? 894  PHE B CD1   1 
ATOM   857  C CD2   . PHE A 1 110 ? 13.670  -4.909  -4.216  1.00 43.55  ? 894  PHE B CD2   1 
ATOM   858  C CE1   . PHE A 1 110 ? 13.139  -2.322  -5.010  1.00 41.07  ? 894  PHE B CE1   1 
ATOM   859  C CE2   . PHE A 1 110 ? 14.302  -4.386  -5.326  1.00 45.43  ? 894  PHE B CE2   1 
ATOM   860  C CZ    . PHE A 1 110 ? 14.035  -3.089  -5.723  1.00 46.58  ? 894  PHE B CZ    1 
ATOM   861  N N     . LYS A 1 111 ? 10.354  -7.067  -3.631  1.00 35.95  ? 895  LYS B N     1 
ATOM   862  C CA    . LYS A 1 111 ? 10.031  -7.945  -4.747  1.00 39.28  ? 895  LYS B CA    1 
ATOM   863  C C     . LYS A 1 111 ? 8.564   -7.809  -5.136  1.00 35.34  ? 895  LYS B C     1 
ATOM   864  O O     . LYS A 1 111 ? 8.217   -7.859  -6.318  1.00 33.25  ? 895  LYS B O     1 
ATOM   865  C CB    . LYS A 1 111 ? 10.366  -9.396  -4.405  1.00 39.36  ? 895  LYS B CB    1 
ATOM   866  C CG    . LYS A 1 111 ? 11.736  -9.825  -4.900  1.00 40.99  ? 895  LYS B CG    1 
ATOM   867  C CD    . LYS A 1 111 ? 12.565  -10.431 -3.784  1.00 42.69  ? 895  LYS B CD    1 
ATOM   868  C CE    . LYS A 1 111 ? 11.884  -11.653 -3.182  1.00 44.27  ? 895  LYS B CE    1 
ATOM   869  N NZ    . LYS A 1 111 ? 12.665  -12.212 -2.036  1.00 39.58  ? 895  LYS B NZ    1 
ATOM   870  N N     . ASP A 1 112 ? 7.710   -7.639  -4.136  1.00 33.34  ? 896  ASP B N     1 
ATOM   871  C CA    . ASP A 1 112 ? 6.306   -7.315  -4.368  1.00 32.14  ? 896  ASP B CA    1 
ATOM   872  C C     . ASP A 1 112 ? 6.174   -5.968  -5.073  1.00 32.27  ? 896  ASP B C     1 
ATOM   873  O O     . ASP A 1 112 ? 5.351   -5.799  -5.978  1.00 28.47  ? 896  ASP B O     1 
ATOM   874  C CB    . ASP A 1 112 ? 5.539   -7.282  -3.046  1.00 33.24  ? 896  ASP B CB    1 
ATOM   875  C CG    . ASP A 1 112 ? 5.241   -8.658  -2.506  1.00 30.72  ? 896  ASP B CG    1 
ATOM   876  O OD1   . ASP A 1 112 ? 5.891   -9.625  -2.951  1.00 33.58  ? 896  ASP B OD1   1 
ATOM   877  O OD2   . ASP A 1 112 ? 4.356   -8.767  -1.634  1.00 27.80  ? 896  ASP B OD2   1 
ATOM   878  N N     . PHE A 1 113 ? 6.991   -5.014  -4.639  1.00 31.21  ? 897  PHE B N     1 
ATOM   879  C CA    . PHE A 1 113 ? 7.005   -3.666  -5.192  1.00 28.13  ? 897  PHE B CA    1 
ATOM   880  C C     . PHE A 1 113 ? 7.274   -3.721  -6.687  1.00 31.20  ? 897  PHE B C     1 
ATOM   881  O O     . PHE A 1 113 ? 6.528   -3.142  -7.477  1.00 30.89  ? 897  PHE B O     1 
ATOM   882  C CB    . PHE A 1 113 ? 8.065   -2.814  -4.486  1.00 29.09  ? 897  PHE B CB    1 
ATOM   883  C CG    . PHE A 1 113 ? 7.942   -1.340  -4.733  1.00 27.02  ? 897  PHE B CG    1 
ATOM   884  C CD1   . PHE A 1 113 ? 6.849   -0.819  -5.403  1.00 29.34  ? 897  PHE B CD1   1 
ATOM   885  C CD2   . PHE A 1 113 ? 8.929   -0.476  -4.295  1.00 29.17  ? 897  PHE B CD2   1 
ATOM   886  C CE1   . PHE A 1 113 ? 6.743   0.536   -5.629  1.00 27.86  ? 897  PHE B CE1   1 
ATOM   887  C CE2   . PHE A 1 113 ? 8.827   0.882   -4.519  1.00 31.57  ? 897  PHE B CE2   1 
ATOM   888  C CZ    . PHE A 1 113 ? 7.731   1.388   -5.183  1.00 30.34  ? 897  PHE B CZ    1 
ATOM   889  N N     . GLN A 1 114 ? 8.332   -4.427  -7.065  1.00 31.39  ? 898  GLN B N     1 
ATOM   890  C CA    . GLN A 1 114 ? 8.696   -4.565  -8.469  1.00 35.30  ? 898  GLN B CA    1 
ATOM   891  C C     . GLN A 1 114 ? 7.585   -5.242  -9.256  1.00 34.47  ? 898  GLN B C     1 
ATOM   892  O O     . GLN A 1 114 ? 7.263   -4.830  -10.371 1.00 31.82  ? 898  GLN B O     1 
ATOM   893  C CB    . GLN A 1 114 ? 9.994   -5.361  -8.617  1.00 35.72  ? 898  GLN B CB    1 
ATOM   894  C CG    . GLN A 1 114 ? 11.187  -4.747  -7.914  1.00 41.78  ? 898  GLN B CG    1 
ATOM   895  C CD    . GLN A 1 114 ? 12.499  -5.305  -8.413  1.00 45.79  ? 898  GLN B CD    1 
ATOM   896  O OE1   . GLN A 1 114 ? 13.006  -4.888  -9.456  1.00 48.03  ? 898  GLN B OE1   1 
ATOM   897  N NE2   . GLN A 1 114 ? 13.057  -6.256  -7.677  1.00 48.81  ? 898  GLN B NE2   1 
ATOM   898  N N     . GLU A 1 115 ? 7.005   -6.282  -8.667  1.00 32.37  ? 899  GLU B N     1 
ATOM   899  C CA    . GLU A 1 115 ? 5.967   -7.064  -9.328  1.00 30.16  ? 899  GLU B CA    1 
ATOM   900  C C     . GLU A 1 115 ? 4.725   -6.238  -9.626  1.00 33.49  ? 899  GLU B C     1 
ATOM   901  O O     . GLU A 1 115 ? 4.228   -6.233  -10.753 1.00 36.02  ? 899  GLU B O     1 
ATOM   902  C CB    . GLU A 1 115 ? 5.595   -8.274  -8.470  1.00 31.02  ? 899  GLU B CB    1 
ATOM   903  C CG    . GLU A 1 115 ? 4.413   -9.058  -9.006  1.00 34.14  ? 899  GLU B CG    1 
ATOM   904  C CD    . GLU A 1 115 ? 4.525   -10.541 -8.711  1.00 45.13  ? 899  GLU B CD    1 
ATOM   905  O OE1   . GLU A 1 115 ? 5.503   -10.939 -8.039  1.00 49.93  ? 899  GLU B OE1   1 
ATOM   906  O OE2   . GLU A 1 115 ? 3.643   -11.304 -9.155  1.00 48.42  ? 899  GLU B OE2   1 
ATOM   907  N N     . GLU A 1 116 ? 4.227   -5.542  -8.613  1.00 30.07  ? 900  GLU B N     1 
ATOM   908  C CA    . GLU A 1 116 ? 3.035   -4.726  -8.776  1.00 32.83  ? 900  GLU B CA    1 
ATOM   909  C C     . GLU A 1 116 ? 3.300   -3.505  -9.654  1.00 30.13  ? 900  GLU B C     1 
ATOM   910  O O     . GLU A 1 116 ? 2.418   -3.062  -10.386 1.00 28.71  ? 900  GLU B O     1 
ATOM   911  C CB    . GLU A 1 116 ? 2.493   -4.295  -7.410  1.00 33.57  ? 900  GLU B CB    1 
ATOM   912  C CG    . GLU A 1 116 ? 2.152   -5.455  -6.491  1.00 34.30  ? 900  GLU B CG    1 
ATOM   913  C CD    . GLU A 1 116 ? 1.210   -6.467  -7.131  1.00 31.48  ? 900  GLU B CD    1 
ATOM   914  O OE1   . GLU A 1 116 ? 0.243   -6.052  -7.800  1.00 32.95  ? 900  GLU B OE1   1 
ATOM   915  O OE2   . GLU A 1 116 ? 1.445   -7.680  -6.963  1.00 29.53  ? 900  GLU B OE2   1 
ATOM   916  N N     . THR A 1 117 ? 4.511   -2.965  -9.575  1.00 30.48  ? 901  THR B N     1 
ATOM   917  C CA    . THR A 1 117 ? 4.896   -1.833  -10.410 1.00 31.22  ? 901  THR B CA    1 
ATOM   918  C C     . THR A 1 117 ? 4.826   -2.211  -11.888 1.00 34.60  ? 901  THR B C     1 
ATOM   919  O O     . THR A 1 117 ? 4.323   -1.445  -12.712 1.00 35.47  ? 901  THR B O     1 
ATOM   920  C CB    . THR A 1 117 ? 6.318   -1.332  -10.074 1.00 32.82  ? 901  THR B CB    1 
ATOM   921  O OG1   . THR A 1 117 ? 6.370   -0.931  -8.700  1.00 29.40  ? 901  THR B OG1   1 
ATOM   922  C CG2   . THR A 1 117 ? 6.699   -0.158  -10.957 1.00 33.41  ? 901  THR B CG2   1 
ATOM   923  N N     . VAL A 1 118 ? 5.325   -3.401  -12.214 1.00 33.15  ? 902  VAL B N     1 
ATOM   924  C CA    . VAL A 1 118 ? 5.280   -3.909  -13.581 1.00 33.09  ? 902  VAL B CA    1 
ATOM   925  C C     . VAL A 1 118 ? 3.832   -4.123  -14.018 1.00 33.78  ? 902  VAL B C     1 
ATOM   926  O O     . VAL A 1 118 ? 3.445   -3.729  -15.118 1.00 33.74  ? 902  VAL B O     1 
ATOM   927  C CB    . VAL A 1 118 ? 6.093   -5.214  -13.717 1.00 29.83  ? 902  VAL B CB    1 
ATOM   928  C CG1   . VAL A 1 118 ? 5.805   -5.890  -15.047 1.00 34.02  ? 902  VAL B CG1   1 
ATOM   929  C CG2   . VAL A 1 118 ? 7.579   -4.928  -13.588 1.00 30.22  ? 902  VAL B CG2   1 
ATOM   930  N N     . LYS A 1 119 ? 3.036   -4.738  -13.150 1.00 31.17  ? 903  LYS B N     1 
ATOM   931  C CA    . LYS A 1 119 ? 1.631   -4.996  -13.447 1.00 33.56  ? 903  LYS B CA    1 
ATOM   932  C C     . LYS A 1 119 ? 0.853   -3.700  -13.645 1.00 33.73  ? 903  LYS B C     1 
ATOM   933  O O     . LYS A 1 119 ? -0.020  -3.614  -14.507 1.00 31.50  ? 903  LYS B O     1 
ATOM   934  C CB    . LYS A 1 119 ? 0.988   -5.827  -12.331 1.00 31.67  ? 903  LYS B CB    1 
ATOM   935  C CG    . LYS A 1 119 ? 1.375   -7.298  -12.345 1.00 30.25  ? 903  LYS B CG    1 
ATOM   936  C CD    . LYS A 1 119 ? 1.049   -7.970  -11.017 1.00 32.74  ? 903  LYS B CD    1 
ATOM   937  C CE    . LYS A 1 119 ? -0.390  -7.703  -10.585 1.00 35.70  ? 903  LYS B CE    1 
ATOM   938  N NZ    . LYS A 1 119 ? -0.655  -8.158  -9.187  1.00 34.25  ? 903  LYS B NZ    1 
ATOM   939  N N     . ASP A 1 120 ? 1.175   -2.694  -12.840 1.00 35.53  ? 904  ASP B N     1 
ATOM   940  C CA    . ASP A 1 120 ? 0.531   -1.392  -12.946 1.00 32.08  ? 904  ASP B CA    1 
ATOM   941  C C     . ASP A 1 120 ? 0.876   -0.716  -14.277 1.00 33.72  ? 904  ASP B C     1 
ATOM   942  O O     . ASP A 1 120 ? 0.001   -0.165  -14.945 1.00 30.47  ? 904  ASP B O     1 
ATOM   943  C CB    . ASP A 1 120 ? 0.938   -0.498  -11.775 1.00 28.22  ? 904  ASP B CB    1 
ATOM   944  C CG    . ASP A 1 120 ? 0.072   0.737   -11.655 1.00 28.61  ? 904  ASP B CG    1 
ATOM   945  O OD1   . ASP A 1 120 ? -1.167  0.610   -11.733 1.00 30.00  ? 904  ASP B OD1   1 
ATOM   946  O OD2   . ASP A 1 120 ? 0.630   1.840   -11.488 1.00 34.42  ? 904  ASP B OD2   1 
ATOM   947  N N     . TYR A 1 121 ? 2.151   -0.763  -14.652 1.00 33.40  ? 905  TYR B N     1 
ATOM   948  C CA    . TYR A 1 121 ? 2.609   -0.177  -15.909 1.00 33.55  ? 905  TYR B CA    1 
ATOM   949  C C     . TYR A 1 121 ? 2.052   -0.935  -17.115 1.00 33.07  ? 905  TYR B C     1 
ATOM   950  O O     . TYR A 1 121 ? 1.712   -0.337  -18.135 1.00 31.13  ? 905  TYR B O     1 
ATOM   951  C CB    . TYR A 1 121 ? 4.142   -0.150  -15.965 1.00 35.88  ? 905  TYR B CB    1 
ATOM   952  C CG    . TYR A 1 121 ? 4.687   0.475   -17.230 1.00 33.02  ? 905  TYR B CG    1 
ATOM   953  C CD1   . TYR A 1 121 ? 4.829   1.851   -17.338 1.00 32.03  ? 905  TYR B CD1   1 
ATOM   954  C CD2   . TYR A 1 121 ? 5.049   -0.309  -18.317 1.00 36.46  ? 905  TYR B CD2   1 
ATOM   955  C CE1   . TYR A 1 121 ? 5.320   2.430   -18.488 1.00 39.49  ? 905  TYR B CE1   1 
ATOM   956  C CE2   . TYR A 1 121 ? 5.541   0.263   -19.476 1.00 35.92  ? 905  TYR B CE2   1 
ATOM   957  C CZ    . TYR A 1 121 ? 5.674   1.633   -19.555 1.00 37.42  ? 905  TYR B CZ    1 
ATOM   958  O OH    . TYR A 1 121 ? 6.163   2.219   -20.699 1.00 37.65  ? 905  TYR B OH    1 
ATOM   959  N N     . GLU A 1 122 ? 1.967   -2.254  -16.998 1.00 33.43  ? 906  GLU B N     1 
ATOM   960  C CA    . GLU A 1 122 ? 1.412   -3.066  -18.071 1.00 34.20  ? 906  GLU B CA    1 
ATOM   961  C C     . GLU A 1 122 ? -0.085  -2.801  -18.217 1.00 32.15  ? 906  GLU B C     1 
ATOM   962  O O     . GLU A 1 122 ? -0.674  -3.073  -19.263 1.00 37.58  ? 906  GLU B O     1 
ATOM   963  C CB    . GLU A 1 122 ? 1.669   -4.556  -17.818 1.00 35.93  ? 906  GLU B CB    1 
ATOM   964  C CG    . GLU A 1 122 ? 3.120   -4.990  -18.002 1.00 36.63  ? 906  GLU B CG    1 
ATOM   965  C CD    . GLU A 1 122 ? 3.341   -6.469  -17.685 1.00 44.92  ? 906  GLU B CD    1 
ATOM   966  O OE1   . GLU A 1 122 ? 2.522   -7.053  -16.941 1.00 40.24  ? 906  GLU B OE1   1 
ATOM   967  O OE2   . GLU A 1 122 ? 4.331   -7.044  -18.188 1.00 47.83  ? 906  GLU B OE2   1 
ATOM   968  N N     . ALA A 1 123 ? -0.688  -2.252  -17.167 1.00 33.03  ? 907  ALA B N     1 
ATOM   969  C CA    . ALA A 1 123 ? -2.117  -1.960  -17.162 1.00 29.13  ? 907  ALA B CA    1 
ATOM   970  C C     . ALA A 1 123 ? -2.395  -0.575  -17.713 1.00 33.71  ? 907  ALA B C     1 
ATOM   971  O O     . ALA A 1 123 ? -3.516  -0.078  -17.626 1.00 35.32  ? 907  ALA B O     1 
ATOM   972  C CB    . ALA A 1 123 ? -2.681  -2.086  -15.761 1.00 29.47  ? 907  ALA B CB    1 
ATOM   973  N N     . GLY A 1 124 ? -1.369  0.053   -18.274 1.00 33.84  ? 908  GLY B N     1 
ATOM   974  C CA    . GLY A 1 124 ? -1.519  1.371   -18.859 1.00 31.71  ? 908  GLY B CA    1 
ATOM   975  C C     . GLY A 1 124 ? -1.519  2.473   -17.823 1.00 28.32  ? 908  GLY B C     1 
ATOM   976  O O     . GLY A 1 124 ? -2.070  3.548   -18.051 1.00 27.90  ? 908  GLY B O     1 
ATOM   977  N N     . GLN A 1 125 ? -0.890  2.208   -16.682 1.00 28.97  ? 909  GLN B N     1 
ATOM   978  C CA    . GLN A 1 125 ? -0.872  3.161   -15.579 1.00 31.04  ? 909  GLN B CA    1 
ATOM   979  C C     . GLN A 1 125 ? 0.549   3.624   -15.272 1.00 33.00  ? 909  GLN B C     1 
ATOM   980  O O     . GLN A 1 125 ? 1.519   2.959   -15.639 1.00 35.88  ? 909  GLN B O     1 
ATOM   981  C CB    . GLN A 1 125 ? -1.507  2.545   -14.333 1.00 30.20  ? 909  GLN B CB    1 
ATOM   982  C CG    . GLN A 1 125 ? -2.323  3.525   -13.515 1.00 34.02  ? 909  GLN B CG    1 
ATOM   983  C CD    . GLN A 1 125 ? -3.686  3.788   -14.113 1.00 30.56  ? 909  GLN B CD    1 
ATOM   984  O OE1   . GLN A 1 125 ? -4.372  2.866   -14.548 1.00 27.78  ? 909  GLN B OE1   1 
ATOM   985  N NE2   . GLN A 1 125 ? -4.087  5.054   -14.138 1.00 35.99  ? 909  GLN B NE2   1 
ATOM   986  N N     . LEU A 1 126 ? 0.668   4.761   -14.589 1.00 30.83  ? 910  LEU B N     1 
ATOM   987  C CA    . LEU A 1 126 ? 1.972   5.343   -14.292 1.00 31.86  ? 910  LEU B CA    1 
ATOM   988  C C     . LEU A 1 126 ? 2.242   5.545   -12.801 1.00 28.96  ? 910  LEU B C     1 
ATOM   989  O O     . LEU A 1 126 ? 3.373   5.842   -12.417 1.00 29.52  ? 910  LEU B O     1 
ATOM   990  C CB    . LEU A 1 126 ? 2.125   6.687   -15.009 1.00 32.51  ? 910  LEU B CB    1 
ATOM   991  C CG    . LEU A 1 126 ? 2.286   6.643   -16.528 1.00 31.91  ? 910  LEU B CG    1 
ATOM   992  C CD1   . LEU A 1 126 ? 2.444   8.048   -17.073 1.00 28.20  ? 910  LEU B CD1   1 
ATOM   993  C CD2   . LEU A 1 126 ? 3.475   5.772   -16.916 1.00 27.13  ? 910  LEU B CD2   1 
ATOM   994  N N     . TYR A 1 127 ? 1.219   5.395   -11.964 1.00 30.93  ? 911  TYR B N     1 
ATOM   995  C CA    . TYR A 1 127 ? 1.367   5.691   -10.539 1.00 30.01  ? 911  TYR B CA    1 
ATOM   996  C C     . TYR A 1 127 ? 2.424   4.804   -9.896  1.00 32.65  ? 911  TYR B C     1 
ATOM   997  O O     . TYR A 1 127 ? 3.281   5.286   -9.155  1.00 31.76  ? 911  TYR B O     1 
ATOM   998  C CB    . TYR A 1 127 ? 0.038   5.530   -9.797  1.00 28.79  ? 911  TYR B CB    1 
ATOM   999  C CG    . TYR A 1 127 ? 0.020   6.216   -8.445  1.00 24.09  ? 911  TYR B CG    1 
ATOM   1000 C CD1   . TYR A 1 127 ? 0.616   5.628   -7.332  1.00 23.74  ? 911  TYR B CD1   1 
ATOM   1001 C CD2   . TYR A 1 127 ? -0.579  7.456   -8.284  1.00 23.95  ? 911  TYR B CD2   1 
ATOM   1002 C CE1   . TYR A 1 127 ? 0.606   6.255   -6.098  1.00 25.93  ? 911  TYR B CE1   1 
ATOM   1003 C CE2   . TYR A 1 127 ? -0.594  8.089   -7.055  1.00 26.53  ? 911  TYR B CE2   1 
ATOM   1004 C CZ    . TYR A 1 127 ? -0.001  7.487   -5.966  1.00 28.00  ? 911  TYR B CZ    1 
ATOM   1005 O OH    . TYR A 1 127 ? -0.018  8.118   -4.740  1.00 26.48  ? 911  TYR B OH    1 
ATOM   1006 N N     . GLY A 1 128 ? 2.353   3.506   -10.176 1.00 28.08  ? 912  GLY B N     1 
ATOM   1007 C CA    . GLY A 1 128 ? 3.325   2.567   -9.653  1.00 27.51  ? 912  GLY B CA    1 
ATOM   1008 C C     . GLY A 1 128 ? 4.743   2.869   -10.106 1.00 31.99  ? 912  GLY B C     1 
ATOM   1009 O O     . GLY A 1 128 ? 5.663   2.931   -9.288  1.00 31.92  ? 912  GLY B O     1 
ATOM   1010 N N     . LEU A 1 129 ? 4.911   3.061   -11.412 1.00 27.13  ? 913  LEU B N     1 
ATOM   1011 C CA    . LEU A 1 129 ? 6.216   3.347   -11.998 1.00 28.05  ? 913  LEU B CA    1 
ATOM   1012 C C     . LEU A 1 129 ? 6.850   4.602   -11.410 1.00 30.58  ? 913  LEU B C     1 
ATOM   1013 O O     . LEU A 1 129 ? 8.048   4.627   -11.132 1.00 33.44  ? 913  LEU B O     1 
ATOM   1014 C CB    . LEU A 1 129 ? 6.102   3.494   -13.518 1.00 29.17  ? 913  LEU B CB    1 
ATOM   1015 C CG    . LEU A 1 129 ? 7.422   3.665   -14.277 1.00 28.53  ? 913  LEU B CG    1 
ATOM   1016 C CD1   . LEU A 1 129 ? 8.289   2.434   -14.106 1.00 30.88  ? 913  LEU B CD1   1 
ATOM   1017 C CD2   . LEU A 1 129 ? 7.171   3.936   -15.748 1.00 33.00  ? 913  LEU B CD2   1 
ATOM   1018 N N     . GLU A 1 130 ? 6.045   5.643   -11.224 1.00 30.33  ? 914  GLU B N     1 
ATOM   1019 C CA    . GLU A 1 130 ? 6.546   6.894   -10.662 1.00 29.95  ? 914  GLU B CA    1 
ATOM   1020 C C     . GLU A 1 130 ? 6.993   6.700   -9.219  1.00 30.96  ? 914  GLU B C     1 
ATOM   1021 O O     . GLU A 1 130 ? 8.007   7.255   -8.797  1.00 31.11  ? 914  GLU B O     1 
ATOM   1022 C CB    . GLU A 1 130 ? 5.485   7.996   -10.745 1.00 32.00  ? 914  GLU B CB    1 
ATOM   1023 C CG    . GLU A 1 130 ? 5.998   9.375   -10.342 1.00 32.65  ? 914  GLU B CG    1 
ATOM   1024 C CD    . GLU A 1 130 ? 4.915   10.434  -10.343 1.00 36.67  ? 914  GLU B CD    1 
ATOM   1025 O OE1   . GLU A 1 130 ? 4.357   10.721  -11.424 1.00 38.88  ? 914  GLU B OE1   1 
ATOM   1026 O OE2   . GLU A 1 130 ? 4.618   10.980  -9.261  1.00 42.23  ? 914  GLU B OE2   1 
ATOM   1027 N N     . LYS A 1 131 ? 6.235   5.909   -8.465  1.00 28.74  ? 915  LYS B N     1 
ATOM   1028 C CA    . LYS A 1 131 ? 6.559   5.643   -7.067  1.00 30.31  ? 915  LYS B CA    1 
ATOM   1029 C C     . LYS A 1 131 ? 7.801   4.770   -6.928  1.00 31.66  ? 915  LYS B C     1 
ATOM   1030 O O     . LYS A 1 131 ? 8.559   4.905   -5.968  1.00 28.86  ? 915  LYS B O     1 
ATOM   1031 C CB    . LYS A 1 131 ? 5.370   4.983   -6.360  1.00 29.36  ? 915  LYS B CB    1 
ATOM   1032 C CG    . LYS A 1 131 ? 4.269   5.951   -5.961  1.00 27.89  ? 915  LYS B CG    1 
ATOM   1033 C CD    . LYS A 1 131 ? 4.765   6.943   -4.919  1.00 29.83  ? 915  LYS B CD    1 
ATOM   1034 C CE    . LYS A 1 131 ? 3.674   7.910   -4.510  1.00 30.94  ? 915  LYS B CE    1 
ATOM   1035 N NZ    . LYS A 1 131 ? 3.212   8.744   -5.653  1.00 31.06  ? 915  LYS B NZ    1 
ATOM   1036 N N     . PHE A 1 132 ? 8.004   3.870   -7.883  1.00 33.90  ? 916  PHE B N     1 
ATOM   1037 C CA    . PHE A 1 132 ? 9.180   3.008   -7.876  1.00 33.28  ? 916  PHE B CA    1 
ATOM   1038 C C     . PHE A 1 132 ? 10.434  3.800   -8.241  1.00 33.83  ? 916  PHE B C     1 
ATOM   1039 O O     . PHE A 1 132 ? 11.486  3.645   -7.616  1.00 36.61  ? 916  PHE B O     1 
ATOM   1040 C CB    . PHE A 1 132 ? 8.994   1.825   -8.830  1.00 30.10  ? 916  PHE B CB    1 
ATOM   1041 C CG    . PHE A 1 132 ? 10.050  0.769   -8.694  1.00 32.16  ? 916  PHE B CG    1 
ATOM   1042 C CD1   . PHE A 1 132 ? 9.922   -0.236  -7.751  1.00 34.05  ? 916  PHE B CD1   1 
ATOM   1043 C CD2   . PHE A 1 132 ? 11.168  0.777   -9.508  1.00 35.54  ? 916  PHE B CD2   1 
ATOM   1044 C CE1   . PHE A 1 132 ? 10.889  -1.211  -7.622  1.00 32.93  ? 916  PHE B CE1   1 
ATOM   1045 C CE2   . PHE A 1 132 ? 12.139  -0.193  -9.383  1.00 35.82  ? 916  PHE B CE2   1 
ATOM   1046 C CZ    . PHE A 1 132 ? 11.998  -1.191  -8.436  1.00 36.68  ? 916  PHE B CZ    1 
ATOM   1047 N N     . TRP A 1 133 ? 10.313  4.649   -9.255  1.00 31.56  ? 917  TRP B N     1 
ATOM   1048 C CA    . TRP A 1 133 ? 11.394  5.540   -9.656  1.00 31.85  ? 917  TRP B CA    1 
ATOM   1049 C C     . TRP A 1 133 ? 11.800  6.447   -8.498  1.00 33.91  ? 917  TRP B C     1 
ATOM   1050 O O     . TRP A 1 133 ? 12.987  6.664   -8.245  1.00 34.60  ? 917  TRP B O     1 
ATOM   1051 C CB    . TRP A 1 133 ? 10.974  6.379   -10.870 1.00 35.31  ? 917  TRP B CB    1 
ATOM   1052 C CG    . TRP A 1 133 ? 11.924  7.491   -11.198 1.00 36.69  ? 917  TRP B CG    1 
ATOM   1053 C CD1   . TRP A 1 133 ? 13.021  7.423   -12.009 1.00 34.16  ? 917  TRP B CD1   1 
ATOM   1054 C CD2   . TRP A 1 133 ? 11.863  8.842   -10.717 1.00 39.14  ? 917  TRP B CD2   1 
ATOM   1055 N NE1   . TRP A 1 133 ? 13.645  8.644   -12.063 1.00 45.72  ? 917  TRP B NE1   1 
ATOM   1056 C CE2   . TRP A 1 133 ? 12.956  9.532   -11.277 1.00 44.10  ? 917  TRP B CE2   1 
ATOM   1057 C CE3   . TRP A 1 133 ? 10.994  9.528   -9.864  1.00 37.92  ? 917  TRP B CE3   1 
ATOM   1058 C CZ2   . TRP A 1 133 ? 13.201  10.880  -11.018 1.00 36.52  ? 917  TRP B CZ2   1 
ATOM   1059 C CZ3   . TRP A 1 133 ? 11.237  10.866  -9.608  1.00 40.23  ? 917  TRP B CZ3   1 
ATOM   1060 C CH2   . TRP A 1 133 ? 12.332  11.527  -10.180 1.00 41.02  ? 917  TRP B CH2   1 
ATOM   1061 N N     . ALA A 1 134 ? 10.799  6.973   -7.796  1.00 33.39  ? 918  ALA B N     1 
ATOM   1062 C CA    . ALA A 1 134 ? 11.029  7.854   -6.658  1.00 33.00  ? 918  ALA B CA    1 
ATOM   1063 C C     . ALA A 1 134 ? 11.776  7.118   -5.555  1.00 33.29  ? 918  ALA B C     1 
ATOM   1064 O O     . ALA A 1 134 ? 12.611  7.699   -4.869  1.00 33.64  ? 918  ALA B O     1 
ATOM   1065 C CB    . ALA A 1 134 ? 9.710   8.398   -6.137  1.00 29.83  ? 918  ALA B CB    1 
ATOM   1066 N N     . PHE A 1 135 ? 11.470  5.835   -5.393  1.00 33.32  ? 919  PHE B N     1 
ATOM   1067 C CA    . PHE A 1 135 ? 12.132  5.013   -4.387  1.00 34.01  ? 919  PHE B CA    1 
ATOM   1068 C C     . PHE A 1 135 ? 13.633  4.927   -4.662  1.00 37.44  ? 919  PHE B C     1 
ATOM   1069 O O     . PHE A 1 135 ? 14.442  5.222   -3.788  1.00 35.71  ? 919  PHE B O     1 
ATOM   1070 C CB    . PHE A 1 135 ? 11.517  3.615   -4.342  1.00 32.86  ? 919  PHE B CB    1 
ATOM   1071 C CG    . PHE A 1 135 ? 12.319  2.625   -3.544  1.00 32.49  ? 919  PHE B CG    1 
ATOM   1072 C CD1   . PHE A 1 135 ? 12.423  2.749   -2.169  1.00 31.51  ? 919  PHE B CD1   1 
ATOM   1073 C CD2   . PHE A 1 135 ? 12.959  1.567   -4.170  1.00 35.59  ? 919  PHE B CD2   1 
ATOM   1074 C CE1   . PHE A 1 135 ? 13.160  1.838   -1.432  1.00 30.84  ? 919  PHE B CE1   1 
ATOM   1075 C CE2   . PHE A 1 135 ? 13.697  0.655   -3.439  1.00 33.98  ? 919  PHE B CE2   1 
ATOM   1076 C CZ    . PHE A 1 135 ? 13.798  0.791   -2.069  1.00 34.27  ? 919  PHE B CZ    1 
ATOM   1077 N N     . LEU A 1 136 ? 13.998  4.588   -5.887  1.00 36.35  ? 920  LEU B N     1 
ATOM   1078 C CA    . LEU A 1 136 ? 15.400  4.461   -6.235  1.00 37.80  ? 920  LEU B CA    1 
ATOM   1079 C C     . LEU A 1 136 ? 16.124  5.775   -6.003  1.00 38.72  ? 920  LEU B C     1 
ATOM   1080 O O     . LEU A 1 136 ? 17.256  5.795   -5.537  1.00 42.38  ? 920  LEU B O     1 
ATOM   1081 C CB    . LEU A 1 136 ? 15.541  4.049   -7.696  1.00 33.99  ? 920  LEU B CB    1 
ATOM   1082 C CG    . LEU A 1 136 ? 14.876  2.738   -8.089  1.00 34.10  ? 920  LEU B CG    1 
ATOM   1083 C CD1   . LEU A 1 136 ? 14.845  2.602   -9.600  1.00 35.33  ? 920  LEU B CD1   1 
ATOM   1084 C CD2   . LEU A 1 136 ? 15.596  1.561   -7.457  1.00 34.62  ? 920  LEU B CD2   1 
ATOM   1085 N N     . LYS A 1 137 ? 15.462  6.872   -6.328  1.00 38.49  ? 921  LYS B N     1 
ATOM   1086 C CA    . LYS A 1 137 ? 16.053  8.185   -6.145  1.00 43.30  ? 921  LYS B CA    1 
ATOM   1087 C C     . LYS A 1 137 ? 16.357  8.505   -4.683  1.00 42.67  ? 921  LYS B C     1 
ATOM   1088 O O     . LYS A 1 137 ? 17.420  9.032   -4.375  1.00 42.42  ? 921  LYS B O     1 
ATOM   1089 C CB    . LYS A 1 137 ? 15.109  9.236   -6.725  1.00 41.68  ? 921  LYS B CB    1 
ATOM   1090 C CG    . LYS A 1 137 ? 15.453  10.675  -6.400  1.00 45.57  ? 921  LYS B CG    1 
ATOM   1091 C CD    . LYS A 1 137 ? 14.416  11.600  -7.010  1.00 42.55  ? 921  LYS B CD    1 
ATOM   1092 C CE    . LYS A 1 137 ? 14.806  13.061  -6.882  1.00 52.49  ? 921  LYS B CE    1 
ATOM   1093 N NZ    . LYS A 1 137 ? 13.785  13.959  -7.488  1.00 48.47  ? 921  LYS B NZ    1 
ATOM   1094 N N     . TYR A 1 138 ? 15.432  8.190   -3.783  1.00 41.59  ? 922  TYR B N     1 
ATOM   1095 C CA    . TYR A 1 138 ? 15.625  8.473   -2.361  1.00 39.21  ? 922  TYR B CA    1 
ATOM   1096 C C     . TYR A 1 138 ? 16.099  7.303   -1.500  1.00 39.53  ? 922  TYR B C     1 
ATOM   1097 O O     . TYR A 1 138 ? 16.372  7.470   -0.318  1.00 38.64  ? 922  TYR B O     1 
ATOM   1098 C CB    . TYR A 1 138 ? 14.344  9.063   -1.776  1.00 36.24  ? 922  TYR B CB    1 
ATOM   1099 C CG    . TYR A 1 138 ? 13.863  10.289  -2.506  1.00 36.82  ? 922  TYR B CG    1 
ATOM   1100 C CD1   . TYR A 1 138 ? 14.594  11.459  -2.485  1.00 37.26  ? 922  TYR B CD1   1 
ATOM   1101 C CD2   . TYR A 1 138 ? 12.675  10.276  -3.216  1.00 36.66  ? 922  TYR B CD2   1 
ATOM   1102 C CE1   . TYR A 1 138 ? 14.162  12.583  -3.149  1.00 39.12  ? 922  TYR B CE1   1 
ATOM   1103 C CE2   . TYR A 1 138 ? 12.233  11.397  -3.883  1.00 40.60  ? 922  TYR B CE2   1 
ATOM   1104 C CZ    . TYR A 1 138 ? 12.982  12.549  -3.844  1.00 42.26  ? 922  TYR B CZ    1 
ATOM   1105 O OH    . TYR A 1 138 ? 12.557  13.674  -4.500  1.00 46.93  ? 922  TYR B OH    1 
ATOM   1106 N N     . SER A 1 139 ? 16.200  6.128   -2.100  1.00 41.63  ? 923  SER B N     1 
ATOM   1107 C CA    . SER A 1 139 ? 16.634  4.932   -1.401  1.00 40.52  ? 923  SER B CA    1 
ATOM   1108 C C     . SER A 1 139 ? 18.146  4.911   -1.195  1.00 52.26  ? 923  SER B C     1 
ATOM   1109 O O     . SER A 1 139 ? 18.896  5.517   -1.958  1.00 52.37  ? 923  SER B O     1 
ATOM   1110 C CB    . SER A 1 139 ? 16.196  3.691   -2.168  1.00 38.35  ? 923  SER B CB    1 
ATOM   1111 O OG    . SER A 1 139 ? 16.426  2.524   -1.405  1.00 44.03  ? 923  SER B OG    1 
ATOM   1112 N N     . LYS A 1 140 ? 18.587  4.210   -0.158  1.00 54.18  ? 924  LYS B N     1 
ATOM   1113 C CA    . LYS A 1 140 ? 20.009  4.095   0.135   1.00 55.91  ? 924  LYS B CA    1 
ATOM   1114 C C     . LYS A 1 140 ? 20.675  3.123   -0.832  1.00 59.79  ? 924  LYS B C     1 
ATOM   1115 O O     . LYS A 1 140 ? 20.036  2.207   -1.352  1.00 55.15  ? 924  LYS B O     1 
ATOM   1116 C CB    . LYS A 1 140 ? 20.222  3.621   1.573   1.00 48.71  ? 924  LYS B CB    1 
ATOM   1117 N N     . ASN A 1 143 ? 22.423  -1.169  -5.059  1.00 52.25  ? 927  ASN B N     1 
ATOM   1118 C CA    . ASN A 1 143 ? 23.076  -2.457  -5.137  1.00 53.40  ? 927  ASN B CA    1 
ATOM   1119 C C     . ASN A 1 143 ? 22.097  -3.601  -5.441  1.00 57.67  ? 927  ASN B C     1 
ATOM   1120 O O     . ASN A 1 143 ? 22.474  -4.743  -5.640  1.00 54.64  ? 927  ASN B O     1 
ATOM   1121 C CB    . ASN A 1 143 ? 23.785  -2.692  -3.820  1.00 51.62  ? 927  ASN B CB    1 
ATOM   1122 N N     . LEU A 1 144 ? 20.830  -3.225  -5.467  1.00 58.88  ? 928  LEU B N     1 
ATOM   1123 C CA    . LEU A 1 144 ? 19.684  -4.068  -5.665  1.00 50.90  ? 928  LEU B CA    1 
ATOM   1124 C C     . LEU A 1 144 ? 19.538  -4.708  -7.025  1.00 50.27  ? 928  LEU B C     1 
ATOM   1125 O O     . LEU A 1 144 ? 19.917  -4.144  -8.008  1.00 49.95  ? 928  LEU B O     1 
ATOM   1126 C CB    . LEU A 1 144 ? 18.468  -3.186  -5.442  1.00 47.83  ? 928  LEU B CB    1 
ATOM   1127 C CG    . LEU A 1 144 ? 18.410  -2.375  -4.159  1.00 46.93  ? 928  LEU B CG    1 
ATOM   1128 C CD1   . LEU A 1 144 ? 18.076  -0.925  -4.423  1.00 46.12  ? 928  LEU B CD1   1 
ATOM   1129 C CD2   . LEU A 1 144 ? 17.398  -2.948  -3.212  1.00 45.14  ? 928  LEU B CD2   1 
ATOM   1130 N N     . ASP A 1 145 ? 18.951  -5.888  -7.070  1.00 47.93  ? 929  ASP B N     1 
ATOM   1131 C CA    . ASP A 1 145 ? 18.720  -6.540  -8.332  1.00 54.02  ? 929  ASP B CA    1 
ATOM   1132 C C     . ASP A 1 145 ? 17.314  -6.195  -8.815  1.00 51.99  ? 929  ASP B C     1 
ATOM   1133 O O     . ASP A 1 145 ? 16.330  -6.709  -8.361  1.00 47.42  ? 929  ASP B O     1 
ATOM   1134 C CB    . ASP A 1 145 ? 18.913  -8.056  -8.231  1.00 54.85  ? 929  ASP B CB    1 
ATOM   1135 N N     . ILE A 1 146 ? 17.277  -5.315  -9.785  1.00 50.52  ? 930  ILE B N     1 
ATOM   1136 C CA    . ILE A 1 146 ? 16.075  -4.827  -10.360 1.00 49.36  ? 930  ILE B CA    1 
ATOM   1137 C C     . ILE A 1 146 ? 15.663  -5.710  -11.464 1.00 51.13  ? 930  ILE B C     1 
ATOM   1138 O O     . ILE A 1 146 ? 16.450  -6.356  -12.086 1.00 53.47  ? 930  ILE B O     1 
ATOM   1139 C CB    . ILE A 1 146 ? 16.302  -3.454  -10.953 1.00 49.06  ? 930  ILE B CB    1 
ATOM   1140 C CG1   . ILE A 1 146 ? 16.988  -2.562  -9.931  1.00 47.62  ? 930  ILE B CG1   1 
ATOM   1141 C CG2   . ILE A 1 146 ? 15.021  -2.878  -11.505 1.00 47.52  ? 930  ILE B CG2   1 
ATOM   1142 C CD1   . ILE A 1 146 ? 16.148  -2.088  -8.801  1.00 43.10  ? 930  ILE B CD1   1 
ATOM   1143 N N     . ASP A 1 147 ? 14.387  -5.736  -11.700 1.00 49.56  ? 931  ASP B N     1 
ATOM   1144 C CA    . ASP A 1 147 ? 13.855  -6.555  -12.781 1.00 51.79  ? 931  ASP B CA    1 
ATOM   1145 C C     . ASP A 1 147 ? 14.259  -5.942  -14.119 1.00 51.92  ? 931  ASP B C     1 
ATOM   1146 O O     . ASP A 1 147 ? 14.034  -4.755  -14.348 1.00 50.17  ? 931  ASP B O     1 
ATOM   1147 C CB    . ASP A 1 147 ? 12.331  -6.672  -12.670 1.00 50.11  ? 931  ASP B CB    1 
ATOM   1148 C CG    . ASP A 1 147 ? 11.741  -7.637  -13.685 1.00 50.48  ? 931  ASP B CG    1 
ATOM   1149 O OD1   . ASP A 1 147 ? 11.898  -7.407  -14.905 1.00 55.79  ? 931  ASP B OD1   1 
ATOM   1150 O OD2   . ASP A 1 147 ? 11.098  -8.617  -13.261 1.00 52.80  ? 931  ASP B OD2   1 
ATOM   1151 N N     . PRO A 1 148 ? 14.857  -6.755  -15.007 1.00 54.07  ? 932  PRO B N     1 
ATOM   1152 C CA    . PRO A 1 148 ? 15.320  -6.271  -16.312 1.00 50.87  ? 932  PRO B CA    1 
ATOM   1153 C C     . PRO A 1 148 ? 14.194  -5.683  -17.161 1.00 49.48  ? 932  PRO B C     1 
ATOM   1154 O O     . PRO A 1 148 ? 14.427  -4.724  -17.899 1.00 50.30  ? 932  PRO B O     1 
ATOM   1155 C CB    . PRO A 1 148 ? 15.903  -7.530  -16.969 1.00 54.74  ? 932  PRO B CB    1 
ATOM   1156 C CG    . PRO A 1 148 ? 15.284  -8.674  -16.239 1.00 51.72  ? 932  PRO B CG    1 
ATOM   1157 C CD    . PRO A 1 148 ? 15.105  -8.197  -14.832 1.00 53.59  ? 932  PRO B CD    1 
ATOM   1158 N N     . LYS A 1 149 ? 12.992  -6.242  -17.052 1.00 46.80  ? 933  LYS B N     1 
ATOM   1159 C CA    . LYS A 1 149 ? 11.853  -5.736  -17.808 1.00 44.36  ? 933  LYS B CA    1 
ATOM   1160 C C     . LYS A 1 149 ? 11.374  -4.422  -17.197 1.00 45.17  ? 933  LYS B C     1 
ATOM   1161 O O     . LYS A 1 149 ? 10.856  -3.547  -17.894 1.00 43.05  ? 933  LYS B O     1 
ATOM   1162 C CB    . LYS A 1 149 ? 10.722  -6.763  -17.836 1.00 44.46  ? 933  LYS B CB    1 
ATOM   1163 C CG    . LYS A 1 149 ? 9.687   -6.531  -18.926 1.00 43.25  ? 933  LYS B CG    1 
ATOM   1164 C CD    . LYS A 1 149 ? 10.328  -6.546  -20.304 1.00 48.18  ? 933  LYS B CD    1 
ATOM   1165 C CE    . LYS A 1 149 ? 9.282   -6.587  -21.407 1.00 54.07  ? 933  LYS B CE    1 
ATOM   1166 N NZ    . LYS A 1 149 ? 8.529   -7.873  -21.428 1.00 54.75  ? 933  LYS B NZ    1 
ATOM   1167 N N     . LEU A 1 150 ? 11.554  -4.300  -15.886 1.00 44.10  ? 934  LEU B N     1 
ATOM   1168 C CA    . LEU A 1 150 ? 11.196  -3.087  -15.164 1.00 42.71  ? 934  LEU B CA    1 
ATOM   1169 C C     . LEU A 1 150 ? 12.254  -2.010  -15.383 1.00 41.26  ? 934  LEU B C     1 
ATOM   1170 O O     . LEU A 1 150 ? 11.949  -0.819  -15.411 1.00 40.62  ? 934  LEU B O     1 
ATOM   1171 C CB    . LEU A 1 150 ? 11.027  -3.387  -13.673 1.00 44.76  ? 934  LEU B CB    1 
ATOM   1172 C CG    . LEU A 1 150 ? 10.790  -2.240  -12.692 1.00 43.24  ? 934  LEU B CG    1 
ATOM   1173 C CD1   . LEU A 1 150 ? 9.623   -1.367  -13.125 1.00 37.68  ? 934  LEU B CD1   1 
ATOM   1174 C CD2   . LEU A 1 150 ? 10.549  -2.804  -11.302 1.00 41.10  ? 934  LEU B CD2   1 
ATOM   1175 N N     . GLN A 1 151 ? 13.502  -2.441  -15.547 1.00 45.31  ? 935  GLN B N     1 
ATOM   1176 C CA    . GLN A 1 151 ? 14.591  -1.525  -15.849 1.00 41.52  ? 935  GLN B CA    1 
ATOM   1177 C C     . GLN A 1 151 ? 14.334  -0.838  -17.184 1.00 38.88  ? 935  GLN B C     1 
ATOM   1178 O O     . GLN A 1 151 ? 14.683  0.329   -17.371 1.00 39.11  ? 935  GLN B O     1 
ATOM   1179 C CB    . GLN A 1 151 ? 15.932  -2.262  -15.877 1.00 45.53  ? 935  GLN B CB    1 
ATOM   1180 N N     . GLU A 1 152 ? 13.723  -1.567  -18.112 1.00 38.41  ? 936  GLU B N     1 
ATOM   1181 C CA    . GLU A 1 152 ? 13.418  -1.028  -19.432 1.00 41.67  ? 936  GLU B CA    1 
ATOM   1182 C C     . GLU A 1 152 ? 12.275  -0.021  -19.366 1.00 42.40  ? 936  GLU B C     1 
ATOM   1183 O O     . GLU A 1 152 ? 12.260  0.964   -20.104 1.00 42.64  ? 936  GLU B O     1 
ATOM   1184 C CB    . GLU A 1 152 ? 13.066  -2.159  -20.403 1.00 39.95  ? 936  GLU B CB    1 
ATOM   1185 N N     . TYR A 1 153 ? 11.321  -0.273  -18.476 1.00 42.77  ? 937  TYR B N     1 
ATOM   1186 C CA    . TYR A 1 153 ? 10.174  0.612   -18.311 1.00 43.23  ? 937  TYR B CA    1 
ATOM   1187 C C     . TYR A 1 153 ? 10.600  1.972   -17.768 1.00 44.35  ? 937  TYR B C     1 
ATOM   1188 O O     . TYR A 1 153 ? 10.101  3.009   -18.204 1.00 46.59  ? 937  TYR B O     1 
ATOM   1189 C CB    . TYR A 1 153 ? 9.137   -0.023  -17.383 1.00 42.77  ? 937  TYR B CB    1 
ATOM   1190 C CG    . TYR A 1 153 ? 8.462   -1.246  -17.964 1.00 43.96  ? 937  TYR B CG    1 
ATOM   1191 C CD1   . TYR A 1 153 ? 8.520   -1.514  -19.325 1.00 36.45  ? 937  TYR B CD1   1 
ATOM   1192 C CD2   . TYR A 1 153 ? 7.770   -2.133  -17.150 1.00 46.30  ? 937  TYR B CD2   1 
ATOM   1193 C CE1   . TYR A 1 153 ? 7.904   -2.629  -19.859 1.00 40.12  ? 937  TYR B CE1   1 
ATOM   1194 C CE2   . TYR A 1 153 ? 7.152   -3.252  -17.675 1.00 43.68  ? 937  TYR B CE2   1 
ATOM   1195 C CZ    . TYR A 1 153 ? 7.222   -3.494  -19.029 1.00 45.22  ? 937  TYR B CZ    1 
ATOM   1196 O OH    . TYR A 1 153 ? 6.609   -4.608  -19.559 1.00 43.99  ? 937  TYR B OH    1 
ATOM   1197 N N     . LEU A 1 154 ? 11.526  1.958   -16.814 1.00 41.58  ? 938  LEU B N     1 
ATOM   1198 C CA    . LEU A 1 154 ? 12.022  3.191   -16.210 1.00 41.35  ? 938  LEU B CA    1 
ATOM   1199 C C     . LEU A 1 154 ? 12.750  4.052   -17.235 1.00 48.20  ? 938  LEU B C     1 
ATOM   1200 O O     . LEU A 1 154 ? 12.672  5.280   -17.195 1.00 55.15  ? 938  LEU B O     1 
ATOM   1201 C CB    . LEU A 1 154 ? 12.948  2.875   -15.033 1.00 41.05  ? 938  LEU B CB    1 
ATOM   1202 C CG    . LEU A 1 154 ? 12.289  2.251   -13.802 1.00 37.59  ? 938  LEU B CG    1 
ATOM   1203 C CD1   . LEU A 1 154 ? 13.311  1.484   -12.976 1.00 39.84  ? 938  LEU B CD1   1 
ATOM   1204 C CD2   . LEU A 1 154 ? 11.606  3.317   -12.960 1.00 37.70  ? 938  LEU B CD2   1 
ATOM   1205 N N     . GLY A 1 155 ? 13.461  3.402   -18.152 1.00 47.97  ? 939  GLY B N     1 
ATOM   1206 C CA    . GLY A 1 155 ? 14.200  4.104   -19.183 1.00 48.51  ? 939  GLY B CA    1 
ATOM   1207 C C     . GLY A 1 155 ? 13.333  5.077   -19.960 1.00 51.61  ? 939  GLY B C     1 
ATOM   1208 O O     . GLY A 1 155 ? 13.796  6.136   -20.380 1.00 51.40  ? 939  GLY B O     1 
ATOM   1209 N N     . LYS A 1 156 ? 12.070  4.711   -20.149 1.00 54.40  ? 940  LYS B N     1 
ATOM   1210 C CA    . LYS A 1 156 ? 11.131  5.555   -20.879 1.00 50.97  ? 940  LYS B CA    1 
ATOM   1211 C C     . LYS A 1 156 ? 10.239  6.341   -19.925 1.00 54.62  ? 940  LYS B C     1 
ATOM   1212 O O     . LYS A 1 156 ? 9.051   6.533   -20.186 1.00 54.57  ? 940  LYS B O     1 
ATOM   1213 C CB    . LYS A 1 156 ? 10.274  4.709   -21.824 1.00 47.97  ? 940  LYS B CB    1 
ATOM   1214 N N     . PHE A 1 157 ? 10.818  6.793   -18.817 1.00 49.88  ? 941  PHE B N     1 
ATOM   1215 C CA    . PHE A 1 157 ? 10.076  7.558   -17.822 1.00 50.12  ? 941  PHE B CA    1 
ATOM   1216 C C     . PHE A 1 157 ? 10.810  8.846   -17.462 1.00 46.34  ? 941  PHE B C     1 
ATOM   1217 O O     . PHE A 1 157 ? 12.035  8.917   -17.537 1.00 46.46  ? 941  PHE B O     1 
ATOM   1218 C CB    . PHE A 1 157 ? 9.841   6.717   -16.567 1.00 50.42  ? 941  PHE B CB    1 
ATOM   1219 C CG    . PHE A 1 157 ? 9.234   7.486   -15.428 1.00 49.87  ? 941  PHE B CG    1 
ATOM   1220 C CD1   . PHE A 1 157 ? 10.036  8.189   -14.544 1.00 45.36  ? 941  PHE B CD1   1 
ATOM   1221 C CD2   . PHE A 1 157 ? 7.862   7.506   -15.242 1.00 45.34  ? 941  PHE B CD2   1 
ATOM   1222 C CE1   . PHE A 1 157 ? 9.481   8.897   -13.494 1.00 39.40  ? 941  PHE B CE1   1 
ATOM   1223 C CE2   . PHE A 1 157 ? 7.300   8.213   -14.195 1.00 35.70  ? 941  PHE B CE2   1 
ATOM   1224 C CZ    . PHE A 1 157 ? 8.110   8.909   -13.321 1.00 38.24  ? 941  PHE B CZ    1 
ATOM   1225 O "O5'" . C   B 2 1   ? 3.057   14.026  -2.256  1.00 49.25  ? 1    C   C "O5'" 1 
ATOM   1226 C "C5'" . C   B 2 1   ? 3.210   12.917  -3.127  1.00 41.05  ? 1    C   C "C5'" 1 
ATOM   1227 C "C4'" . C   B 2 1   ? 2.286   11.799  -2.730  1.00 43.29  ? 1    C   C "C4'" 1 
ATOM   1228 O "O4'" . C   B 2 1   ? 2.912   10.999  -1.716  1.00 39.12  ? 1    C   C "O4'" 1 
ATOM   1229 C "C3'" . C   B 2 1   ? 0.928   12.191  -2.175  1.00 38.59  ? 1    C   C "C3'" 1 
ATOM   1230 O "O3'" . C   B 2 1   ? -0.022  11.207  -2.477  1.00 36.49  ? 1    C   C "O3'" 1 
ATOM   1231 C "C2'" . C   B 2 1   ? 1.139   12.110  -0.681  1.00 37.51  ? 1    C   C "C2'" 1 
ATOM   1232 O "O2'" . C   B 2 1   ? -0.004  11.681  -0.008  1.00 38.01  ? 1    C   C "O2'" 1 
ATOM   1233 C "C1'" . C   B 2 1   ? 2.099   10.947  -0.578  1.00 38.47  ? 1    C   C "C1'" 1 
ATOM   1234 N N1    . C   B 2 1   ? 2.967   11.014  0.590   1.00 38.99  ? 1    C   C N1    1 
ATOM   1235 C C2    . C   B 2 1   ? 2.897   10.000  1.531   1.00 38.02  ? 1    C   C C2    1 
ATOM   1236 O O2    . C   B 2 1   ? 2.084   9.092   1.366   1.00 37.37  ? 1    C   C O2    1 
ATOM   1237 N N3    . C   B 2 1   ? 3.723   10.031  2.596   1.00 37.90  ? 1    C   C N3    1 
ATOM   1238 C C4    . C   B 2 1   ? 4.584   11.033  2.742   1.00 34.80  ? 1    C   C C4    1 
ATOM   1239 N N4    . C   B 2 1   ? 5.375   11.021  3.809   1.00 33.47  ? 1    C   C N4    1 
ATOM   1240 C C5    . C   B 2 1   ? 4.672   12.087  1.798   1.00 33.46  ? 1    C   C C5    1 
ATOM   1241 C C6    . C   B 2 1   ? 3.859   12.035  0.741   1.00 38.20  ? 1    C   C C6    1 
ATOM   1242 P P     . U   B 2 2   ? -0.925  11.333  -3.682  1.00 32.59  ? 2    U   C P     1 
ATOM   1243 O OP1   . U   B 2 2   ? -1.287  10.030  -4.080  1.00 33.73  ? 2    U   C OP1   1 
ATOM   1244 O OP2   . U   B 2 2   ? -0.322  12.183  -4.644  1.00 28.60  ? 2    U   C OP2   1 
ATOM   1245 O "O5'" . U   B 2 2   ? -2.203  12.015  -3.069  1.00 35.63  ? 2    U   C "O5'" 1 
ATOM   1246 C "C5'" . U   B 2 2   ? -2.835  11.483  -1.919  1.00 28.14  ? 2    U   C "C5'" 1 
ATOM   1247 C "C4'" . U   B 2 2   ? -3.969  12.363  -1.517  1.00 29.34  ? 2    U   C "C4'" 1 
ATOM   1248 O "O4'" . U   B 2 2   ? -4.778  12.638  -2.680  1.00 32.13  ? 2    U   C "O4'" 1 
ATOM   1249 C "C3'" . U   B 2 2   ? -4.938  11.748  -0.530  1.00 30.91  ? 2    U   C "C3'" 1 
ATOM   1250 O "O3'" . U   B 2 2   ? -4.565  12.039  0.786   1.00 29.98  ? 2    U   C "O3'" 1 
ATOM   1251 C "C2'" . U   B 2 2   ? -6.197  12.542  -0.798  1.00 33.11  ? 2    U   C "C2'" 1 
ATOM   1252 O "O2'" . U   B 2 2   ? -6.101  13.796  -0.188  1.00 32.33  ? 2    U   C "O2'" 1 
ATOM   1253 C "C1'" . U   B 2 2   ? -6.141  12.693  -2.311  1.00 35.56  ? 2    U   C "C1'" 1 
ATOM   1254 N N1    . U   B 2 2   ? -6.885  11.650  -3.034  1.00 35.80  ? 2    U   C N1    1 
ATOM   1255 C C2    . U   B 2 2   ? -8.259  11.731  -3.037  1.00 35.71  ? 2    U   C C2    1 
ATOM   1256 O O2    . U   B 2 2   ? -8.870  12.606  -2.463  1.00 29.81  ? 2    U   C O2    1 
ATOM   1257 N N3    . U   B 2 2   ? -8.891  10.730  -3.725  1.00 37.38  ? 2    U   C N3    1 
ATOM   1258 C C4    . U   B 2 2   ? -8.308  9.676   -4.385  1.00 35.84  ? 2    U   C C4    1 
ATOM   1259 O O4    . U   B 2 2   ? -9.014  8.848   -4.952  1.00 37.57  ? 2    U   C O4    1 
ATOM   1260 C C5    . U   B 2 2   ? -6.889  9.659   -4.329  1.00 33.08  ? 2    U   C C5    1 
ATOM   1261 C C6    . U   B 2 2   ? -6.242  10.617  -3.666  1.00 33.18  ? 2    U   C C6    1 
ATOM   1262 P P     . U   B 2 3   ? -4.424  10.930  1.806   1.00 36.82  ? 3    U   C P     1 
ATOM   1263 O OP1   . U   B 2 3   ? -3.321  11.256  2.650   1.00 37.56  ? 3    U   C OP1   1 
ATOM   1264 O OP2   . U   B 2 3   ? -4.478  9.654   1.143   1.00 34.50  ? 3    U   C OP2   1 
ATOM   1265 O "O5'" . U   B 2 3   ? -5.720  11.041  2.686   1.00 34.81  ? 3    U   C "O5'" 1 
ATOM   1266 C "C5'" . U   B 2 3   ? -6.288  12.290  3.008   1.00 35.80  ? 3    U   C "C5'" 1 
ATOM   1267 C "C4'" . U   B 2 3   ? -7.733  12.121  3.364   1.00 36.51  ? 3    U   C "C4'" 1 
ATOM   1268 O "O4'" . U   B 2 3   ? -8.511  11.899  2.169   1.00 38.24  ? 3    U   C "O4'" 1 
ATOM   1269 C "C3'" . U   B 2 3   ? -8.062  10.948  4.276   1.00 37.51  ? 3    U   C "C3'" 1 
ATOM   1270 O "O3'" . U   B 2 3   ? -9.031  11.371  5.205   1.00 43.19  ? 3    U   C "O3'" 1 
ATOM   1271 C "C2'" . U   B 2 3   ? -8.719  9.968   3.324   1.00 39.78  ? 3    U   C "C2'" 1 
ATOM   1272 O "O2'" . U   B 2 3   ? -9.501  8.948   3.889   1.00 37.28  ? 3    U   C "O2'" 1 
ATOM   1273 C "C1'" . U   B 2 3   ? -9.489  10.944  2.455   1.00 35.05  ? 3    U   C "C1'" 1 
ATOM   1274 N N1    . U   B 2 3   ? -9.992  10.380  1.204   1.00 37.72  ? 3    U   C N1    1 
ATOM   1275 C C2    . U   B 2 3   ? -11.260 10.744  0.818   1.00 36.52  ? 3    U   C C2    1 
ATOM   1276 O O2    . U   B 2 3   ? -11.938 11.526  1.442   1.00 33.76  ? 3    U   C O2    1 
ATOM   1277 N N3    . U   B 2 3   ? -11.692 10.170  -0.348  1.00 35.62  ? 3    U   C N3    1 
ATOM   1278 C C4    . U   B 2 3   ? -11.012 9.280   -1.138  1.00 33.11  ? 3    U   C C4    1 
ATOM   1279 O O4    . U   B 2 3   ? -11.544 8.848   -2.151  1.00 37.04  ? 3    U   C O4    1 
ATOM   1280 C C5    . U   B 2 3   ? -9.709  8.946   -0.666  1.00 33.38  ? 3    U   C C5    1 
ATOM   1281 C C6    . U   B 2 3   ? -9.255  9.490   0.464   1.00 35.20  ? 3    U   C C6    1 
ATOM   1282 P P     . U   B 2 4   ? -8.617  11.753  6.619   1.00 47.87  ? 4    U   C P     1 
ATOM   1283 O OP1   . U   B 2 4   ? -8.966  13.102  6.831   1.00 49.88  ? 4    U   C OP1   1 
ATOM   1284 O OP2   . U   B 2 4   ? -7.281  11.332  6.852   1.00 47.32  ? 4    U   C OP2   1 
ATOM   1285 O "O5'" . U   B 2 4   ? -9.414  10.757  7.526   1.00 48.00  ? 4    U   C "O5'" 1 
ATOM   1286 C "C5'" . U   B 2 4   ? -10.813 10.820  7.607   1.00 50.79  ? 4    U   C "C5'" 1 
ATOM   1287 C "C4'" . U   B 2 4   ? -11.248 11.053  9.027   1.00 48.25  ? 4    U   C "C4'" 1 
ATOM   1288 O "O4'" . U   B 2 4   ? -10.123 11.288  9.905   1.00 48.09  ? 4    U   C "O4'" 1 
ATOM   1289 C "C3'" . U   B 2 4   ? -12.175 12.229  9.229   1.00 52.96  ? 4    U   C "C3'" 1 
ATOM   1290 O "O3'" . U   B 2 4   ? -12.942 11.613  10.211  1.00 51.12  ? 4    U   C "O3'" 1 
ATOM   1291 C "C2'" . U   B 2 4   ? -11.269 13.264  9.862   1.00 51.81  ? 4    U   C "C2'" 1 
ATOM   1292 O "O2'" . U   B 2 4   ? -11.968 14.197  10.642  1.00 57.64  ? 4    U   C "O2'" 1 
ATOM   1293 C "C1'" . U   B 2 4   ? -10.404 12.377  10.739  1.00 53.58  ? 4    U   C "C1'" 1 
ATOM   1294 N N1    . U   B 2 4   ? -9.134  12.979  11.165  1.00 47.76  ? 4    U   C N1    1 
ATOM   1295 C C2    . U   B 2 4   ? -8.714  12.759  12.458  1.00 42.60  ? 4    U   C C2    1 
ATOM   1296 O O2    . U   B 2 4   ? -9.340  12.095  13.252  1.00 44.69  ? 4    U   C O2    1 
ATOM   1297 N N3    . U   B 2 4   ? -7.515  13.334  12.778  1.00 46.05  ? 4    U   C N3    1 
ATOM   1298 C C4    . U   B 2 4   ? -6.710  14.091  11.961  1.00 47.54  ? 4    U   C C4    1 
ATOM   1299 O O4    . U   B 2 4   ? -5.657  14.536  12.399  1.00 44.57  ? 4    U   C O4    1 
ATOM   1300 C C5    . U   B 2 4   ? -7.218  14.281  10.640  1.00 43.81  ? 4    U   C C5    1 
ATOM   1301 C C6    . U   B 2 4   ? -8.387  13.735  10.298  1.00 46.32  ? 4    U   C C6    1 
ATOM   1302 P P     . U   B 2 5   ? -14.475 11.822  10.268  1.00 93.81  ? 5    U   C P     1 
ATOM   1303 O OP1   . U   B 2 5   ? -15.106 10.576  9.857   1.00 95.52  ? 5    U   C OP1   1 
ATOM   1304 O OP2   . U   B 2 5   ? -14.795 13.056  9.562   1.00 92.13  ? 5    U   C OP2   1 
ATOM   1305 O "O5'" . U   B 2 5   ? -14.682 12.071  11.822  0.50 95.69  ? 5    U   C "O5'" 1 
ATOM   1306 C "C5'" . U   B 2 5   ? -13.519 12.305  12.666  0.50 94.86  ? 5    U   C "C5'" 1 
ATOM   1307 C "C4'" . U   B 2 5   ? -13.893 13.060  13.925  0.50 95.59  ? 5    U   C "C4'" 1 
ATOM   1308 O "O4'" . U   B 2 5   ? -12.740 13.171  14.817  0.50 96.42  ? 5    U   C "O4'" 1 
ATOM   1309 C "C3'" . U   B 2 5   ? -14.369 14.492  13.721  0.50 95.16  ? 5    U   C "C3'" 1 
ATOM   1310 O "O3'" . U   B 2 5   ? -15.717 14.628  13.247  0.50 94.10  ? 5    U   C "O3'" 1 
ATOM   1311 C "C2'" . U   B 2 5   ? -14.018 15.138  15.061  0.50 96.27  ? 5    U   C "C2'" 1 
ATOM   1312 O "O2'" . U   B 2 5   ? -14.929 14.820  16.095  0.50 96.27  ? 5    U   C "O2'" 1 
ATOM   1313 C "C1'" . U   B 2 5   ? -12.665 14.487  15.355  0.50 95.15  ? 5    U   C "C1'" 1 
ATOM   1314 N N1    . U   B 2 5   ? -11.524 15.177  14.729  0.50 36.93  ? 5    U   C N1    1 
ATOM   1315 C C2    . U   B 2 5   ? -10.541 15.733  15.533  0.50 36.93  ? 5    U   C C2    1 
ATOM   1316 O O2    . U   B 2 5   ? -10.598 15.743  16.751  0.50 36.93  ? 5    U   C O2    1 
ATOM   1317 N N3    . U   B 2 5   ? -9.501  16.310  14.849  0.50 36.93  ? 5    U   C N3    1 
ATOM   1318 C C4    . U   B 2 5   ? -9.341  16.390  13.483  0.50 36.93  ? 5    U   C C4    1 
ATOM   1319 O O4    . U   B 2 5   ? -8.348  16.950  13.017  0.50 36.93  ? 5    U   C O4    1 
ATOM   1320 C C5    . U   B 2 5   ? -10.384 15.773  12.728  0.50 36.93  ? 5    U   C C5    1 
ATOM   1321 C C6    . U   B 2 5   ? -11.403 15.186  13.361  0.50 36.93  ? 5    U   C C6    1 
ATOM   1322 P P     . C   B 2 6   ? -16.905 13.737  13.816  1.00 103.70 ? 6    C   C P     1 
ATOM   1323 O OP1   . C   B 2 6   ? -16.486 12.323  13.852  1.00 102.02 ? 6    C   C OP1   1 
ATOM   1324 O OP2   . C   B 2 6   ? -18.167 14.144  13.167  1.00 105.41 ? 6    C   C OP2   1 
ATOM   1325 O "O5'" . C   B 2 6   ? -17.078 14.201  15.318  1.00 105.58 ? 6    C   C "O5'" 1 
ATOM   1326 C "C5'" . C   B 2 6   ? -18.257 13.768  16.012  0.50 104.75 ? 6    C   C "C5'" 1 
ATOM   1327 C "C4'" . C   B 2 6   ? -18.196 12.279  16.255  0.50 105.48 ? 6    C   C "C4'" 1 
ATOM   1328 O "O4'" . C   B 2 6   ? -17.036 11.982  17.058  0.50 106.31 ? 6    C   C "O4'" 1 
ATOM   1329 C "C3'" . C   B 2 6   ? -19.399 11.706  16.999  0.50 105.05 ? 6    C   C "C3'" 1 
ATOM   1330 O "O3'" . C   B 2 6   ? -20.223 10.889  16.170  0.50 103.99 ? 6    C   C "O3'" 1 
ATOM   1331 C "C2'" . C   B 2 6   ? -18.809 10.901  18.162  0.50 106.16 ? 6    C   C "C2'" 1 
ATOM   1332 O "O2'" . C   B 2 6   ? -19.376 9.615   18.216  0.50 106.16 ? 6    C   C "O2'" 1 
ATOM   1333 C "C1'" . C   B 2 6   ? -17.308 10.869  17.860  0.50 105.04 ? 6    C   C "C1'" 1 
ATOM   1334 N N1    . C   B 2 6   ? -16.503 10.993  19.082  0.50 46.82  ? 6    C   C N1    1 
ATOM   1335 C C2    . C   B 2 6   ? -16.784 12.037  19.958  0.50 46.82  ? 6    C   C C2    1 
ATOM   1336 O O2    . C   B 2 6   ? -17.680 12.839  19.664  0.50 46.82  ? 6    C   C O2    1 
ATOM   1337 N N3    . C   B 2 6   ? -16.065 12.155  21.097  0.50 46.82  ? 6    C   C N3    1 
ATOM   1338 C C4    . C   B 2 6   ? -15.105 11.270  21.375  0.50 46.82  ? 6    C   C C4    1 
ATOM   1339 N N4    . C   B 2 6   ? -14.415 11.432  22.505  0.50 46.82  ? 6    C   C N4    1 
ATOM   1340 C C5    . C   B 2 6   ? -14.802 10.191  20.500  0.50 46.82  ? 6    C   C C5    1 
ATOM   1341 C C6    . C   B 2 6   ? -15.526 10.085  19.379  0.50 46.82  ? 6    C   C C6    1 
ATOM   1342 P P     . C   B 2 7   ? -19.564 9.775   15.256  1.00 110.89 ? 7    C   C P     1 
ATOM   1343 O OP1   . C   B 2 7   ? -18.743 8.896   16.125  1.00 112.60 ? 7    C   C OP1   1 
ATOM   1344 O OP2   . C   B 2 7   ? -18.964 10.464  14.096  1.00 109.21 ? 7    C   C OP2   1 
ATOM   1345 O "O5'" . C   B 2 7   ? -20.795 8.872   14.816  1.00 112.77 ? 7    C   C "O5'" 1 
ATOM   1346 C "C5'" . C   B 2 7   ? -21.061 7.648   15.510  1.00 111.94 ? 7    C   C "C5'" 1 
ATOM   1347 C "C4'" . C   B 2 7   ? -22.544 7.417   15.623  1.00 112.67 ? 7    C   C "C4'" 1 
ATOM   1348 O "O4'" . C   B 2 7   ? -23.177 8.645   16.033  1.00 113.50 ? 7    C   C "O4'" 1 
ATOM   1349 C "C3'" . C   B 2 7   ? -23.244 6.950   14.350  1.00 112.24 ? 7    C   C "C3'" 1 
ATOM   1350 O "O3'" . C   B 2 7   ? -23.931 5.739   14.633  1.00 111.18 ? 7    C   C "O3'" 1 
ATOM   1351 C "C2'" . C   B 2 7   ? -24.147 8.121   13.965  1.00 113.35 ? 7    C   C "C2'" 1 
ATOM   1352 O "O2'" . C   B 2 7   ? -25.351 7.655   13.385  1.00 113.35 ? 7    C   C "O2'" 1 
ATOM   1353 C "C1'" . C   B 2 7   ? -24.360 8.820   15.307  1.00 112.23 ? 7    C   C "C1'" 1 
ATOM   1354 N N1    . C   B 2 7   ? -24.663 10.263  15.226  1.00 54.01  ? 7    C   C N1    1 
ATOM   1355 C C2    . C   B 2 7   ? -23.633 11.190  15.012  1.00 54.01  ? 7    C   C C2    1 
ATOM   1356 O O2    . C   B 2 7   ? -22.469 10.783  14.898  0.50 54.01  ? 7    C   C O2    1 
ATOM   1357 N N3    . C   B 2 7   ? -23.933 12.504  14.919  0.50 54.01  ? 7    C   C N3    1 
ATOM   1358 C C4    . C   B 2 7   ? -25.197 12.908  15.037  0.50 54.01  ? 7    C   C C4    1 
ATOM   1359 N N4    . C   B 2 7   ? -25.445 14.216  14.945  0.50 54.01  ? 7    C   C N4    1 
ATOM   1360 C C5    . C   B 2 7   ? -26.266 11.989  15.254  0.50 54.01  ? 7    C   C C5    1 
ATOM   1361 C C6    . C   B 2 7   ? -25.955 10.692  15.354  0.50 54.01  ? 7    C   C C6    1 
ATOM   1362 P P     . G   B 2 8   ? -23.105 4.475   15.076  1.00 63.75  ? 8    G   C P     1 
ATOM   1363 O OP1   . G   B 2 8   ? -21.714 4.875   15.240  1.00 51.77  ? 8    G   C OP1   1 
ATOM   1364 O OP2   . G   B 2 8   ? -23.465 3.350   14.210  1.00 56.57  ? 8    G   C OP2   1 
ATOM   1365 O "O5'" . G   B 2 8   ? -23.610 4.203   16.546  1.00 55.53  ? 8    G   C "O5'" 1 
ATOM   1366 C "C5'" . G   B 2 8   ? -24.717 3.358   16.822  1.00 50.53  ? 8    G   C "C5'" 1 
ATOM   1367 C "C4'" . G   B 2 8   ? -24.670 3.042   18.277  1.00 51.69  ? 8    G   C "C4'" 1 
ATOM   1368 O "O4'" . G   B 2 8   ? -23.440 2.331   18.524  1.00 51.12  ? 8    G   C "O4'" 1 
ATOM   1369 C "C3'" . G   B 2 8   ? -24.639 4.262   19.182  1.00 52.91  ? 8    G   C "C3'" 1 
ATOM   1370 O "O3'" . G   B 2 8   ? -25.445 4.015   20.315  1.00 53.50  ? 8    G   C "O3'" 1 
ATOM   1371 C "C2'" . G   B 2 8   ? -23.164 4.399   19.515  1.00 52.90  ? 8    G   C "C2'" 1 
ATOM   1372 O "O2'" . G   B 2 8   ? -22.931 5.031   20.745  1.00 54.18  ? 8    G   C "O2'" 1 
ATOM   1373 C "C1'" . G   B 2 8   ? -22.745 2.940   19.569  1.00 51.06  ? 8    G   C "C1'" 1 
ATOM   1374 N N9    . G   B 2 8   ? -21.332 2.683   19.360  1.00 41.11  ? 8    G   C N9    1 
ATOM   1375 C C8    . G   B 2 8   ? -20.594 3.020   18.257  1.00 39.55  ? 8    G   C C8    1 
ATOM   1376 N N7    . G   B 2 8   ? -19.347 2.658   18.345  1.00 38.25  ? 8    G   C N7    1 
ATOM   1377 C C5    . G   B 2 8   ? -19.259 2.036   19.580  1.00 36.97  ? 8    G   C C5    1 
ATOM   1378 C C6    . G   B 2 8   ? -18.162 1.414   20.214  1.00 34.85  ? 8    G   C C6    1 
ATOM   1379 O O6    . G   B 2 8   ? -17.010 1.294   19.804  1.00 35.50  ? 8    G   C O6    1 
ATOM   1380 N N1    . G   B 2 8   ? -18.512 0.903   21.455  1.00 34.41  ? 8    G   C N1    1 
ATOM   1381 C C2    . G   B 2 8   ? -19.762 0.955   22.003  1.00 34.56  ? 8    G   C C2    1 
ATOM   1382 N N2    . G   B 2 8   ? -19.901 0.383   23.197  1.00 32.69  ? 8    G   C N2    1 
ATOM   1383 N N3    . G   B 2 8   ? -20.796 1.531   21.422  1.00 34.55  ? 8    G   C N3    1 
ATOM   1384 C C4    . G   B 2 8   ? -20.475 2.044   20.218  1.00 38.58  ? 8    G   C C4    1 
HETATM 1385 O O     . HOH C 3 .   ? -7.372  0.793   -5.352  1.00 27.77  ? 1001 HOH B O     1 
HETATM 1386 O O     . HOH C 3 .   ? -4.929  7.524   8.162   1.00 31.44  ? 1002 HOH B O     1 
HETATM 1387 O O     . HOH C 3 .   ? 3.521   -8.890  -5.831  1.00 33.71  ? 1003 HOH B O     1 
HETATM 1388 O O     . HOH C 3 .   ? -3.542  6.013   -9.678  1.00 28.48  ? 1004 HOH B O     1 
HETATM 1389 O O     . HOH C 3 .   ? 14.373  -8.536  3.863   1.00 27.88  ? 1005 HOH B O     1 
HETATM 1390 O O     . HOH D 3 .   ? -11.334 8.709   -5.650  1.00 31.35  ? 101  HOH C O     1 
HETATM 1391 O O     . HOH D 3 .   ? -0.631  11.622  2.793   1.00 41.74  ? 102  HOH C O     1 
# 
loop_
_pdbx_poly_seq_scheme.asym_id 
_pdbx_poly_seq_scheme.entity_id 
_pdbx_poly_seq_scheme.seq_id 
_pdbx_poly_seq_scheme.mon_id 
_pdbx_poly_seq_scheme.ndb_seq_num 
_pdbx_poly_seq_scheme.pdb_seq_num 
_pdbx_poly_seq_scheme.auth_seq_num 
_pdbx_poly_seq_scheme.pdb_mon_id 
_pdbx_poly_seq_scheme.auth_mon_id 
_pdbx_poly_seq_scheme.pdb_strand_id 
_pdbx_poly_seq_scheme.pdb_ins_code 
_pdbx_poly_seq_scheme.hetero 
A 1 1   GLY 1   785 ?   ?   ?   B . n 
A 1 2   HIS 2   786 ?   ?   ?   B . n 
A 1 3   SER 3   787 ?   ?   ?   B . n 
A 1 4   GLY 4   788 ?   ?   ?   B . n 
A 1 5   GLY 5   789 ?   ?   ?   B . n 
A 1 6   GLY 6   790 ?   ?   ?   B . n 
A 1 7   GLY 7   791 ?   ?   ?   B . n 
A 1 8   GLY 8   792 ?   ?   ?   B . n 
A 1 9   GLY 9   793 ?   ?   ?   B . n 
A 1 10  HIS 10  794 ?   ?   ?   B . n 
A 1 11  MET 11  795 ?   ?   ?   B . n 
A 1 12  GLN 12  796 796 GLN GLN B . n 
A 1 13  HIS 13  797 797 HIS HIS B . n 
A 1 14  PRO 14  798 798 PRO PRO B . n 
A 1 15  SER 15  799 799 SER SER B . n 
A 1 16  HIS 16  800 800 HIS HIS B . n 
A 1 17  GLU 17  801 801 GLU GLU B . n 
A 1 18  LEU 18  802 802 LEU LEU B . n 
A 1 19  LEU 19  803 803 LEU LEU B . n 
A 1 20  LYS 20  804 804 LYS LYS B . n 
A 1 21  GLU 21  805 805 GLU GLU B . n 
A 1 22  ASN 22  806 806 ASN ASN B . n 
A 1 23  GLY 23  807 807 GLY GLY B . n 
A 1 24  PHE 24  808 808 PHE PHE B . n 
A 1 25  THR 25  809 809 THR THR B . n 
A 1 26  GLN 26  810 810 GLN GLN B . n 
A 1 27  HIS 27  811 811 HIS HIS B . n 
A 1 28  VAL 28  812 812 VAL VAL B . n 
A 1 29  TYR 29  813 813 TYR TYR B . n 
A 1 30  HIS 30  814 814 HIS HIS B . n 
A 1 31  LYS 31  815 815 LYS LYS B . n 
A 1 32  TYR 32  816 816 TYR TYR B . n 
A 1 33  ARG 33  817 817 ARG ARG B . n 
A 1 34  ARG 34  818 818 ARG ARG B . n 
A 1 35  ARG 35  819 819 ARG ARG B . n 
A 1 36  CYS 36  820 820 CYS CYS B . n 
A 1 37  LEU 37  821 821 LEU LEU B . n 
A 1 38  ASN 38  822 822 ASN ASN B . n 
A 1 39  GLU 39  823 823 GLU GLU B . n 
A 1 40  ARG 40  824 824 ARG ARG B . n 
A 1 41  LYS 41  825 825 LYS LYS B . n 
A 1 42  ARG 42  826 826 ARG ARG B . n 
A 1 43  LEU 43  827 827 LEU LEU B . n 
A 1 44  GLY 44  828 828 GLY GLY B . n 
A 1 45  ILE 45  829 829 ILE ILE B . n 
A 1 46  GLY 46  830 830 GLY GLY B . n 
A 1 47  GLN 47  831 831 GLN GLN B . n 
A 1 48  SER 48  832 832 SER SER B . n 
A 1 49  GLN 49  833 833 GLN GLN B . n 
A 1 50  GLU 50  834 834 GLU GLU B . n 
A 1 51  MET 51  835 835 MET MET B . n 
A 1 52  ASN 52  836 836 ASN ASN B . n 
A 1 53  THR 53  837 837 THR THR B . n 
A 1 54  LEU 54  838 838 LEU LEU B . n 
A 1 55  PHE 55  839 839 PHE PHE B . n 
A 1 56  ARG 56  840 840 ARG ARG B . n 
A 1 57  PHE 57  841 841 PHE PHE B . n 
A 1 58  TRP 58  842 842 TRP TRP B . n 
A 1 59  SER 59  843 843 SER SER B . n 
A 1 60  PHE 60  844 844 PHE PHE B . n 
A 1 61  PHE 61  845 845 PHE PHE B . n 
A 1 62  LEU 62  846 846 LEU LEU B . n 
A 1 63  ARG 63  847 847 ARG ARG B . n 
A 1 64  ASP 64  848 848 ASP ASP B . n 
A 1 65  HIS 65  849 849 HIS HIS B . n 
A 1 66  PHE 66  850 850 PHE PHE B . n 
A 1 67  ASN 67  851 851 ASN ASN B . n 
A 1 68  LYS 68  852 852 LYS LYS B . n 
A 1 69  LYS 69  853 853 LYS LYS B . n 
A 1 70  MET 70  854 854 MET MET B . n 
A 1 71  TYR 71  855 855 TYR TYR B . n 
A 1 72  GLU 72  856 856 GLU GLU B . n 
A 1 73  GLU 73  857 857 GLU GLU B . n 
A 1 74  PHE 74  858 858 PHE PHE B . n 
A 1 75  LYS 75  859 859 LYS LYS B . n 
A 1 76  GLN 76  860 860 GLN GLN B . n 
A 1 77  LEU 77  861 861 LEU LEU B . n 
A 1 78  ALA 78  862 862 ALA ALA B . n 
A 1 79  LEU 79  863 863 LEU LEU B . n 
A 1 80  GLU 80  864 864 GLU GLU B . n 
A 1 81  ASP 81  865 865 ASP ASP B . n 
A 1 82  ALA 82  866 866 ALA ALA B . n 
A 1 83  LYS 83  867 867 LYS LYS B . n 
A 1 84  GLU 84  868 868 GLU GLU B . n 
A 1 85  GLY 85  869 869 GLY GLY B . n 
A 1 86  TYR 86  870 870 TYR TYR B . n 
A 1 87  ARG 87  871 871 ARG ARG B . n 
A 1 88  TYR 88  872 872 TYR TYR B . n 
A 1 89  GLY 89  873 873 GLY GLY B . n 
A 1 90  LEU 90  874 874 LEU LEU B . n 
A 1 91  GLU 91  875 875 GLU GLU B . n 
A 1 92  CYS 92  876 876 CYS CYS B . n 
A 1 93  LEU 93  877 877 LEU LEU B . n 
A 1 94  PHE 94  878 878 PHE PHE B . n 
A 1 95  ARG 95  879 879 ARG ARG B . n 
A 1 96  TYR 96  880 880 TYR TYR B . n 
A 1 97  TYR 97  881 881 TYR TYR B . n 
A 1 98  SER 98  882 882 SER SER B . n 
A 1 99  TYR 99  883 883 TYR TYR B . n 
A 1 100 GLY 100 884 884 GLY GLY B . n 
A 1 101 LEU 101 885 885 LEU LEU B . n 
A 1 102 GLU 102 886 886 GLU GLU B . n 
A 1 103 LYS 103 887 887 LYS LYS B . n 
A 1 104 LYS 104 888 888 LYS LYS B . n 
A 1 105 PHE 105 889 889 PHE PHE B . n 
A 1 106 ARG 106 890 890 ARG ARG B . n 
A 1 107 LEU 107 891 891 LEU LEU B . n 
A 1 108 ASP 108 892 892 ASP ASP B . n 
A 1 109 ILE 109 893 893 ILE ILE B . n 
A 1 110 PHE 110 894 894 PHE PHE B . n 
A 1 111 LYS 111 895 895 LYS LYS B . n 
A 1 112 ASP 112 896 896 ASP ASP B . n 
A 1 113 PHE 113 897 897 PHE PHE B . n 
A 1 114 GLN 114 898 898 GLN GLN B . n 
A 1 115 GLU 115 899 899 GLU GLU B . n 
A 1 116 GLU 116 900 900 GLU GLU B . n 
A 1 117 THR 117 901 901 THR THR B . n 
A 1 118 VAL 118 902 902 VAL VAL B . n 
A 1 119 LYS 119 903 903 LYS LYS B . n 
A 1 120 ASP 120 904 904 ASP ASP B . n 
A 1 121 TYR 121 905 905 TYR TYR B . n 
A 1 122 GLU 122 906 906 GLU GLU B . n 
A 1 123 ALA 123 907 907 ALA ALA B . n 
A 1 124 GLY 124 908 908 GLY GLY B . n 
A 1 125 GLN 125 909 909 GLN GLN B . n 
A 1 126 LEU 126 910 910 LEU LEU B . n 
A 1 127 TYR 127 911 911 TYR TYR B . n 
A 1 128 GLY 128 912 912 GLY GLY B . n 
A 1 129 LEU 129 913 913 LEU LEU B . n 
A 1 130 GLU 130 914 914 GLU GLU B . n 
A 1 131 LYS 131 915 915 LYS LYS B . n 
A 1 132 PHE 132 916 916 PHE PHE B . n 
A 1 133 TRP 133 917 917 TRP TRP B . n 
A 1 134 ALA 134 918 918 ALA ALA B . n 
A 1 135 PHE 135 919 919 PHE PHE B . n 
A 1 136 LEU 136 920 920 LEU LEU B . n 
A 1 137 LYS 137 921 921 LYS LYS B . n 
A 1 138 TYR 138 922 922 TYR TYR B . n 
A 1 139 SER 139 923 923 SER SER B . n 
A 1 140 LYS 140 924 924 LYS LYS B . n 
A 1 141 ALA 141 925 ?   ?   ?   B . n 
A 1 142 LYS 142 926 ?   ?   ?   B . n 
A 1 143 ASN 143 927 927 ASN ASN B . n 
A 1 144 LEU 144 928 928 LEU LEU B . n 
A 1 145 ASP 145 929 929 ASP ASP B . n 
A 1 146 ILE 146 930 930 ILE ILE B . n 
A 1 147 ASP 147 931 931 ASP ASP B . n 
A 1 148 PRO 148 932 932 PRO PRO B . n 
A 1 149 LYS 149 933 933 LYS LYS B . n 
A 1 150 LEU 150 934 934 LEU LEU B . n 
A 1 151 GLN 151 935 935 GLN GLN B . n 
A 1 152 GLU 152 936 936 GLU GLU B . n 
A 1 153 TYR 153 937 937 TYR TYR B . n 
A 1 154 LEU 154 938 938 LEU LEU B . n 
A 1 155 GLY 155 939 939 GLY GLY B . n 
A 1 156 LYS 156 940 940 LYS LYS B . n 
A 1 157 PHE 157 941 941 PHE PHE B . n 
A 1 158 ARG 158 942 ?   ?   ?   B . n 
A 1 159 ARG 159 943 ?   ?   ?   B . n 
A 1 160 LEU 160 944 ?   ?   ?   B . n 
A 1 161 GLU 161 945 ?   ?   ?   B . n 
A 1 162 ASP 162 946 ?   ?   ?   B . n 
B 2 1   C   1   1   1   C   C   C . n 
B 2 2   U   2   2   2   U   U   C . n 
B 2 3   U   3   3   3   U   U   C . n 
B 2 4   U   4   4   4   U   U   C . n 
B 2 5   U   5   5   5   U   U   C . n 
B 2 6   C   6   6   6   C   C   C . n 
B 2 7   C   7   7   7   C   C   C . n 
B 2 8   G   8   8   8   G   G   C . n 
# 
loop_
_pdbx_nonpoly_scheme.asym_id 
_pdbx_nonpoly_scheme.entity_id 
_pdbx_nonpoly_scheme.mon_id 
_pdbx_nonpoly_scheme.ndb_seq_num 
_pdbx_nonpoly_scheme.pdb_seq_num 
_pdbx_nonpoly_scheme.auth_seq_num 
_pdbx_nonpoly_scheme.pdb_mon_id 
_pdbx_nonpoly_scheme.auth_mon_id 
_pdbx_nonpoly_scheme.pdb_strand_id 
_pdbx_nonpoly_scheme.pdb_ins_code 
C 3 HOH 1 1001 1 HOH HOH B . 
C 3 HOH 2 1002 7 HOH HOH B . 
C 3 HOH 3 1003 6 HOH HOH B . 
C 3 HOH 4 1004 5 HOH HOH B . 
C 3 HOH 5 1005 3 HOH HOH B . 
D 3 HOH 1 101  4 HOH HOH C . 
D 3 HOH 2 102  2 HOH HOH C . 
# 
_pdbx_struct_assembly.id                   1 
_pdbx_struct_assembly.details              author_and_software_defined_assembly 
_pdbx_struct_assembly.method_details       PISA 
_pdbx_struct_assembly.oligomeric_details   dimeric 
_pdbx_struct_assembly.oligomeric_count     2 
# 
_pdbx_struct_assembly_gen.assembly_id       1 
_pdbx_struct_assembly_gen.oper_expression   1 
_pdbx_struct_assembly_gen.asym_id_list      A,B,C,D 
# 
loop_
_pdbx_struct_assembly_prop.biol_id 
_pdbx_struct_assembly_prop.type 
_pdbx_struct_assembly_prop.value 
_pdbx_struct_assembly_prop.details 
1 'ABSA (A^2)' 1230 ? 
1 MORE         -8   ? 
1 'SSA (A^2)'  9260 ? 
# 
_pdbx_struct_oper_list.id                   1 
_pdbx_struct_oper_list.type                 'identity operation' 
_pdbx_struct_oper_list.name                 1_555 
_pdbx_struct_oper_list.symmetry_operation   x,y,z 
_pdbx_struct_oper_list.matrix[1][1]         1.0000000000 
_pdbx_struct_oper_list.matrix[1][2]         0.0000000000 
_pdbx_struct_oper_list.matrix[1][3]         0.0000000000 
_pdbx_struct_oper_list.vector[1]            0.0000000000 
_pdbx_struct_oper_list.matrix[2][1]         0.0000000000 
_pdbx_struct_oper_list.matrix[2][2]         1.0000000000 
_pdbx_struct_oper_list.matrix[2][3]         0.0000000000 
_pdbx_struct_oper_list.vector[2]            0.0000000000 
_pdbx_struct_oper_list.matrix[3][1]         0.0000000000 
_pdbx_struct_oper_list.matrix[3][2]         0.0000000000 
_pdbx_struct_oper_list.matrix[3][3]         1.0000000000 
_pdbx_struct_oper_list.vector[3]            0.0000000000 
# 
loop_
_pdbx_audit_revision_history.ordinal 
_pdbx_audit_revision_history.data_content_type 
_pdbx_audit_revision_history.major_revision 
_pdbx_audit_revision_history.minor_revision 
_pdbx_audit_revision_history.revision_date 
1 'Structure model' 1 0 2017-04-19 
2 'Structure model' 1 1 2017-11-22 
3 'Structure model' 1 2 2023-10-04 
# 
_pdbx_audit_revision_details.ordinal             1 
_pdbx_audit_revision_details.revision_ordinal    1 
_pdbx_audit_revision_details.data_content_type   'Structure model' 
_pdbx_audit_revision_details.provider            repository 
_pdbx_audit_revision_details.type                'Initial release' 
_pdbx_audit_revision_details.description         ? 
_pdbx_audit_revision_details.details             ? 
# 
loop_
_pdbx_audit_revision_group.ordinal 
_pdbx_audit_revision_group.revision_ordinal 
_pdbx_audit_revision_group.data_content_type 
_pdbx_audit_revision_group.group 
1 2 'Structure model' 'Refinement description' 
2 3 'Structure model' 'Data collection'        
3 3 'Structure model' 'Database references'    
4 3 'Structure model' 'Refinement description' 
# 
loop_
_pdbx_audit_revision_category.ordinal 
_pdbx_audit_revision_category.revision_ordinal 
_pdbx_audit_revision_category.data_content_type 
_pdbx_audit_revision_category.category 
1 2 'Structure model' software                      
2 3 'Structure model' chem_comp_atom                
3 3 'Structure model' chem_comp_bond                
4 3 'Structure model' database_2                    
5 3 'Structure model' pdbx_initial_refinement_model 
# 
loop_
_pdbx_audit_revision_item.ordinal 
_pdbx_audit_revision_item.revision_ordinal 
_pdbx_audit_revision_item.data_content_type 
_pdbx_audit_revision_item.item 
1 3 'Structure model' '_database_2.pdbx_DOI'                
2 3 'Structure model' '_database_2.pdbx_database_accession' 
# 
loop_
_software.citation_id 
_software.classification 
_software.compiler_name 
_software.compiler_version 
_software.contact_author 
_software.contact_author_email 
_software.date 
_software.description 
_software.dependencies 
_software.hardware 
_software.language 
_software.location 
_software.mods 
_software.name 
_software.os 
_software.os_version 
_software.type 
_software.version 
_software.pdbx_ordinal 
? refinement       ? ? ? ? ? ? ? ? ? ? ? PHENIX   ? ? ? '(dev_2006: ???)' 1 
? 'data scaling'   ? ? ? ? ? ? ? ? ? ? ? HKL-2000 ? ? ? .                 2 
? phasing          ? ? ? ? ? ? ? ? ? ? ? PHENIX   ? ? ? .                 3 
? 'model building' ? ? ? ? ? ? ? ? ? ? ? Coot     ? ? ? .                 4 
# 
_pdbx_validate_close_contact.id               1 
_pdbx_validate_close_contact.PDB_model_num    1 
_pdbx_validate_close_contact.auth_atom_id_1   OE1 
_pdbx_validate_close_contact.auth_asym_id_1   B 
_pdbx_validate_close_contact.auth_comp_id_1   GLU 
_pdbx_validate_close_contact.auth_seq_id_1    823 
_pdbx_validate_close_contact.PDB_ins_code_1   ? 
_pdbx_validate_close_contact.label_alt_id_1   ? 
_pdbx_validate_close_contact.auth_atom_id_2   OG 
_pdbx_validate_close_contact.auth_asym_id_2   B 
_pdbx_validate_close_contact.auth_comp_id_2   SER 
_pdbx_validate_close_contact.auth_seq_id_2    832 
_pdbx_validate_close_contact.PDB_ins_code_2   ? 
_pdbx_validate_close_contact.label_alt_id_2   ? 
_pdbx_validate_close_contact.dist             1.85 
# 
loop_
_pdbx_validate_rmsd_bond.id 
_pdbx_validate_rmsd_bond.PDB_model_num 
_pdbx_validate_rmsd_bond.auth_atom_id_1 
_pdbx_validate_rmsd_bond.auth_asym_id_1 
_pdbx_validate_rmsd_bond.auth_comp_id_1 
_pdbx_validate_rmsd_bond.auth_seq_id_1 
_pdbx_validate_rmsd_bond.PDB_ins_code_1 
_pdbx_validate_rmsd_bond.label_alt_id_1 
_pdbx_validate_rmsd_bond.auth_atom_id_2 
_pdbx_validate_rmsd_bond.auth_asym_id_2 
_pdbx_validate_rmsd_bond.auth_comp_id_2 
_pdbx_validate_rmsd_bond.auth_seq_id_2 
_pdbx_validate_rmsd_bond.PDB_ins_code_2 
_pdbx_validate_rmsd_bond.label_alt_id_2 
_pdbx_validate_rmsd_bond.bond_value 
_pdbx_validate_rmsd_bond.bond_target_value 
_pdbx_validate_rmsd_bond.bond_deviation 
_pdbx_validate_rmsd_bond.bond_standard_deviation 
_pdbx_validate_rmsd_bond.linker_flag 
1 1 "O3'" C C 1 ? ? P C U 2 ? ? 1.510 1.607 -0.097 0.012 Y 
2 1 "O3'" C U 2 ? ? P C U 3 ? ? 1.513 1.607 -0.094 0.012 Y 
3 1 "O3'" C U 3 ? ? P C U 4 ? ? 1.522 1.607 -0.085 0.012 Y 
# 
_pdbx_validate_rmsd_angle.id                         1 
_pdbx_validate_rmsd_angle.PDB_model_num              1 
_pdbx_validate_rmsd_angle.auth_atom_id_1             "C4'" 
_pdbx_validate_rmsd_angle.auth_asym_id_1             C 
_pdbx_validate_rmsd_angle.auth_comp_id_1             U 
_pdbx_validate_rmsd_angle.auth_seq_id_1              4 
_pdbx_validate_rmsd_angle.PDB_ins_code_1             ? 
_pdbx_validate_rmsd_angle.label_alt_id_1             ? 
_pdbx_validate_rmsd_angle.auth_atom_id_2             "C3'" 
_pdbx_validate_rmsd_angle.auth_asym_id_2             C 
_pdbx_validate_rmsd_angle.auth_comp_id_2             U 
_pdbx_validate_rmsd_angle.auth_seq_id_2              4 
_pdbx_validate_rmsd_angle.PDB_ins_code_2             ? 
_pdbx_validate_rmsd_angle.label_alt_id_2             ? 
_pdbx_validate_rmsd_angle.auth_atom_id_3             "O3'" 
_pdbx_validate_rmsd_angle.auth_asym_id_3             C 
_pdbx_validate_rmsd_angle.auth_comp_id_3             U 
_pdbx_validate_rmsd_angle.auth_seq_id_3              4 
_pdbx_validate_rmsd_angle.PDB_ins_code_3             ? 
_pdbx_validate_rmsd_angle.label_alt_id_3             ? 
_pdbx_validate_rmsd_angle.angle_value                95.08 
_pdbx_validate_rmsd_angle.angle_target_value         109.40 
_pdbx_validate_rmsd_angle.angle_deviation            -14.32 
_pdbx_validate_rmsd_angle.angle_standard_deviation   2.10 
_pdbx_validate_rmsd_angle.linker_flag                N 
# 
_pdbx_validate_torsion.id              1 
_pdbx_validate_torsion.PDB_model_num   1 
_pdbx_validate_torsion.auth_comp_id    LYS 
_pdbx_validate_torsion.auth_asym_id    B 
_pdbx_validate_torsion.auth_seq_id     940 
_pdbx_validate_torsion.PDB_ins_code    ? 
_pdbx_validate_torsion.label_alt_id    ? 
_pdbx_validate_torsion.phi             -99.80 
_pdbx_validate_torsion.psi             37.75 
# 
loop_
_pdbx_unobs_or_zero_occ_atoms.id 
_pdbx_unobs_or_zero_occ_atoms.PDB_model_num 
_pdbx_unobs_or_zero_occ_atoms.polymer_flag 
_pdbx_unobs_or_zero_occ_atoms.occupancy_flag 
_pdbx_unobs_or_zero_occ_atoms.auth_asym_id 
_pdbx_unobs_or_zero_occ_atoms.auth_comp_id 
_pdbx_unobs_or_zero_occ_atoms.auth_seq_id 
_pdbx_unobs_or_zero_occ_atoms.PDB_ins_code 
_pdbx_unobs_or_zero_occ_atoms.auth_atom_id 
_pdbx_unobs_or_zero_occ_atoms.label_alt_id 
_pdbx_unobs_or_zero_occ_atoms.label_asym_id 
_pdbx_unobs_or_zero_occ_atoms.label_comp_id 
_pdbx_unobs_or_zero_occ_atoms.label_seq_id 
_pdbx_unobs_or_zero_occ_atoms.label_atom_id 
1  1 Y 1 B GLU 805 ? CG  ? A GLU 21  CG  
2  1 Y 1 B GLU 805 ? CD  ? A GLU 21  CD  
3  1 Y 1 B GLU 805 ? OE1 ? A GLU 21  OE1 
4  1 Y 1 B GLU 805 ? OE2 ? A GLU 21  OE2 
5  1 Y 1 B GLN 810 ? CG  ? A GLN 26  CG  
6  1 Y 1 B GLN 810 ? CD  ? A GLN 26  CD  
7  1 Y 1 B GLN 810 ? OE1 ? A GLN 26  OE1 
8  1 Y 1 B GLN 810 ? NE2 ? A GLN 26  NE2 
9  1 Y 1 B ARG 819 ? CG  ? A ARG 35  CG  
10 1 Y 1 B ARG 819 ? CD  ? A ARG 35  CD  
11 1 Y 1 B ARG 819 ? NE  ? A ARG 35  NE  
12 1 Y 1 B ARG 819 ? CZ  ? A ARG 35  CZ  
13 1 Y 1 B ARG 819 ? NH1 ? A ARG 35  NH1 
14 1 Y 1 B ARG 819 ? NH2 ? A ARG 35  NH2 
15 1 Y 1 B GLN 833 ? CG  ? A GLN 49  CG  
16 1 Y 1 B GLN 833 ? CD  ? A GLN 49  CD  
17 1 Y 1 B GLN 833 ? OE1 ? A GLN 49  OE1 
18 1 Y 1 B GLN 833 ? NE2 ? A GLN 49  NE2 
19 1 Y 1 B LYS 924 ? CG  ? A LYS 140 CG  
20 1 Y 1 B LYS 924 ? CD  ? A LYS 140 CD  
21 1 Y 1 B LYS 924 ? CE  ? A LYS 140 CE  
22 1 Y 1 B LYS 924 ? NZ  ? A LYS 140 NZ  
23 1 Y 1 B ASN 927 ? CG  ? A ASN 143 CG  
24 1 Y 1 B ASN 927 ? OD1 ? A ASN 143 OD1 
25 1 Y 1 B ASN 927 ? ND2 ? A ASN 143 ND2 
26 1 Y 1 B ASP 929 ? CG  ? A ASP 145 CG  
27 1 Y 1 B ASP 929 ? OD1 ? A ASP 145 OD1 
28 1 Y 1 B ASP 929 ? OD2 ? A ASP 145 OD2 
29 1 Y 1 B GLN 935 ? CG  ? A GLN 151 CG  
30 1 Y 1 B GLN 935 ? CD  ? A GLN 151 CD  
31 1 Y 1 B GLN 935 ? OE1 ? A GLN 151 OE1 
32 1 Y 1 B GLN 935 ? NE2 ? A GLN 151 NE2 
33 1 Y 1 B GLU 936 ? CG  ? A GLU 152 CG  
34 1 Y 1 B GLU 936 ? CD  ? A GLU 152 CD  
35 1 Y 1 B GLU 936 ? OE1 ? A GLU 152 OE1 
36 1 Y 1 B GLU 936 ? OE2 ? A GLU 152 OE2 
37 1 Y 1 B LYS 940 ? CG  ? A LYS 156 CG  
38 1 Y 1 B LYS 940 ? CD  ? A LYS 156 CD  
39 1 Y 1 B LYS 940 ? CE  ? A LYS 156 CE  
40 1 Y 1 B LYS 940 ? NZ  ? A LYS 156 NZ  
# 
loop_
_pdbx_unobs_or_zero_occ_residues.id 
_pdbx_unobs_or_zero_occ_residues.PDB_model_num 
_pdbx_unobs_or_zero_occ_residues.polymer_flag 
_pdbx_unobs_or_zero_occ_residues.occupancy_flag 
_pdbx_unobs_or_zero_occ_residues.auth_asym_id 
_pdbx_unobs_or_zero_occ_residues.auth_comp_id 
_pdbx_unobs_or_zero_occ_residues.auth_seq_id 
_pdbx_unobs_or_zero_occ_residues.PDB_ins_code 
_pdbx_unobs_or_zero_occ_residues.label_asym_id 
_pdbx_unobs_or_zero_occ_residues.label_comp_id 
_pdbx_unobs_or_zero_occ_residues.label_seq_id 
1  1 Y 1 B GLY 785 ? A GLY 1   
2  1 Y 1 B HIS 786 ? A HIS 2   
3  1 Y 1 B SER 787 ? A SER 3   
4  1 Y 1 B GLY 788 ? A GLY 4   
5  1 Y 1 B GLY 789 ? A GLY 5   
6  1 Y 1 B GLY 790 ? A GLY 6   
7  1 Y 1 B GLY 791 ? A GLY 7   
8  1 Y 1 B GLY 792 ? A GLY 8   
9  1 Y 1 B GLY 793 ? A GLY 9   
10 1 Y 1 B HIS 794 ? A HIS 10  
11 1 Y 1 B MET 795 ? A MET 11  
12 1 Y 1 B ALA 925 ? A ALA 141 
13 1 Y 1 B LYS 926 ? A LYS 142 
14 1 Y 1 B ARG 942 ? A ARG 158 
15 1 Y 1 B ARG 943 ? A ARG 159 
16 1 Y 1 B LEU 944 ? A LEU 160 
17 1 Y 1 B GLU 945 ? A GLU 161 
18 1 Y 1 B ASP 946 ? A ASP 162 
# 
loop_
_chem_comp_atom.comp_id 
_chem_comp_atom.atom_id 
_chem_comp_atom.type_symbol 
_chem_comp_atom.pdbx_aromatic_flag 
_chem_comp_atom.pdbx_stereo_config 
_chem_comp_atom.pdbx_ordinal 
ALA N      N N N 1   
ALA CA     C N S 2   
ALA C      C N N 3   
ALA O      O N N 4   
ALA CB     C N N 5   
ALA OXT    O N N 6   
ALA H      H N N 7   
ALA H2     H N N 8   
ALA HA     H N N 9   
ALA HB1    H N N 10  
ALA HB2    H N N 11  
ALA HB3    H N N 12  
ALA HXT    H N N 13  
ARG N      N N N 14  
ARG CA     C N S 15  
ARG C      C N N 16  
ARG O      O N N 17  
ARG CB     C N N 18  
ARG CG     C N N 19  
ARG CD     C N N 20  
ARG NE     N N N 21  
ARG CZ     C N N 22  
ARG NH1    N N N 23  
ARG NH2    N N N 24  
ARG OXT    O N N 25  
ARG H      H N N 26  
ARG H2     H N N 27  
ARG HA     H N N 28  
ARG HB2    H N N 29  
ARG HB3    H N N 30  
ARG HG2    H N N 31  
ARG HG3    H N N 32  
ARG HD2    H N N 33  
ARG HD3    H N N 34  
ARG HE     H N N 35  
ARG HH11   H N N 36  
ARG HH12   H N N 37  
ARG HH21   H N N 38  
ARG HH22   H N N 39  
ARG HXT    H N N 40  
ASN N      N N N 41  
ASN CA     C N S 42  
ASN C      C N N 43  
ASN O      O N N 44  
ASN CB     C N N 45  
ASN CG     C N N 46  
ASN OD1    O N N 47  
ASN ND2    N N N 48  
ASN OXT    O N N 49  
ASN H      H N N 50  
ASN H2     H N N 51  
ASN HA     H N N 52  
ASN HB2    H N N 53  
ASN HB3    H N N 54  
ASN HD21   H N N 55  
ASN HD22   H N N 56  
ASN HXT    H N N 57  
ASP N      N N N 58  
ASP CA     C N S 59  
ASP C      C N N 60  
ASP O      O N N 61  
ASP CB     C N N 62  
ASP CG     C N N 63  
ASP OD1    O N N 64  
ASP OD2    O N N 65  
ASP OXT    O N N 66  
ASP H      H N N 67  
ASP H2     H N N 68  
ASP HA     H N N 69  
ASP HB2    H N N 70  
ASP HB3    H N N 71  
ASP HD2    H N N 72  
ASP HXT    H N N 73  
C   OP3    O N N 74  
C   P      P N N 75  
C   OP1    O N N 76  
C   OP2    O N N 77  
C   "O5'"  O N N 78  
C   "C5'"  C N N 79  
C   "C4'"  C N R 80  
C   "O4'"  O N N 81  
C   "C3'"  C N S 82  
C   "O3'"  O N N 83  
C   "C2'"  C N R 84  
C   "O2'"  O N N 85  
C   "C1'"  C N R 86  
C   N1     N N N 87  
C   C2     C N N 88  
C   O2     O N N 89  
C   N3     N N N 90  
C   C4     C N N 91  
C   N4     N N N 92  
C   C5     C N N 93  
C   C6     C N N 94  
C   HOP3   H N N 95  
C   HOP2   H N N 96  
C   "H5'"  H N N 97  
C   "H5''" H N N 98  
C   "H4'"  H N N 99  
C   "H3'"  H N N 100 
C   "HO3'" H N N 101 
C   "H2'"  H N N 102 
C   "HO2'" H N N 103 
C   "H1'"  H N N 104 
C   H41    H N N 105 
C   H42    H N N 106 
C   H5     H N N 107 
C   H6     H N N 108 
CYS N      N N N 109 
CYS CA     C N R 110 
CYS C      C N N 111 
CYS O      O N N 112 
CYS CB     C N N 113 
CYS SG     S N N 114 
CYS OXT    O N N 115 
CYS H      H N N 116 
CYS H2     H N N 117 
CYS HA     H N N 118 
CYS HB2    H N N 119 
CYS HB3    H N N 120 
CYS HG     H N N 121 
CYS HXT    H N N 122 
G   OP3    O N N 123 
G   P      P N N 124 
G   OP1    O N N 125 
G   OP2    O N N 126 
G   "O5'"  O N N 127 
G   "C5'"  C N N 128 
G   "C4'"  C N R 129 
G   "O4'"  O N N 130 
G   "C3'"  C N S 131 
G   "O3'"  O N N 132 
G   "C2'"  C N R 133 
G   "O2'"  O N N 134 
G   "C1'"  C N R 135 
G   N9     N Y N 136 
G   C8     C Y N 137 
G   N7     N Y N 138 
G   C5     C Y N 139 
G   C6     C N N 140 
G   O6     O N N 141 
G   N1     N N N 142 
G   C2     C N N 143 
G   N2     N N N 144 
G   N3     N N N 145 
G   C4     C Y N 146 
G   HOP3   H N N 147 
G   HOP2   H N N 148 
G   "H5'"  H N N 149 
G   "H5''" H N N 150 
G   "H4'"  H N N 151 
G   "H3'"  H N N 152 
G   "HO3'" H N N 153 
G   "H2'"  H N N 154 
G   "HO2'" H N N 155 
G   "H1'"  H N N 156 
G   H8     H N N 157 
G   H1     H N N 158 
G   H21    H N N 159 
G   H22    H N N 160 
GLN N      N N N 161 
GLN CA     C N S 162 
GLN C      C N N 163 
GLN O      O N N 164 
GLN CB     C N N 165 
GLN CG     C N N 166 
GLN CD     C N N 167 
GLN OE1    O N N 168 
GLN NE2    N N N 169 
GLN OXT    O N N 170 
GLN H      H N N 171 
GLN H2     H N N 172 
GLN HA     H N N 173 
GLN HB2    H N N 174 
GLN HB3    H N N 175 
GLN HG2    H N N 176 
GLN HG3    H N N 177 
GLN HE21   H N N 178 
GLN HE22   H N N 179 
GLN HXT    H N N 180 
GLU N      N N N 181 
GLU CA     C N S 182 
GLU C      C N N 183 
GLU O      O N N 184 
GLU CB     C N N 185 
GLU CG     C N N 186 
GLU CD     C N N 187 
GLU OE1    O N N 188 
GLU OE2    O N N 189 
GLU OXT    O N N 190 
GLU H      H N N 191 
GLU H2     H N N 192 
GLU HA     H N N 193 
GLU HB2    H N N 194 
GLU HB3    H N N 195 
GLU HG2    H N N 196 
GLU HG3    H N N 197 
GLU HE2    H N N 198 
GLU HXT    H N N 199 
GLY N      N N N 200 
GLY CA     C N N 201 
GLY C      C N N 202 
GLY O      O N N 203 
GLY OXT    O N N 204 
GLY H      H N N 205 
GLY H2     H N N 206 
GLY HA2    H N N 207 
GLY HA3    H N N 208 
GLY HXT    H N N 209 
HIS N      N N N 210 
HIS CA     C N S 211 
HIS C      C N N 212 
HIS O      O N N 213 
HIS CB     C N N 214 
HIS CG     C Y N 215 
HIS ND1    N Y N 216 
HIS CD2    C Y N 217 
HIS CE1    C Y N 218 
HIS NE2    N Y N 219 
HIS OXT    O N N 220 
HIS H      H N N 221 
HIS H2     H N N 222 
HIS HA     H N N 223 
HIS HB2    H N N 224 
HIS HB3    H N N 225 
HIS HD1    H N N 226 
HIS HD2    H N N 227 
HIS HE1    H N N 228 
HIS HE2    H N N 229 
HIS HXT    H N N 230 
HOH O      O N N 231 
HOH H1     H N N 232 
HOH H2     H N N 233 
ILE N      N N N 234 
ILE CA     C N S 235 
ILE C      C N N 236 
ILE O      O N N 237 
ILE CB     C N S 238 
ILE CG1    C N N 239 
ILE CG2    C N N 240 
ILE CD1    C N N 241 
ILE OXT    O N N 242 
ILE H      H N N 243 
ILE H2     H N N 244 
ILE HA     H N N 245 
ILE HB     H N N 246 
ILE HG12   H N N 247 
ILE HG13   H N N 248 
ILE HG21   H N N 249 
ILE HG22   H N N 250 
ILE HG23   H N N 251 
ILE HD11   H N N 252 
ILE HD12   H N N 253 
ILE HD13   H N N 254 
ILE HXT    H N N 255 
LEU N      N N N 256 
LEU CA     C N S 257 
LEU C      C N N 258 
LEU O      O N N 259 
LEU CB     C N N 260 
LEU CG     C N N 261 
LEU CD1    C N N 262 
LEU CD2    C N N 263 
LEU OXT    O N N 264 
LEU H      H N N 265 
LEU H2     H N N 266 
LEU HA     H N N 267 
LEU HB2    H N N 268 
LEU HB3    H N N 269 
LEU HG     H N N 270 
LEU HD11   H N N 271 
LEU HD12   H N N 272 
LEU HD13   H N N 273 
LEU HD21   H N N 274 
LEU HD22   H N N 275 
LEU HD23   H N N 276 
LEU HXT    H N N 277 
LYS N      N N N 278 
LYS CA     C N S 279 
LYS C      C N N 280 
LYS O      O N N 281 
LYS CB     C N N 282 
LYS CG     C N N 283 
LYS CD     C N N 284 
LYS CE     C N N 285 
LYS NZ     N N N 286 
LYS OXT    O N N 287 
LYS H      H N N 288 
LYS H2     H N N 289 
LYS HA     H N N 290 
LYS HB2    H N N 291 
LYS HB3    H N N 292 
LYS HG2    H N N 293 
LYS HG3    H N N 294 
LYS HD2    H N N 295 
LYS HD3    H N N 296 
LYS HE2    H N N 297 
LYS HE3    H N N 298 
LYS HZ1    H N N 299 
LYS HZ2    H N N 300 
LYS HZ3    H N N 301 
LYS HXT    H N N 302 
MET N      N N N 303 
MET CA     C N S 304 
MET C      C N N 305 
MET O      O N N 306 
MET CB     C N N 307 
MET CG     C N N 308 
MET SD     S N N 309 
MET CE     C N N 310 
MET OXT    O N N 311 
MET H      H N N 312 
MET H2     H N N 313 
MET HA     H N N 314 
MET HB2    H N N 315 
MET HB3    H N N 316 
MET HG2    H N N 317 
MET HG3    H N N 318 
MET HE1    H N N 319 
MET HE2    H N N 320 
MET HE3    H N N 321 
MET HXT    H N N 322 
PHE N      N N N 323 
PHE CA     C N S 324 
PHE C      C N N 325 
PHE O      O N N 326 
PHE CB     C N N 327 
PHE CG     C Y N 328 
PHE CD1    C Y N 329 
PHE CD2    C Y N 330 
PHE CE1    C Y N 331 
PHE CE2    C Y N 332 
PHE CZ     C Y N 333 
PHE OXT    O N N 334 
PHE H      H N N 335 
PHE H2     H N N 336 
PHE HA     H N N 337 
PHE HB2    H N N 338 
PHE HB3    H N N 339 
PHE HD1    H N N 340 
PHE HD2    H N N 341 
PHE HE1    H N N 342 
PHE HE2    H N N 343 
PHE HZ     H N N 344 
PHE HXT    H N N 345 
PRO N      N N N 346 
PRO CA     C N S 347 
PRO C      C N N 348 
PRO O      O N N 349 
PRO CB     C N N 350 
PRO CG     C N N 351 
PRO CD     C N N 352 
PRO OXT    O N N 353 
PRO H      H N N 354 
PRO HA     H N N 355 
PRO HB2    H N N 356 
PRO HB3    H N N 357 
PRO HG2    H N N 358 
PRO HG3    H N N 359 
PRO HD2    H N N 360 
PRO HD3    H N N 361 
PRO HXT    H N N 362 
SER N      N N N 363 
SER CA     C N S 364 
SER C      C N N 365 
SER O      O N N 366 
SER CB     C N N 367 
SER OG     O N N 368 
SER OXT    O N N 369 
SER H      H N N 370 
SER H2     H N N 371 
SER HA     H N N 372 
SER HB2    H N N 373 
SER HB3    H N N 374 
SER HG     H N N 375 
SER HXT    H N N 376 
THR N      N N N 377 
THR CA     C N S 378 
THR C      C N N 379 
THR O      O N N 380 
THR CB     C N R 381 
THR OG1    O N N 382 
THR CG2    C N N 383 
THR OXT    O N N 384 
THR H      H N N 385 
THR H2     H N N 386 
THR HA     H N N 387 
THR HB     H N N 388 
THR HG1    H N N 389 
THR HG21   H N N 390 
THR HG22   H N N 391 
THR HG23   H N N 392 
THR HXT    H N N 393 
TRP N      N N N 394 
TRP CA     C N S 395 
TRP C      C N N 396 
TRP O      O N N 397 
TRP CB     C N N 398 
TRP CG     C Y N 399 
TRP CD1    C Y N 400 
TRP CD2    C Y N 401 
TRP NE1    N Y N 402 
TRP CE2    C Y N 403 
TRP CE3    C Y N 404 
TRP CZ2    C Y N 405 
TRP CZ3    C Y N 406 
TRP CH2    C Y N 407 
TRP OXT    O N N 408 
TRP H      H N N 409 
TRP H2     H N N 410 
TRP HA     H N N 411 
TRP HB2    H N N 412 
TRP HB3    H N N 413 
TRP HD1    H N N 414 
TRP HE1    H N N 415 
TRP HE3    H N N 416 
TRP HZ2    H N N 417 
TRP HZ3    H N N 418 
TRP HH2    H N N 419 
TRP HXT    H N N 420 
TYR N      N N N 421 
TYR CA     C N S 422 
TYR C      C N N 423 
TYR O      O N N 424 
TYR CB     C N N 425 
TYR CG     C Y N 426 
TYR CD1    C Y N 427 
TYR CD2    C Y N 428 
TYR CE1    C Y N 429 
TYR CE2    C Y N 430 
TYR CZ     C Y N 431 
TYR OH     O N N 432 
TYR OXT    O N N 433 
TYR H      H N N 434 
TYR H2     H N N 435 
TYR HA     H N N 436 
TYR HB2    H N N 437 
TYR HB3    H N N 438 
TYR HD1    H N N 439 
TYR HD2    H N N 440 
TYR HE1    H N N 441 
TYR HE2    H N N 442 
TYR HH     H N N 443 
TYR HXT    H N N 444 
U   OP3    O N N 445 
U   P      P N N 446 
U   OP1    O N N 447 
U   OP2    O N N 448 
U   "O5'"  O N N 449 
U   "C5'"  C N N 450 
U   "C4'"  C N R 451 
U   "O4'"  O N N 452 
U   "C3'"  C N S 453 
U   "O3'"  O N N 454 
U   "C2'"  C N R 455 
U   "O2'"  O N N 456 
U   "C1'"  C N R 457 
U   N1     N N N 458 
U   C2     C N N 459 
U   O2     O N N 460 
U   N3     N N N 461 
U   C4     C N N 462 
U   O4     O N N 463 
U   C5     C N N 464 
U   C6     C N N 465 
U   HOP3   H N N 466 
U   HOP2   H N N 467 
U   "H5'"  H N N 468 
U   "H5''" H N N 469 
U   "H4'"  H N N 470 
U   "H3'"  H N N 471 
U   "HO3'" H N N 472 
U   "H2'"  H N N 473 
U   "HO2'" H N N 474 
U   "H1'"  H N N 475 
U   H3     H N N 476 
U   H5     H N N 477 
U   H6     H N N 478 
VAL N      N N N 479 
VAL CA     C N S 480 
VAL C      C N N 481 
VAL O      O N N 482 
VAL CB     C N N 483 
VAL CG1    C N N 484 
VAL CG2    C N N 485 
VAL OXT    O N N 486 
VAL H      H N N 487 
VAL H2     H N N 488 
VAL HA     H N N 489 
VAL HB     H N N 490 
VAL HG11   H N N 491 
VAL HG12   H N N 492 
VAL HG13   H N N 493 
VAL HG21   H N N 494 
VAL HG22   H N N 495 
VAL HG23   H N N 496 
VAL HXT    H N N 497 
# 
loop_
_chem_comp_bond.comp_id 
_chem_comp_bond.atom_id_1 
_chem_comp_bond.atom_id_2 
_chem_comp_bond.value_order 
_chem_comp_bond.pdbx_aromatic_flag 
_chem_comp_bond.pdbx_stereo_config 
_chem_comp_bond.pdbx_ordinal 
ALA N     CA     sing N N 1   
ALA N     H      sing N N 2   
ALA N     H2     sing N N 3   
ALA CA    C      sing N N 4   
ALA CA    CB     sing N N 5   
ALA CA    HA     sing N N 6   
ALA C     O      doub N N 7   
ALA C     OXT    sing N N 8   
ALA CB    HB1    sing N N 9   
ALA CB    HB2    sing N N 10  
ALA CB    HB3    sing N N 11  
ALA OXT   HXT    sing N N 12  
ARG N     CA     sing N N 13  
ARG N     H      sing N N 14  
ARG N     H2     sing N N 15  
ARG CA    C      sing N N 16  
ARG CA    CB     sing N N 17  
ARG CA    HA     sing N N 18  
ARG C     O      doub N N 19  
ARG C     OXT    sing N N 20  
ARG CB    CG     sing N N 21  
ARG CB    HB2    sing N N 22  
ARG CB    HB3    sing N N 23  
ARG CG    CD     sing N N 24  
ARG CG    HG2    sing N N 25  
ARG CG    HG3    sing N N 26  
ARG CD    NE     sing N N 27  
ARG CD    HD2    sing N N 28  
ARG CD    HD3    sing N N 29  
ARG NE    CZ     sing N N 30  
ARG NE    HE     sing N N 31  
ARG CZ    NH1    sing N N 32  
ARG CZ    NH2    doub N N 33  
ARG NH1   HH11   sing N N 34  
ARG NH1   HH12   sing N N 35  
ARG NH2   HH21   sing N N 36  
ARG NH2   HH22   sing N N 37  
ARG OXT   HXT    sing N N 38  
ASN N     CA     sing N N 39  
ASN N     H      sing N N 40  
ASN N     H2     sing N N 41  
ASN CA    C      sing N N 42  
ASN CA    CB     sing N N 43  
ASN CA    HA     sing N N 44  
ASN C     O      doub N N 45  
ASN C     OXT    sing N N 46  
ASN CB    CG     sing N N 47  
ASN CB    HB2    sing N N 48  
ASN CB    HB3    sing N N 49  
ASN CG    OD1    doub N N 50  
ASN CG    ND2    sing N N 51  
ASN ND2   HD21   sing N N 52  
ASN ND2   HD22   sing N N 53  
ASN OXT   HXT    sing N N 54  
ASP N     CA     sing N N 55  
ASP N     H      sing N N 56  
ASP N     H2     sing N N 57  
ASP CA    C      sing N N 58  
ASP CA    CB     sing N N 59  
ASP CA    HA     sing N N 60  
ASP C     O      doub N N 61  
ASP C     OXT    sing N N 62  
ASP CB    CG     sing N N 63  
ASP CB    HB2    sing N N 64  
ASP CB    HB3    sing N N 65  
ASP CG    OD1    doub N N 66  
ASP CG    OD2    sing N N 67  
ASP OD2   HD2    sing N N 68  
ASP OXT   HXT    sing N N 69  
C   OP3   P      sing N N 70  
C   OP3   HOP3   sing N N 71  
C   P     OP1    doub N N 72  
C   P     OP2    sing N N 73  
C   P     "O5'"  sing N N 74  
C   OP2   HOP2   sing N N 75  
C   "O5'" "C5'"  sing N N 76  
C   "C5'" "C4'"  sing N N 77  
C   "C5'" "H5'"  sing N N 78  
C   "C5'" "H5''" sing N N 79  
C   "C4'" "O4'"  sing N N 80  
C   "C4'" "C3'"  sing N N 81  
C   "C4'" "H4'"  sing N N 82  
C   "O4'" "C1'"  sing N N 83  
C   "C3'" "O3'"  sing N N 84  
C   "C3'" "C2'"  sing N N 85  
C   "C3'" "H3'"  sing N N 86  
C   "O3'" "HO3'" sing N N 87  
C   "C2'" "O2'"  sing N N 88  
C   "C2'" "C1'"  sing N N 89  
C   "C2'" "H2'"  sing N N 90  
C   "O2'" "HO2'" sing N N 91  
C   "C1'" N1     sing N N 92  
C   "C1'" "H1'"  sing N N 93  
C   N1    C2     sing N N 94  
C   N1    C6     sing N N 95  
C   C2    O2     doub N N 96  
C   C2    N3     sing N N 97  
C   N3    C4     doub N N 98  
C   C4    N4     sing N N 99  
C   C4    C5     sing N N 100 
C   N4    H41    sing N N 101 
C   N4    H42    sing N N 102 
C   C5    C6     doub N N 103 
C   C5    H5     sing N N 104 
C   C6    H6     sing N N 105 
CYS N     CA     sing N N 106 
CYS N     H      sing N N 107 
CYS N     H2     sing N N 108 
CYS CA    C      sing N N 109 
CYS CA    CB     sing N N 110 
CYS CA    HA     sing N N 111 
CYS C     O      doub N N 112 
CYS C     OXT    sing N N 113 
CYS CB    SG     sing N N 114 
CYS CB    HB2    sing N N 115 
CYS CB    HB3    sing N N 116 
CYS SG    HG     sing N N 117 
CYS OXT   HXT    sing N N 118 
G   OP3   P      sing N N 119 
G   OP3   HOP3   sing N N 120 
G   P     OP1    doub N N 121 
G   P     OP2    sing N N 122 
G   P     "O5'"  sing N N 123 
G   OP2   HOP2   sing N N 124 
G   "O5'" "C5'"  sing N N 125 
G   "C5'" "C4'"  sing N N 126 
G   "C5'" "H5'"  sing N N 127 
G   "C5'" "H5''" sing N N 128 
G   "C4'" "O4'"  sing N N 129 
G   "C4'" "C3'"  sing N N 130 
G   "C4'" "H4'"  sing N N 131 
G   "O4'" "C1'"  sing N N 132 
G   "C3'" "O3'"  sing N N 133 
G   "C3'" "C2'"  sing N N 134 
G   "C3'" "H3'"  sing N N 135 
G   "O3'" "HO3'" sing N N 136 
G   "C2'" "O2'"  sing N N 137 
G   "C2'" "C1'"  sing N N 138 
G   "C2'" "H2'"  sing N N 139 
G   "O2'" "HO2'" sing N N 140 
G   "C1'" N9     sing N N 141 
G   "C1'" "H1'"  sing N N 142 
G   N9    C8     sing Y N 143 
G   N9    C4     sing Y N 144 
G   C8    N7     doub Y N 145 
G   C8    H8     sing N N 146 
G   N7    C5     sing Y N 147 
G   C5    C6     sing N N 148 
G   C5    C4     doub Y N 149 
G   C6    O6     doub N N 150 
G   C6    N1     sing N N 151 
G   N1    C2     sing N N 152 
G   N1    H1     sing N N 153 
G   C2    N2     sing N N 154 
G   C2    N3     doub N N 155 
G   N2    H21    sing N N 156 
G   N2    H22    sing N N 157 
G   N3    C4     sing N N 158 
GLN N     CA     sing N N 159 
GLN N     H      sing N N 160 
GLN N     H2     sing N N 161 
GLN CA    C      sing N N 162 
GLN CA    CB     sing N N 163 
GLN CA    HA     sing N N 164 
GLN C     O      doub N N 165 
GLN C     OXT    sing N N 166 
GLN CB    CG     sing N N 167 
GLN CB    HB2    sing N N 168 
GLN CB    HB3    sing N N 169 
GLN CG    CD     sing N N 170 
GLN CG    HG2    sing N N 171 
GLN CG    HG3    sing N N 172 
GLN CD    OE1    doub N N 173 
GLN CD    NE2    sing N N 174 
GLN NE2   HE21   sing N N 175 
GLN NE2   HE22   sing N N 176 
GLN OXT   HXT    sing N N 177 
GLU N     CA     sing N N 178 
GLU N     H      sing N N 179 
GLU N     H2     sing N N 180 
GLU CA    C      sing N N 181 
GLU CA    CB     sing N N 182 
GLU CA    HA     sing N N 183 
GLU C     O      doub N N 184 
GLU C     OXT    sing N N 185 
GLU CB    CG     sing N N 186 
GLU CB    HB2    sing N N 187 
GLU CB    HB3    sing N N 188 
GLU CG    CD     sing N N 189 
GLU CG    HG2    sing N N 190 
GLU CG    HG3    sing N N 191 
GLU CD    OE1    doub N N 192 
GLU CD    OE2    sing N N 193 
GLU OE2   HE2    sing N N 194 
GLU OXT   HXT    sing N N 195 
GLY N     CA     sing N N 196 
GLY N     H      sing N N 197 
GLY N     H2     sing N N 198 
GLY CA    C      sing N N 199 
GLY CA    HA2    sing N N 200 
GLY CA    HA3    sing N N 201 
GLY C     O      doub N N 202 
GLY C     OXT    sing N N 203 
GLY OXT   HXT    sing N N 204 
HIS N     CA     sing N N 205 
HIS N     H      sing N N 206 
HIS N     H2     sing N N 207 
HIS CA    C      sing N N 208 
HIS CA    CB     sing N N 209 
HIS CA    HA     sing N N 210 
HIS C     O      doub N N 211 
HIS C     OXT    sing N N 212 
HIS CB    CG     sing N N 213 
HIS CB    HB2    sing N N 214 
HIS CB    HB3    sing N N 215 
HIS CG    ND1    sing Y N 216 
HIS CG    CD2    doub Y N 217 
HIS ND1   CE1    doub Y N 218 
HIS ND1   HD1    sing N N 219 
HIS CD2   NE2    sing Y N 220 
HIS CD2   HD2    sing N N 221 
HIS CE1   NE2    sing Y N 222 
HIS CE1   HE1    sing N N 223 
HIS NE2   HE2    sing N N 224 
HIS OXT   HXT    sing N N 225 
HOH O     H1     sing N N 226 
HOH O     H2     sing N N 227 
ILE N     CA     sing N N 228 
ILE N     H      sing N N 229 
ILE N     H2     sing N N 230 
ILE CA    C      sing N N 231 
ILE CA    CB     sing N N 232 
ILE CA    HA     sing N N 233 
ILE C     O      doub N N 234 
ILE C     OXT    sing N N 235 
ILE CB    CG1    sing N N 236 
ILE CB    CG2    sing N N 237 
ILE CB    HB     sing N N 238 
ILE CG1   CD1    sing N N 239 
ILE CG1   HG12   sing N N 240 
ILE CG1   HG13   sing N N 241 
ILE CG2   HG21   sing N N 242 
ILE CG2   HG22   sing N N 243 
ILE CG2   HG23   sing N N 244 
ILE CD1   HD11   sing N N 245 
ILE CD1   HD12   sing N N 246 
ILE CD1   HD13   sing N N 247 
ILE OXT   HXT    sing N N 248 
LEU N     CA     sing N N 249 
LEU N     H      sing N N 250 
LEU N     H2     sing N N 251 
LEU CA    C      sing N N 252 
LEU CA    CB     sing N N 253 
LEU CA    HA     sing N N 254 
LEU C     O      doub N N 255 
LEU C     OXT    sing N N 256 
LEU CB    CG     sing N N 257 
LEU CB    HB2    sing N N 258 
LEU CB    HB3    sing N N 259 
LEU CG    CD1    sing N N 260 
LEU CG    CD2    sing N N 261 
LEU CG    HG     sing N N 262 
LEU CD1   HD11   sing N N 263 
LEU CD1   HD12   sing N N 264 
LEU CD1   HD13   sing N N 265 
LEU CD2   HD21   sing N N 266 
LEU CD2   HD22   sing N N 267 
LEU CD2   HD23   sing N N 268 
LEU OXT   HXT    sing N N 269 
LYS N     CA     sing N N 270 
LYS N     H      sing N N 271 
LYS N     H2     sing N N 272 
LYS CA    C      sing N N 273 
LYS CA    CB     sing N N 274 
LYS CA    HA     sing N N 275 
LYS C     O      doub N N 276 
LYS C     OXT    sing N N 277 
LYS CB    CG     sing N N 278 
LYS CB    HB2    sing N N 279 
LYS CB    HB3    sing N N 280 
LYS CG    CD     sing N N 281 
LYS CG    HG2    sing N N 282 
LYS CG    HG3    sing N N 283 
LYS CD    CE     sing N N 284 
LYS CD    HD2    sing N N 285 
LYS CD    HD3    sing N N 286 
LYS CE    NZ     sing N N 287 
LYS CE    HE2    sing N N 288 
LYS CE    HE3    sing N N 289 
LYS NZ    HZ1    sing N N 290 
LYS NZ    HZ2    sing N N 291 
LYS NZ    HZ3    sing N N 292 
LYS OXT   HXT    sing N N 293 
MET N     CA     sing N N 294 
MET N     H      sing N N 295 
MET N     H2     sing N N 296 
MET CA    C      sing N N 297 
MET CA    CB     sing N N 298 
MET CA    HA     sing N N 299 
MET C     O      doub N N 300 
MET C     OXT    sing N N 301 
MET CB    CG     sing N N 302 
MET CB    HB2    sing N N 303 
MET CB    HB3    sing N N 304 
MET CG    SD     sing N N 305 
MET CG    HG2    sing N N 306 
MET CG    HG3    sing N N 307 
MET SD    CE     sing N N 308 
MET CE    HE1    sing N N 309 
MET CE    HE2    sing N N 310 
MET CE    HE3    sing N N 311 
MET OXT   HXT    sing N N 312 
PHE N     CA     sing N N 313 
PHE N     H      sing N N 314 
PHE N     H2     sing N N 315 
PHE CA    C      sing N N 316 
PHE CA    CB     sing N N 317 
PHE CA    HA     sing N N 318 
PHE C     O      doub N N 319 
PHE C     OXT    sing N N 320 
PHE CB    CG     sing N N 321 
PHE CB    HB2    sing N N 322 
PHE CB    HB3    sing N N 323 
PHE CG    CD1    doub Y N 324 
PHE CG    CD2    sing Y N 325 
PHE CD1   CE1    sing Y N 326 
PHE CD1   HD1    sing N N 327 
PHE CD2   CE2    doub Y N 328 
PHE CD2   HD2    sing N N 329 
PHE CE1   CZ     doub Y N 330 
PHE CE1   HE1    sing N N 331 
PHE CE2   CZ     sing Y N 332 
PHE CE2   HE2    sing N N 333 
PHE CZ    HZ     sing N N 334 
PHE OXT   HXT    sing N N 335 
PRO N     CA     sing N N 336 
PRO N     CD     sing N N 337 
PRO N     H      sing N N 338 
PRO CA    C      sing N N 339 
PRO CA    CB     sing N N 340 
PRO CA    HA     sing N N 341 
PRO C     O      doub N N 342 
PRO C     OXT    sing N N 343 
PRO CB    CG     sing N N 344 
PRO CB    HB2    sing N N 345 
PRO CB    HB3    sing N N 346 
PRO CG    CD     sing N N 347 
PRO CG    HG2    sing N N 348 
PRO CG    HG3    sing N N 349 
PRO CD    HD2    sing N N 350 
PRO CD    HD3    sing N N 351 
PRO OXT   HXT    sing N N 352 
SER N     CA     sing N N 353 
SER N     H      sing N N 354 
SER N     H2     sing N N 355 
SER CA    C      sing N N 356 
SER CA    CB     sing N N 357 
SER CA    HA     sing N N 358 
SER C     O      doub N N 359 
SER C     OXT    sing N N 360 
SER CB    OG     sing N N 361 
SER CB    HB2    sing N N 362 
SER CB    HB3    sing N N 363 
SER OG    HG     sing N N 364 
SER OXT   HXT    sing N N 365 
THR N     CA     sing N N 366 
THR N     H      sing N N 367 
THR N     H2     sing N N 368 
THR CA    C      sing N N 369 
THR CA    CB     sing N N 370 
THR CA    HA     sing N N 371 
THR C     O      doub N N 372 
THR C     OXT    sing N N 373 
THR CB    OG1    sing N N 374 
THR CB    CG2    sing N N 375 
THR CB    HB     sing N N 376 
THR OG1   HG1    sing N N 377 
THR CG2   HG21   sing N N 378 
THR CG2   HG22   sing N N 379 
THR CG2   HG23   sing N N 380 
THR OXT   HXT    sing N N 381 
TRP N     CA     sing N N 382 
TRP N     H      sing N N 383 
TRP N     H2     sing N N 384 
TRP CA    C      sing N N 385 
TRP CA    CB     sing N N 386 
TRP CA    HA     sing N N 387 
TRP C     O      doub N N 388 
TRP C     OXT    sing N N 389 
TRP CB    CG     sing N N 390 
TRP CB    HB2    sing N N 391 
TRP CB    HB3    sing N N 392 
TRP CG    CD1    doub Y N 393 
TRP CG    CD2    sing Y N 394 
TRP CD1   NE1    sing Y N 395 
TRP CD1   HD1    sing N N 396 
TRP CD2   CE2    doub Y N 397 
TRP CD2   CE3    sing Y N 398 
TRP NE1   CE2    sing Y N 399 
TRP NE1   HE1    sing N N 400 
TRP CE2   CZ2    sing Y N 401 
TRP CE3   CZ3    doub Y N 402 
TRP CE3   HE3    sing N N 403 
TRP CZ2   CH2    doub Y N 404 
TRP CZ2   HZ2    sing N N 405 
TRP CZ3   CH2    sing Y N 406 
TRP CZ3   HZ3    sing N N 407 
TRP CH2   HH2    sing N N 408 
TRP OXT   HXT    sing N N 409 
TYR N     CA     sing N N 410 
TYR N     H      sing N N 411 
TYR N     H2     sing N N 412 
TYR CA    C      sing N N 413 
TYR CA    CB     sing N N 414 
TYR CA    HA     sing N N 415 
TYR C     O      doub N N 416 
TYR C     OXT    sing N N 417 
TYR CB    CG     sing N N 418 
TYR CB    HB2    sing N N 419 
TYR CB    HB3    sing N N 420 
TYR CG    CD1    doub Y N 421 
TYR CG    CD2    sing Y N 422 
TYR CD1   CE1    sing Y N 423 
TYR CD1   HD1    sing N N 424 
TYR CD2   CE2    doub Y N 425 
TYR CD2   HD2    sing N N 426 
TYR CE1   CZ     doub Y N 427 
TYR CE1   HE1    sing N N 428 
TYR CE2   CZ     sing Y N 429 
TYR CE2   HE2    sing N N 430 
TYR CZ    OH     sing N N 431 
TYR OH    HH     sing N N 432 
TYR OXT   HXT    sing N N 433 
U   OP3   P      sing N N 434 
U   OP3   HOP3   sing N N 435 
U   P     OP1    doub N N 436 
U   P     OP2    sing N N 437 
U   P     "O5'"  sing N N 438 
U   OP2   HOP2   sing N N 439 
U   "O5'" "C5'"  sing N N 440 
U   "C5'" "C4'"  sing N N 441 
U   "C5'" "H5'"  sing N N 442 
U   "C5'" "H5''" sing N N 443 
U   "C4'" "O4'"  sing N N 444 
U   "C4'" "C3'"  sing N N 445 
U   "C4'" "H4'"  sing N N 446 
U   "O4'" "C1'"  sing N N 447 
U   "C3'" "O3'"  sing N N 448 
U   "C3'" "C2'"  sing N N 449 
U   "C3'" "H3'"  sing N N 450 
U   "O3'" "HO3'" sing N N 451 
U   "C2'" "O2'"  sing N N 452 
U   "C2'" "C1'"  sing N N 453 
U   "C2'" "H2'"  sing N N 454 
U   "O2'" "HO2'" sing N N 455 
U   "C1'" N1     sing N N 456 
U   "C1'" "H1'"  sing N N 457 
U   N1    C2     sing N N 458 
U   N1    C6     sing N N 459 
U   C2    O2     doub N N 460 
U   C2    N3     sing N N 461 
U   N3    C4     sing N N 462 
U   N3    H3     sing N N 463 
U   C4    O4     doub N N 464 
U   C4    C5     sing N N 465 
U   C5    C6     doub N N 466 
U   C5    H5     sing N N 467 
U   C6    H6     sing N N 468 
VAL N     CA     sing N N 469 
VAL N     H      sing N N 470 
VAL N     H2     sing N N 471 
VAL CA    C      sing N N 472 
VAL CA    CB     sing N N 473 
VAL CA    HA     sing N N 474 
VAL C     O      doub N N 475 
VAL C     OXT    sing N N 476 
VAL CB    CG1    sing N N 477 
VAL CB    CG2    sing N N 478 
VAL CB    HB     sing N N 479 
VAL CG1   HG11   sing N N 480 
VAL CG1   HG12   sing N N 481 
VAL CG1   HG13   sing N N 482 
VAL CG2   HG21   sing N N 483 
VAL CG2   HG22   sing N N 484 
VAL CG2   HG23   sing N N 485 
VAL OXT   HXT    sing N N 486 
# 
_pdbx_entity_nonpoly.entity_id   3 
_pdbx_entity_nonpoly.name        water 
_pdbx_entity_nonpoly.comp_id     HOH 
# 
_pdbx_initial_refinement_model.id               1 
_pdbx_initial_refinement_model.entity_id_list   ? 
_pdbx_initial_refinement_model.type             'experimental model' 
_pdbx_initial_refinement_model.source_name      PDB 
_pdbx_initial_refinement_model.accession_code   5C0V 
_pdbx_initial_refinement_model.details          ? 
# 
_pdbx_struct_assembly_auth_evidence.id                     1 
_pdbx_struct_assembly_auth_evidence.assembly_id            1 
_pdbx_struct_assembly_auth_evidence.experimental_support   none 
_pdbx_struct_assembly_auth_evidence.details                ? 
# 
